data_7KFB
#
_entry.id   7KFB
#
loop_
_entity.id
_entity.type
_entity.pdbx_description
1 polymer 'Virion spike glycoprotein 1'
2 polymer 'Antibody Fab EBOV-442 heavy chain'
3 polymer 'Antibody Fab EBOV-442 light chain'
4 polymer 'Virion spike glycoprotein 2'
5 branched alpha-D-mannopyranose-(1-3)-[alpha-D-mannopyranose-(1-6)]beta-D-mannopyranose-(1-4)-2-acetamido-2-deoxy-beta-D-glucopyranose-(1-4)-2-acetamido-2-deoxy-beta-D-glucopyranose
6 branched 2-acetamido-2-deoxy-beta-D-glucopyranose-(1-4)-2-acetamido-2-deoxy-beta-D-glucopyranose
7 non-polymer 2-acetamido-2-deoxy-beta-D-glucopyranose
#
loop_
_entity_poly.entity_id
_entity_poly.type
_entity_poly.pdbx_seq_one_letter_code
_entity_poly.pdbx_strand_id
1 'polypeptide(L)'
;MDAMKRGLCCVLLLCGAVFVSPSQEIHARFRRGARSIPLGVIHNSTLQVSDVDKLVCRDKLSSTNQLRSVGLNLEGNGVA
TDVPSVTKRWGFRSGVPPKVVNYEAGEWAENCYNLEIKKPDGSECLPAAPDGIRGFPRCRYVHKVSGTGPCAGDFAFHKE
GAFFLYDRLASTVIYRGTTFAEGVVAFLILPQAKKDFFSSHPLREPVNATEDPSSGYYSTTIRYQATGFGTNETEYLFEV
DNLTYVQLESRFTPQFLLQLNETIYASGKRSNTTGKLIWKVNPEIDTTIGEWAFWETKKNLTRKIRSEELSFT
;
A,B,C
2 'polypeptide(L)'
;EVQLVESGGGLVKPGGSLRLSCTGSGGTGFTFKYAGMSWVRQAPGKGPEWIGRIKSRIDGGTTDYAAPVKDRFIVSRDDS
RNTLYLQMNSLKTEDTAVYYCATGSGKGPSASFGESYYYYDFINVWGKGTTVTVSSASTKGPSVFPLAPSSKSTSGGTAA
LGCLVKDYFPEPVTVSWNSGALTSGVHTFPAVLQSSGLYSLSSVVTVPSSSLGTQTYICNVNHKPSNTKVDKKVEPKSCD
;
G,H,I
3 'polypeptide(L)'
;ESVLTQSPGTLSLSPGERATLSCRASQSISRKYLAWYQQKPGQAPRLLIYGSSSRATGIPDRFSGSGSGTDFTLTISRLE
PEDFAVYYCHQYESSPWTFGQGTKVEIKRTVAAPSVFIFPPSDEQLKSGTASVVCLLNNFYPREAKVQWKVDNALQSGNS
QESVTEQDSKDSTYSLSSTLTLSKADYEKHKVYACEVTHQGLRSPVTKSFNRGEC
;
J,K,L
4 'polypeptide(L)'
;NNNTHHQDTGEESASSGKLGLITNTIAGVAGLITGGRRTRREVIVNAQPKCNPNLHYWTTQDEGAAIGLAWIPYFGPAAE
GIYTEGLMHNQDGLICGLRQLANETTQALQLFLRATTELRTFSILNRKAIDFLLQRWGGTCHILGPDCCIEPHDWTKNIT
DKIDQIIHDDDDKAGWSHPQFEKGGGSGGGSGGGSWSHPQFEK
;
D,E,F
#
# COMPACT_ATOMS: atom_id res chain seq x y z
N SER A 36 13.28 -35.89 -12.91
CA SER A 36 13.15 -36.58 -14.19
C SER A 36 13.39 -35.67 -15.43
N ILE A 37 14.05 -34.51 -15.24
CA ILE A 37 14.40 -33.53 -16.27
C ILE A 37 15.66 -34.01 -17.00
N PRO A 38 15.64 -34.26 -18.32
CA PRO A 38 16.78 -34.70 -19.09
C PRO A 38 17.90 -33.68 -19.20
N LEU A 39 19.13 -34.17 -19.28
CA LEU A 39 20.28 -33.34 -19.58
C LEU A 39 20.88 -33.69 -20.90
N GLY A 40 21.28 -32.69 -21.65
CA GLY A 40 22.01 -32.98 -22.86
C GLY A 40 23.45 -33.14 -22.50
N VAL A 41 24.19 -33.90 -23.26
CA VAL A 41 25.61 -34.04 -23.04
C VAL A 41 26.33 -33.72 -24.31
N ILE A 42 27.25 -32.78 -24.25
CA ILE A 42 27.95 -32.42 -25.45
C ILE A 42 29.27 -33.12 -25.55
N HIS A 43 29.40 -33.91 -26.60
CA HIS A 43 30.57 -34.70 -26.92
C HIS A 43 31.29 -34.13 -28.12
N ASN A 44 32.39 -34.79 -28.49
CA ASN A 44 33.15 -34.42 -29.68
C ASN A 44 32.61 -35.16 -30.90
N SER A 45 31.48 -35.82 -30.68
CA SER A 45 30.69 -36.57 -31.63
C SER A 45 29.42 -35.76 -31.89
N THR A 46 28.43 -35.87 -31.00
CA THR A 46 27.21 -35.08 -31.12
C THR A 46 26.58 -34.81 -29.74
N LEU A 47 25.32 -34.38 -29.74
CA LEU A 47 24.59 -34.10 -28.50
C LEU A 47 23.78 -35.33 -28.12
N GLN A 48 24.03 -35.87 -26.95
CA GLN A 48 23.31 -37.05 -26.49
C GLN A 48 22.45 -36.73 -25.31
N VAL A 49 21.47 -37.55 -25.01
CA VAL A 49 20.67 -37.29 -23.84
C VAL A 49 21.09 -38.26 -22.76
N SER A 50 21.46 -37.72 -21.62
CA SER A 50 21.93 -38.50 -20.50
C SER A 50 20.82 -39.39 -19.98
N ASP A 51 21.16 -40.61 -19.61
CA ASP A 51 20.20 -41.53 -19.06
C ASP A 51 20.15 -41.39 -17.55
N VAL A 52 19.30 -42.17 -16.91
CA VAL A 52 19.24 -42.20 -15.47
C VAL A 52 19.53 -43.61 -15.01
N ASP A 53 19.29 -44.57 -15.91
CA ASP A 53 19.52 -45.97 -15.58
C ASP A 53 20.92 -46.43 -15.97
N LYS A 54 21.45 -45.82 -17.03
CA LYS A 54 22.77 -46.17 -17.52
C LYS A 54 23.80 -45.16 -17.04
N LEU A 55 24.82 -45.64 -16.37
CA LEU A 55 25.87 -44.76 -15.92
C LEU A 55 26.99 -44.79 -16.93
N VAL A 56 27.39 -43.63 -17.39
CA VAL A 56 28.46 -43.59 -18.34
C VAL A 56 29.71 -43.16 -17.60
N CYS A 57 30.66 -44.08 -17.52
CA CYS A 57 31.85 -43.84 -16.74
C CYS A 57 32.75 -42.75 -17.30
N ARG A 58 32.68 -42.52 -18.62
CA ARG A 58 33.53 -41.51 -19.22
C ARG A 58 32.89 -40.12 -19.24
N ASP A 59 31.66 -39.98 -18.75
CA ASP A 59 31.01 -38.67 -18.77
C ASP A 59 31.40 -37.89 -17.55
N LYS A 60 32.65 -37.47 -17.55
CA LYS A 60 33.26 -36.77 -16.43
C LYS A 60 32.70 -35.39 -16.26
N LEU A 61 32.46 -35.04 -15.00
CA LEU A 61 32.01 -33.72 -14.65
C LEU A 61 33.05 -33.20 -13.69
N SER A 62 33.79 -32.16 -14.06
CA SER A 62 34.87 -31.71 -13.20
C SER A 62 34.50 -30.61 -12.24
N SER A 63 33.43 -29.88 -12.54
CA SER A 63 32.99 -28.80 -11.69
C SER A 63 31.56 -28.47 -12.03
N THR A 64 30.94 -27.64 -11.21
CA THR A 64 29.59 -27.22 -11.48
C THR A 64 29.53 -26.18 -12.59
N ASN A 65 30.68 -25.68 -13.04
CA ASN A 65 30.69 -24.67 -14.07
C ASN A 65 30.49 -25.27 -15.44
N GLN A 66 30.45 -26.60 -15.50
CA GLN A 66 30.22 -27.29 -16.74
C GLN A 66 28.73 -27.53 -16.94
N LEU A 67 27.91 -27.17 -15.95
CA LEU A 67 26.47 -27.34 -16.08
C LEU A 67 25.89 -26.05 -16.54
N ARG A 68 25.01 -26.09 -17.54
CA ARG A 68 24.44 -24.85 -18.05
C ARG A 68 22.95 -24.87 -18.36
N SER A 69 22.25 -23.81 -17.92
CA SER A 69 20.83 -23.60 -18.23
C SER A 69 20.66 -22.63 -19.40
N VAL A 70 20.07 -23.10 -20.49
CA VAL A 70 19.95 -22.27 -21.69
C VAL A 70 18.52 -22.00 -22.16
N GLY A 71 18.19 -20.71 -22.29
CA GLY A 71 16.87 -20.30 -22.77
C GLY A 71 16.86 -20.06 -24.28
N LEU A 72 16.05 -20.84 -25.00
CA LEU A 72 15.93 -20.73 -26.45
C LEU A 72 14.59 -20.17 -26.83
N ASN A 73 14.52 -19.45 -27.94
CA ASN A 73 13.26 -18.84 -28.36
C ASN A 73 12.43 -19.75 -29.25
N LEU A 74 11.12 -19.58 -29.22
CA LEU A 74 10.24 -20.39 -30.07
C LEU A 74 10.31 -20.00 -31.51
N GLU A 75 10.70 -18.77 -31.79
CA GLU A 75 10.76 -18.29 -33.16
C GLU A 75 11.77 -19.09 -33.97
N GLY A 76 12.70 -19.78 -33.31
CA GLY A 76 13.71 -20.55 -34.02
C GLY A 76 13.12 -21.83 -34.59
N ASN A 77 11.88 -22.15 -34.22
CA ASN A 77 11.20 -23.34 -34.71
C ASN A 77 10.17 -22.96 -35.76
N GLY A 78 10.15 -21.70 -36.19
CA GLY A 78 9.19 -21.30 -37.19
C GLY A 78 7.78 -20.95 -36.70
N VAL A 79 7.60 -20.63 -35.44
CA VAL A 79 6.26 -20.31 -35.00
C VAL A 79 5.96 -18.91 -35.51
N ALA A 80 4.71 -18.64 -35.89
CA ALA A 80 4.38 -17.31 -36.35
C ALA A 80 4.61 -16.32 -35.21
N THR A 81 5.13 -15.14 -35.56
CA THR A 81 5.39 -14.07 -34.60
C THR A 81 4.56 -12.79 -34.74
N ASP A 82 3.65 -12.71 -35.70
CA ASP A 82 2.88 -11.48 -35.83
C ASP A 82 1.94 -11.35 -34.64
N VAL A 83 1.59 -10.15 -34.25
CA VAL A 83 0.73 -10.04 -33.08
C VAL A 83 -0.60 -10.80 -33.18
N PRO A 84 -1.40 -10.70 -34.24
CA PRO A 84 -2.64 -11.42 -34.39
C PRO A 84 -2.54 -12.92 -34.14
N SER A 85 -1.44 -13.57 -34.55
CA SER A 85 -1.32 -15.00 -34.32
C SER A 85 -0.72 -15.33 -32.97
N VAL A 86 0.16 -14.48 -32.49
CA VAL A 86 0.84 -14.74 -31.23
C VAL A 86 -0.08 -14.79 -30.07
N THR A 87 -1.01 -13.86 -30.02
CA THR A 87 -1.88 -13.79 -28.87
C THR A 87 -2.86 -14.93 -28.83
N LYS A 88 -2.95 -15.75 -29.87
CA LYS A 88 -3.90 -16.84 -29.83
C LYS A 88 -3.30 -18.03 -29.12
N ARG A 89 -2.02 -17.93 -28.77
CA ARG A 89 -1.34 -19.00 -28.05
C ARG A 89 -1.37 -18.75 -26.55
N TRP A 90 -1.96 -17.64 -26.12
CA TRP A 90 -1.97 -17.26 -24.71
C TRP A 90 -3.40 -17.26 -24.20
N GLY A 91 -3.60 -17.48 -22.92
CA GLY A 91 -4.97 -17.38 -22.41
C GLY A 91 -5.00 -17.23 -20.91
N PHE A 92 -6.18 -17.06 -20.35
CA PHE A 92 -6.25 -16.85 -18.92
C PHE A 92 -6.85 -17.98 -18.15
N ARG A 93 -6.32 -18.15 -16.94
CA ARG A 93 -6.80 -19.15 -16.00
C ARG A 93 -6.62 -18.75 -14.54
N SER A 94 -7.42 -19.35 -13.68
CA SER A 94 -7.35 -19.16 -12.24
C SER A 94 -7.18 -20.50 -11.52
N GLY A 95 -6.69 -20.45 -10.28
CA GLY A 95 -6.52 -21.67 -9.46
C GLY A 95 -5.13 -22.29 -9.55
N VAL A 96 -4.32 -21.74 -10.44
CA VAL A 96 -2.95 -22.18 -10.67
C VAL A 96 -2.00 -21.03 -10.38
N PRO A 97 -1.05 -21.16 -9.45
CA PRO A 97 -0.08 -20.14 -9.13
C PRO A 97 1.00 -20.08 -10.20
N PRO A 98 1.67 -18.94 -10.40
CA PRO A 98 2.81 -18.73 -11.25
C PRO A 98 4.07 -19.26 -10.62
N LYS A 99 5.04 -19.70 -11.43
CA LYS A 99 6.36 -20.09 -10.92
C LYS A 99 7.50 -19.74 -11.91
N VAL A 100 8.74 -19.52 -11.41
CA VAL A 100 9.86 -19.28 -12.35
C VAL A 100 11.11 -20.14 -12.13
N VAL A 101 11.96 -20.22 -13.18
CA VAL A 101 13.29 -20.88 -13.13
C VAL A 101 14.36 -20.00 -13.75
N ASN A 102 15.63 -20.17 -13.37
CA ASN A 102 16.64 -19.33 -14.03
C ASN A 102 17.36 -19.86 -15.28
N TYR A 103 18.01 -18.92 -15.97
CA TYR A 103 18.86 -19.17 -17.15
C TYR A 103 20.23 -18.69 -16.82
N GLU A 104 21.21 -19.26 -17.45
CA GLU A 104 22.52 -18.72 -17.38
C GLU A 104 22.87 -18.05 -18.68
N ALA A 105 22.25 -18.50 -19.77
CA ALA A 105 22.51 -17.97 -21.11
C ALA A 105 21.29 -18.12 -21.97
N GLY A 106 21.23 -17.37 -23.06
CA GLY A 106 20.12 -17.54 -23.99
C GLY A 106 20.25 -16.80 -25.31
N GLU A 107 19.24 -16.96 -26.14
CA GLU A 107 19.22 -16.34 -27.48
C GLU A 107 18.79 -14.90 -27.57
N TRP A 108 19.24 -14.23 -28.63
CA TRP A 108 18.74 -12.91 -28.97
C TRP A 108 17.41 -13.14 -29.62
N ALA A 109 16.43 -12.29 -29.34
CA ALA A 109 15.14 -12.50 -29.97
C ALA A 109 14.91 -11.54 -31.08
N GLU A 110 14.30 -11.98 -32.15
CA GLU A 110 13.93 -11.01 -33.15
C GLU A 110 12.66 -10.36 -32.66
N ASN A 111 11.74 -11.15 -32.11
CA ASN A 111 10.45 -10.58 -31.69
C ASN A 111 10.07 -10.80 -30.23
N CYS A 112 10.09 -9.70 -29.46
CA CYS A 112 9.67 -9.69 -28.06
C CYS A 112 8.35 -8.99 -27.93
N TYR A 113 7.64 -9.25 -26.84
CA TYR A 113 6.33 -8.67 -26.64
C TYR A 113 6.26 -7.97 -25.30
N ASN A 114 5.41 -6.96 -25.20
CA ASN A 114 5.21 -6.24 -23.94
C ASN A 114 3.74 -5.89 -23.77
N LEU A 115 3.04 -6.48 -22.81
CA LEU A 115 1.60 -6.20 -22.73
C LEU A 115 1.16 -5.30 -21.59
N GLU A 116 0.19 -4.44 -21.89
CA GLU A 116 -0.49 -3.59 -20.92
C GLU A 116 -2.00 -3.65 -21.18
N ILE A 117 -2.63 -4.68 -20.63
CA ILE A 117 -4.03 -4.94 -20.92
C ILE A 117 -4.90 -4.71 -19.70
N LYS A 118 -5.98 -3.97 -19.93
CA LYS A 118 -6.97 -3.63 -18.92
C LYS A 118 -8.32 -4.26 -19.20
N LYS A 119 -9.10 -4.40 -18.16
CA LYS A 119 -10.45 -4.89 -18.28
C LYS A 119 -11.29 -3.73 -18.79
N PRO A 120 -12.48 -3.96 -19.34
CA PRO A 120 -13.38 -2.91 -19.80
C PRO A 120 -13.73 -1.90 -18.72
N ASP A 121 -13.62 -2.26 -17.44
CA ASP A 121 -13.96 -1.34 -16.37
C ASP A 121 -12.77 -0.49 -15.92
N GLY A 122 -11.64 -0.61 -16.61
CA GLY A 122 -10.45 0.17 -16.32
C GLY A 122 -9.43 -0.47 -15.39
N SER A 123 -9.76 -1.60 -14.77
CA SER A 123 -8.85 -2.29 -13.86
C SER A 123 -7.79 -3.07 -14.64
N GLU A 124 -6.73 -3.50 -13.97
CA GLU A 124 -5.65 -4.22 -14.66
C GLU A 124 -5.94 -5.73 -14.83
N CYS A 125 -5.46 -6.35 -15.95
CA CYS A 125 -5.54 -7.80 -16.20
C CYS A 125 -4.28 -8.53 -15.74
N LEU A 126 -3.14 -7.90 -15.89
CA LEU A 126 -1.89 -8.56 -15.58
C LEU A 126 -1.33 -8.00 -14.29
N PRO A 127 -0.67 -8.81 -13.46
CA PRO A 127 -0.03 -8.43 -12.21
C PRO A 127 1.23 -7.63 -12.43
N ALA A 128 1.60 -6.79 -11.48
CA ALA A 128 2.86 -6.10 -11.64
C ALA A 128 3.99 -7.08 -11.50
N ALA A 129 5.07 -6.88 -12.24
CA ALA A 129 6.20 -7.77 -12.07
C ALA A 129 6.78 -7.58 -10.67
N PRO A 130 7.18 -8.65 -9.97
CA PRO A 130 7.83 -8.64 -8.69
C PRO A 130 9.27 -8.24 -8.80
N ASP A 131 9.88 -7.89 -7.67
CA ASP A 131 11.28 -7.52 -7.67
C ASP A 131 12.14 -8.61 -8.23
N GLY A 132 13.08 -8.20 -9.06
CA GLY A 132 14.01 -9.12 -9.69
C GLY A 132 13.60 -9.49 -11.11
N ILE A 133 12.37 -9.19 -11.51
CA ILE A 133 11.99 -9.49 -12.86
C ILE A 133 12.23 -8.28 -13.70
N ARG A 134 13.00 -8.46 -14.74
CA ARG A 134 13.38 -7.43 -15.67
C ARG A 134 13.12 -7.91 -17.06
N GLY A 135 13.03 -7.02 -18.02
CA GLY A 135 12.74 -7.44 -19.38
C GLY A 135 13.88 -8.19 -20.04
N PHE A 136 13.55 -8.90 -21.09
CA PHE A 136 14.49 -9.70 -21.85
C PHE A 136 15.52 -8.73 -22.45
N PRO A 137 16.84 -8.91 -22.23
CA PRO A 137 17.91 -8.00 -22.58
C PRO A 137 18.27 -7.78 -24.02
N ARG A 138 17.86 -8.71 -24.90
CA ARG A 138 18.33 -8.73 -26.31
C ARG A 138 17.16 -8.95 -27.26
N CYS A 139 16.33 -7.92 -27.49
CA CYS A 139 15.20 -8.04 -28.47
C CYS A 139 15.48 -7.14 -29.67
N ARG A 140 15.10 -7.59 -30.87
CA ARG A 140 15.27 -6.75 -32.10
C ARG A 140 14.04 -5.85 -32.24
N TYR A 141 12.85 -6.43 -32.34
CA TYR A 141 11.60 -5.63 -32.39
C TYR A 141 10.77 -5.97 -31.15
N VAL A 142 10.25 -4.93 -30.48
CA VAL A 142 9.36 -5.14 -29.36
C VAL A 142 7.98 -4.78 -29.79
N HIS A 143 7.05 -5.67 -29.59
CA HIS A 143 5.68 -5.42 -29.96
C HIS A 143 4.91 -5.11 -28.72
N LYS A 144 4.66 -3.83 -28.52
CA LYS A 144 3.98 -3.38 -27.33
C LYS A 144 2.51 -3.27 -27.60
N VAL A 145 1.72 -4.00 -26.86
CA VAL A 145 0.30 -4.01 -27.10
C VAL A 145 -0.44 -3.46 -25.92
N SER A 146 -1.19 -2.42 -26.16
CA SER A 146 -1.97 -1.75 -25.15
C SER A 146 -3.41 -1.84 -25.52
N GLY A 147 -4.26 -2.10 -24.56
CA GLY A 147 -5.66 -2.20 -24.93
C GLY A 147 -6.47 -2.83 -23.87
N THR A 148 -7.67 -3.23 -24.25
CA THR A 148 -8.58 -3.83 -23.30
C THR A 148 -9.18 -5.09 -23.84
N GLY A 149 -9.75 -5.87 -22.93
CA GLY A 149 -10.48 -7.08 -23.29
C GLY A 149 -10.88 -7.82 -22.06
N PRO A 150 -11.68 -8.87 -22.18
CA PRO A 150 -12.09 -9.69 -21.08
C PRO A 150 -10.85 -10.41 -20.65
N CYS A 151 -10.68 -10.63 -19.34
CA CYS A 151 -9.54 -11.33 -18.75
C CYS A 151 -10.12 -12.29 -17.72
N ALA A 152 -10.45 -13.48 -18.20
CA ALA A 152 -11.17 -14.50 -17.46
C ALA A 152 -10.52 -15.03 -16.19
N GLY A 153 -9.21 -15.09 -16.15
CA GLY A 153 -8.52 -15.69 -15.00
C GLY A 153 -7.75 -14.72 -14.16
N ASP A 154 -6.76 -15.25 -13.44
CA ASP A 154 -5.95 -14.44 -12.57
C ASP A 154 -4.68 -14.09 -13.30
N PHE A 155 -4.21 -15.05 -14.09
CA PHE A 155 -2.95 -14.91 -14.80
C PHE A 155 -3.09 -15.38 -16.21
N ALA A 156 -2.26 -14.83 -17.08
CA ALA A 156 -2.17 -15.30 -18.44
C ALA A 156 -1.07 -16.33 -18.53
N PHE A 157 -1.43 -17.50 -19.05
CA PHE A 157 -0.55 -18.65 -19.20
C PHE A 157 -0.34 -19.03 -20.65
N HIS A 158 0.79 -19.66 -20.95
CA HIS A 158 1.02 -20.11 -22.30
C HIS A 158 0.27 -21.42 -22.56
N LYS A 159 -0.47 -21.50 -23.67
CA LYS A 159 -1.27 -22.69 -23.95
C LYS A 159 -0.51 -23.91 -24.40
N GLU A 160 0.73 -23.77 -24.85
CA GLU A 160 1.45 -24.94 -25.31
C GLU A 160 2.40 -25.39 -24.22
N GLY A 161 2.37 -24.67 -23.11
CA GLY A 161 3.27 -24.96 -22.03
C GLY A 161 4.63 -24.31 -22.19
N ALA A 162 4.79 -23.37 -23.11
CA ALA A 162 6.08 -22.74 -23.27
C ALA A 162 6.21 -21.72 -22.15
N PHE A 163 7.39 -21.20 -21.95
CA PHE A 163 7.62 -20.23 -20.91
C PHE A 163 7.77 -18.83 -21.45
N PHE A 164 7.44 -17.86 -20.64
CA PHE A 164 7.69 -16.49 -21.02
C PHE A 164 9.06 -16.20 -20.52
N LEU A 165 9.93 -15.70 -21.36
CA LEU A 165 11.29 -15.49 -20.95
C LEU A 165 11.56 -14.06 -20.58
N TYR A 166 11.95 -13.85 -19.33
CA TYR A 166 12.30 -12.55 -18.79
C TYR A 166 13.80 -12.57 -18.66
N ASP A 167 14.42 -11.47 -18.24
CA ASP A 167 15.87 -11.38 -18.28
C ASP A 167 16.62 -12.69 -18.15
N ARG A 168 16.66 -13.30 -16.98
CA ARG A 168 17.35 -14.56 -16.82
C ARG A 168 16.48 -15.50 -16.04
N LEU A 169 15.18 -15.34 -16.25
CA LEU A 169 14.15 -16.12 -15.59
C LEU A 169 13.00 -16.50 -16.51
N ALA A 170 12.69 -17.78 -16.59
CA ALA A 170 11.55 -18.20 -17.37
C ALA A 170 10.39 -18.25 -16.45
N SER A 171 9.23 -17.90 -16.93
CA SER A 171 8.04 -17.89 -16.10
C SER A 171 6.86 -18.50 -16.75
N THR A 172 6.01 -19.06 -15.95
CA THR A 172 4.79 -19.61 -16.49
C THR A 172 3.76 -18.55 -16.83
N VAL A 173 3.94 -17.31 -16.36
CA VAL A 173 2.97 -16.23 -16.61
C VAL A 173 3.53 -14.92 -17.19
N ILE A 174 2.60 -14.13 -17.71
CA ILE A 174 2.92 -12.81 -18.23
C ILE A 174 2.79 -11.72 -17.16
N TYR A 175 3.82 -10.90 -17.00
CA TYR A 175 3.78 -9.80 -16.04
C TYR A 175 3.50 -8.50 -16.77
N ARG A 176 2.80 -7.59 -16.11
CA ARG A 176 2.39 -6.36 -16.76
C ARG A 176 3.52 -5.42 -17.03
N GLY A 177 3.59 -4.93 -18.25
CA GLY A 177 4.55 -3.92 -18.66
C GLY A 177 5.96 -4.44 -18.89
N THR A 178 6.18 -5.75 -18.81
CA THR A 178 7.52 -6.27 -18.95
C THR A 178 7.74 -6.97 -20.28
N THR A 179 8.85 -6.64 -20.94
CA THR A 179 9.20 -7.22 -22.23
C THR A 179 9.65 -8.66 -22.10
N PHE A 180 9.12 -9.56 -22.91
CA PHE A 180 9.47 -10.96 -22.87
C PHE A 180 9.51 -11.66 -24.20
N ALA A 181 10.21 -12.77 -24.26
CA ALA A 181 10.26 -13.61 -25.46
C ALA A 181 9.55 -14.92 -25.17
N GLU A 182 9.03 -15.62 -26.17
CA GLU A 182 8.48 -16.93 -25.83
C GLU A 182 9.55 -17.98 -26.01
N GLY A 183 9.61 -19.00 -25.15
CA GLY A 183 10.63 -20.03 -25.33
C GLY A 183 10.61 -21.22 -24.40
N VAL A 184 11.68 -22.00 -24.50
CA VAL A 184 11.89 -23.24 -23.78
C VAL A 184 13.27 -23.30 -23.13
N VAL A 185 13.43 -24.14 -22.12
CA VAL A 185 14.72 -24.22 -21.44
C VAL A 185 15.39 -25.58 -21.49
N ALA A 186 16.65 -25.60 -21.91
CA ALA A 186 17.45 -26.82 -21.96
C ALA A 186 18.43 -26.85 -20.82
N PHE A 187 18.77 -28.03 -20.36
CA PHE A 187 19.81 -28.16 -19.37
C PHE A 187 20.85 -29.09 -19.96
N LEU A 188 22.12 -28.81 -19.74
CA LEU A 188 23.17 -29.67 -20.28
C LEU A 188 24.55 -29.61 -19.65
N ILE A 189 25.40 -30.57 -20.04
CA ILE A 189 26.81 -30.65 -19.68
C ILE A 189 27.66 -30.20 -20.88
N LEU A 190 28.32 -29.05 -20.72
CA LEU A 190 29.02 -28.36 -21.80
C LEU A 190 30.23 -28.92 -22.58
N PRO A 191 31.28 -29.59 -21.97
CA PRO A 191 32.49 -30.09 -22.65
C PRO A 191 32.20 -30.92 -23.91
N SER A 219 16.12 -1.55 -29.16
CA SER A 219 15.14 -2.17 -30.04
C SER A 219 14.31 -1.05 -30.68
N THR A 220 13.50 -1.39 -31.71
CA THR A 220 12.70 -0.43 -32.51
C THR A 220 11.31 -0.05 -31.98
N THR A 221 10.81 -0.75 -30.99
CA THR A 221 9.47 -0.58 -30.39
C THR A 221 8.33 -0.20 -31.36
N ILE A 222 7.50 -1.18 -31.66
CA ILE A 222 6.32 -1.05 -32.49
C ILE A 222 5.11 -1.07 -31.59
N ARG A 223 4.24 -0.07 -31.68
CA ARG A 223 3.08 0.00 -30.80
C ARG A 223 1.78 -0.38 -31.47
N TYR A 224 0.97 -1.12 -30.74
CA TYR A 224 -0.33 -1.54 -31.20
C TYR A 224 -1.42 -1.26 -30.19
N GLN A 225 -2.61 -1.00 -30.69
CA GLN A 225 -3.78 -0.91 -29.85
C GLN A 225 -4.54 -2.20 -30.00
N ALA A 226 -5.22 -2.62 -28.95
CA ALA A 226 -6.00 -3.83 -29.04
C ALA A 226 -7.36 -3.70 -28.39
N THR A 227 -8.31 -4.39 -29.01
CA THR A 227 -9.65 -4.49 -28.47
C THR A 227 -10.10 -5.94 -28.43
N GLY A 228 -10.61 -6.35 -27.27
CA GLY A 228 -11.07 -7.71 -27.06
C GLY A 228 -9.87 -8.61 -26.84
N PHE A 229 -8.80 -8.06 -26.32
CA PHE A 229 -7.55 -8.80 -26.20
C PHE A 229 -7.62 -10.26 -25.73
N GLY A 230 -8.40 -10.59 -24.72
CA GLY A 230 -8.37 -11.95 -24.20
C GLY A 230 -9.29 -12.99 -24.90
N THR A 231 -10.04 -12.58 -25.92
CA THR A 231 -10.98 -13.49 -26.58
C THR A 231 -10.42 -14.00 -27.93
N ASN A 232 -11.22 -14.83 -28.65
CA ASN A 232 -10.88 -15.46 -29.94
C ASN A 232 -10.95 -14.47 -31.12
N GLU A 233 -12.02 -13.64 -31.18
CA GLU A 233 -12.26 -12.62 -32.20
C GLU A 233 -11.83 -11.28 -31.64
N THR A 234 -10.67 -10.81 -32.07
CA THR A 234 -10.09 -9.58 -31.55
C THR A 234 -9.65 -8.72 -32.70
N GLU A 235 -9.38 -7.44 -32.43
CA GLU A 235 -8.86 -6.60 -33.51
C GLU A 235 -7.68 -5.75 -33.04
N TYR A 236 -6.78 -5.47 -33.99
CA TYR A 236 -5.60 -4.68 -33.70
C TYR A 236 -5.37 -3.57 -34.70
N LEU A 237 -4.77 -2.49 -34.18
CA LEU A 237 -4.32 -1.34 -34.96
C LEU A 237 -2.87 -1.01 -34.73
N PHE A 238 -2.17 -0.64 -35.79
CA PHE A 238 -0.81 -0.18 -35.68
C PHE A 238 -0.79 1.31 -35.48
N GLU A 239 -0.13 1.74 -34.42
CA GLU A 239 -0.10 3.14 -34.08
C GLU A 239 1.06 3.91 -34.70
N VAL A 240 0.71 4.93 -35.46
CA VAL A 240 1.68 5.78 -36.14
C VAL A 240 1.85 7.03 -35.32
N ASP A 241 0.73 7.53 -34.82
CA ASP A 241 0.67 8.74 -34.01
C ASP A 241 -0.51 8.60 -33.06
N ASN A 242 -0.77 9.58 -32.16
CA ASN A 242 -1.88 9.51 -31.18
C ASN A 242 -3.26 9.37 -31.84
N LEU A 243 -3.42 10.03 -33.00
CA LEU A 243 -4.61 10.05 -33.82
C LEU A 243 -4.42 9.36 -35.16
N THR A 244 -3.34 8.61 -35.35
CA THR A 244 -3.16 7.99 -36.67
C THR A 244 -2.90 6.50 -36.54
N TYR A 245 -3.75 5.69 -37.17
CA TYR A 245 -3.64 4.24 -37.07
C TYR A 245 -3.77 3.53 -38.39
N VAL A 246 -3.19 2.35 -38.48
CA VAL A 246 -3.34 1.50 -39.66
C VAL A 246 -3.93 0.15 -39.26
N GLN A 247 -4.93 -0.32 -39.99
CA GLN A 247 -5.51 -1.62 -39.64
C GLN A 247 -4.43 -2.67 -39.72
N LEU A 248 -4.36 -3.56 -38.74
CA LEU A 248 -3.31 -4.57 -38.73
C LEU A 248 -3.77 -5.86 -39.37
N GLU A 249 -2.86 -6.52 -40.08
CA GLU A 249 -3.12 -7.81 -40.68
C GLU A 249 -1.99 -8.76 -40.37
N SER A 250 -2.29 -10.06 -40.40
CA SER A 250 -1.33 -11.13 -40.14
C SER A 250 -0.27 -11.27 -41.22
N ARG A 251 -0.48 -10.62 -42.36
CA ARG A 251 0.46 -10.69 -43.46
C ARG A 251 1.52 -9.61 -43.38
N PHE A 252 1.47 -8.79 -42.34
CA PHE A 252 2.45 -7.73 -42.21
C PHE A 252 3.61 -8.19 -41.36
N THR A 253 4.82 -7.86 -41.79
CA THR A 253 6.02 -8.16 -41.04
C THR A 253 6.43 -6.89 -40.32
N PRO A 254 7.26 -6.94 -39.27
CA PRO A 254 7.78 -5.77 -38.58
C PRO A 254 8.44 -4.78 -39.53
N GLN A 255 9.12 -5.29 -40.55
CA GLN A 255 9.79 -4.39 -41.46
C GLN A 255 8.78 -3.63 -42.29
N PHE A 256 7.69 -4.30 -42.65
CA PHE A 256 6.64 -3.70 -43.43
C PHE A 256 6.06 -2.54 -42.65
N LEU A 257 5.77 -2.77 -41.38
CA LEU A 257 5.17 -1.73 -40.57
C LEU A 257 6.10 -0.55 -40.43
N LEU A 258 7.40 -0.80 -40.31
CA LEU A 258 8.31 0.32 -40.22
C LEU A 258 8.33 1.11 -41.51
N GLN A 259 8.24 0.41 -42.65
CA GLN A 259 8.24 1.13 -43.92
C GLN A 259 6.98 1.95 -44.04
N LEU A 260 5.84 1.42 -43.58
CA LEU A 260 4.64 2.23 -43.67
C LEU A 260 4.72 3.44 -42.77
N ASN A 261 5.31 3.30 -41.55
CA ASN A 261 5.44 4.40 -40.60
C ASN A 261 6.27 5.53 -41.21
N GLU A 262 7.36 5.21 -41.97
CA GLU A 262 8.18 6.21 -42.62
C GLU A 262 7.48 6.89 -43.78
N THR A 263 6.74 6.17 -44.62
CA THR A 263 6.16 6.92 -45.71
C THR A 263 4.99 7.76 -45.25
N ILE A 264 4.20 7.25 -44.32
CA ILE A 264 3.06 8.00 -43.84
C ILE A 264 3.48 9.19 -43.04
N TYR A 265 4.40 9.00 -42.11
CA TYR A 265 4.80 10.08 -41.26
C TYR A 265 5.53 11.14 -42.07
N ALA A 266 6.50 10.71 -42.91
CA ALA A 266 7.31 11.64 -43.70
C ALA A 266 6.52 12.43 -44.70
N SER A 267 5.47 11.85 -45.27
CA SER A 267 4.68 12.53 -46.27
C SER A 267 3.58 13.38 -45.66
N GLY A 268 3.42 13.33 -44.34
CA GLY A 268 2.39 14.08 -43.66
C GLY A 268 0.98 13.51 -43.81
N LYS A 269 0.83 12.22 -44.09
CA LYS A 269 -0.53 11.68 -44.27
C LYS A 269 -1.06 11.20 -42.92
N ARG A 270 -1.16 12.16 -42.02
CA ARG A 270 -1.54 11.96 -40.63
C ARG A 270 -2.66 12.86 -40.25
N SER A 271 -3.36 12.52 -39.19
CA SER A 271 -4.42 13.41 -38.77
C SER A 271 -3.90 14.80 -38.36
N ASN A 272 -4.61 15.86 -38.85
CA ASN A 272 -4.43 17.30 -38.61
C ASN A 272 -5.52 17.86 -37.65
N THR A 273 -6.76 17.33 -37.79
CA THR A 273 -7.98 17.62 -37.04
C THR A 273 -7.90 16.82 -35.75
N THR A 274 -8.92 16.88 -34.92
CA THR A 274 -8.86 16.16 -33.67
C THR A 274 -9.37 14.73 -33.81
N GLY A 275 -9.80 14.34 -35.00
CA GLY A 275 -10.33 13.01 -35.20
C GLY A 275 -9.23 11.98 -35.45
N LYS A 276 -9.59 10.70 -35.38
CA LYS A 276 -8.63 9.65 -35.66
C LYS A 276 -8.66 9.30 -37.11
N LEU A 277 -7.50 9.21 -37.73
CA LEU A 277 -7.42 8.86 -39.12
C LEU A 277 -7.04 7.39 -39.21
N ILE A 278 -7.93 6.58 -39.76
CA ILE A 278 -7.64 5.16 -39.82
C ILE A 278 -7.43 4.70 -41.24
N TRP A 279 -6.24 4.19 -41.48
CA TRP A 279 -5.78 3.70 -42.76
C TRP A 279 -6.05 2.24 -43.01
N LYS A 280 -6.33 1.92 -44.26
CA LYS A 280 -6.48 0.53 -44.63
C LYS A 280 -5.62 0.25 -45.83
N VAL A 281 -4.73 -0.71 -45.65
CA VAL A 281 -3.76 -1.08 -46.66
C VAL A 281 -4.45 -1.58 -47.89
N ASN A 282 -3.95 -1.24 -49.05
CA ASN A 282 -4.52 -1.78 -50.25
C ASN A 282 -4.38 -3.31 -50.15
N PRO A 283 -5.43 -4.11 -50.39
CA PRO A 283 -5.41 -5.57 -50.34
C PRO A 283 -4.28 -6.24 -51.14
N GLU A 284 -3.76 -5.60 -52.22
CA GLU A 284 -2.68 -6.13 -53.07
C GLU A 284 -1.36 -5.60 -52.51
N GLU B 1 -19.47 10.29 -48.03
CA GLU B 1 -19.90 8.99 -48.55
C GLU B 1 -20.79 8.17 -47.54
N VAL B 2 -20.71 8.52 -46.24
CA VAL B 2 -21.39 7.87 -45.11
C VAL B 2 -22.84 8.33 -44.98
N GLN B 3 -23.74 7.37 -44.79
CA GLN B 3 -25.16 7.63 -44.61
C GLN B 3 -25.78 6.74 -43.55
N LEU B 4 -26.64 7.32 -42.74
CA LEU B 4 -27.34 6.52 -41.75
C LEU B 4 -28.83 6.86 -41.73
N VAL B 5 -29.71 5.85 -41.73
CA VAL B 5 -31.15 6.12 -41.73
C VAL B 5 -31.96 5.51 -40.57
N GLU B 6 -32.63 6.42 -39.86
CA GLU B 6 -33.51 6.18 -38.72
C GLU B 6 -34.81 5.48 -39.05
N SER B 7 -35.25 4.65 -38.11
CA SER B 7 -36.52 3.93 -38.13
C SER B 7 -36.97 3.59 -36.71
N GLY B 8 -38.09 2.87 -36.62
CA GLY B 8 -38.61 2.44 -35.31
C GLY B 8 -39.40 3.51 -34.53
N GLY B 9 -39.88 4.55 -35.20
CA GLY B 9 -40.60 5.63 -34.53
C GLY B 9 -42.11 5.43 -34.61
N GLY B 10 -42.85 6.53 -34.62
CA GLY B 10 -44.32 6.48 -34.63
C GLY B 10 -44.91 6.72 -33.25
N LEU B 11 -46.19 6.36 -33.08
CA LEU B 11 -46.92 6.66 -31.85
C LEU B 11 -46.85 5.60 -30.78
N VAL B 12 -46.45 6.07 -29.59
CA VAL B 12 -46.31 5.29 -28.38
C VAL B 12 -47.05 6.03 -27.25
N LYS B 13 -47.63 5.30 -26.32
CA LYS B 13 -48.31 5.96 -25.22
C LYS B 13 -47.32 6.32 -24.09
N PRO B 14 -47.53 7.42 -23.34
CA PRO B 14 -46.73 7.83 -22.22
C PRO B 14 -46.86 6.76 -21.18
N GLY B 15 -45.79 6.52 -20.46
CA GLY B 15 -45.71 5.51 -19.45
C GLY B 15 -45.12 4.24 -20.06
N GLY B 16 -45.04 4.19 -21.39
CA GLY B 16 -44.51 3.04 -22.09
C GLY B 16 -43.05 3.24 -22.49
N SER B 17 -42.66 2.51 -23.53
CA SER B 17 -41.29 2.55 -24.03
C SER B 17 -41.24 2.13 -25.49
N LEU B 18 -40.14 2.47 -26.13
CA LEU B 18 -39.88 2.02 -27.50
C LEU B 18 -38.40 2.00 -27.80
N ARG B 19 -38.01 1.27 -28.84
CA ARG B 19 -36.62 1.32 -29.25
C ARG B 19 -36.48 1.75 -30.69
N LEU B 20 -35.70 2.80 -30.90
CA LEU B 20 -35.48 3.33 -32.23
C LEU B 20 -34.25 2.68 -32.76
N SER B 21 -34.11 2.67 -34.07
CA SER B 21 -32.92 2.14 -34.69
C SER B 21 -32.45 3.09 -35.80
N CYS B 22 -31.17 3.00 -36.19
CA CYS B 22 -30.57 3.72 -37.31
C CYS B 22 -29.49 2.87 -37.97
N THR B 23 -29.75 2.45 -39.20
CA THR B 23 -28.85 1.56 -39.90
C THR B 23 -28.13 2.29 -40.99
N GLY B 24 -26.82 2.14 -41.05
CA GLY B 24 -26.10 2.84 -42.10
C GLY B 24 -25.17 2.00 -42.94
N SER B 25 -24.45 2.72 -43.80
CA SER B 25 -23.49 2.19 -44.77
C SER B 25 -22.54 3.31 -45.23
N GLY B 26 -21.51 2.94 -46.00
CA GLY B 26 -20.58 3.92 -46.59
C GLY B 26 -19.32 4.14 -45.76
N GLY B 27 -19.31 3.55 -44.57
CA GLY B 27 -18.21 3.64 -43.64
C GLY B 27 -17.35 2.40 -43.73
N THR B 28 -16.64 2.09 -42.66
CA THR B 28 -15.72 0.97 -42.57
C THR B 28 -16.18 -0.06 -41.55
N GLY B 29 -17.42 0.10 -41.14
CA GLY B 29 -18.06 -0.69 -40.11
C GLY B 29 -18.21 0.29 -38.98
N PHE B 30 -19.27 0.19 -38.20
CA PHE B 30 -19.50 1.19 -37.16
C PHE B 30 -19.11 0.78 -35.75
N THR B 31 -18.46 -0.35 -35.62
CA THR B 31 -18.14 -0.85 -34.28
C THR B 31 -16.71 -0.57 -33.88
N PHE B 32 -15.79 -0.87 -34.78
CA PHE B 32 -14.37 -0.74 -34.50
C PHE B 32 -13.86 0.12 -35.61
N LYS B 33 -12.77 0.87 -35.37
CA LYS B 33 -12.20 1.72 -36.39
C LYS B 33 -13.29 2.64 -36.88
N TYR B 34 -14.05 3.22 -35.97
CA TYR B 34 -15.13 4.07 -36.39
C TYR B 34 -15.53 5.03 -35.32
N ALA B 35 -16.19 6.08 -35.73
CA ALA B 35 -16.75 7.09 -34.86
C ALA B 35 -17.83 6.49 -34.00
N GLY B 36 -18.00 7.04 -32.81
CA GLY B 36 -19.08 6.60 -31.99
C GLY B 36 -20.30 7.28 -32.56
N MET B 37 -21.47 6.98 -32.04
CA MET B 37 -22.66 7.58 -32.63
C MET B 37 -23.62 8.13 -31.62
N SER B 38 -24.21 9.26 -31.98
CA SER B 38 -25.12 9.93 -31.07
C SER B 38 -26.53 10.00 -31.52
N TRP B 39 -27.38 10.26 -30.53
CA TRP B 39 -28.75 10.61 -30.81
C TRP B 39 -28.93 12.05 -30.37
N VAL B 40 -29.68 12.77 -31.18
CA VAL B 40 -30.08 14.16 -30.98
C VAL B 40 -31.55 14.25 -31.29
N ARG B 41 -32.30 15.04 -30.55
CA ARG B 41 -33.71 15.17 -30.91
C ARG B 41 -34.09 16.60 -31.12
N GLN B 42 -35.08 16.83 -31.94
CA GLN B 42 -35.56 18.17 -32.12
C GLN B 42 -37.06 18.21 -32.20
N ALA B 43 -37.69 18.77 -31.18
CA ALA B 43 -39.13 18.85 -31.22
C ALA B 43 -39.46 19.91 -32.24
N PRO B 44 -40.57 19.82 -32.98
CA PRO B 44 -40.93 20.86 -33.90
C PRO B 44 -41.00 22.17 -33.14
N GLY B 45 -40.41 23.23 -33.71
CA GLY B 45 -40.40 24.56 -33.10
C GLY B 45 -39.24 24.78 -32.12
N LYS B 46 -38.46 23.74 -31.85
CA LYS B 46 -37.34 23.79 -30.92
C LYS B 46 -36.02 23.50 -31.61
N GLY B 47 -34.91 23.86 -30.98
CA GLY B 47 -33.59 23.52 -31.52
C GLY B 47 -33.24 22.09 -31.13
N PRO B 48 -32.12 21.54 -31.59
CA PRO B 48 -31.62 20.22 -31.31
C PRO B 48 -31.17 20.08 -29.87
N GLU B 49 -31.41 18.91 -29.31
CA GLU B 49 -31.01 18.53 -27.97
C GLU B 49 -30.18 17.27 -27.98
N TRP B 50 -29.03 17.30 -27.33
CA TRP B 50 -28.19 16.11 -27.28
C TRP B 50 -28.82 15.07 -26.36
N ILE B 51 -28.88 13.81 -26.79
CA ILE B 51 -29.36 12.71 -25.94
C ILE B 51 -28.21 11.94 -25.35
N GLY B 52 -27.29 11.55 -26.20
CA GLY B 52 -26.14 10.79 -25.73
C GLY B 52 -25.45 10.07 -26.88
N ARG B 53 -24.26 9.52 -26.60
CA ARG B 53 -23.54 8.80 -27.65
C ARG B 53 -22.80 7.59 -27.18
N ILE B 54 -22.79 6.58 -28.03
CA ILE B 54 -22.07 5.34 -27.77
C ILE B 54 -20.73 5.42 -28.46
N LYS B 55 -19.68 5.19 -27.70
CA LYS B 55 -18.35 5.27 -28.23
C LYS B 55 -18.05 4.01 -29.00
N SER B 56 -17.09 4.08 -29.86
CA SER B 56 -16.65 2.92 -30.58
C SER B 56 -15.97 2.00 -29.61
N ARG B 57 -15.80 0.74 -29.98
CA ARG B 57 -15.14 -0.20 -29.10
C ARG B 57 -13.67 0.12 -28.91
N ILE B 58 -13.02 0.68 -29.92
CA ILE B 58 -11.61 0.96 -29.76
C ILE B 58 -11.42 2.09 -28.74
N ASP B 59 -12.44 2.91 -28.56
CA ASP B 59 -12.46 3.99 -27.58
C ASP B 59 -13.13 3.61 -26.26
N GLY B 60 -13.42 2.31 -26.06
CA GLY B 60 -14.01 1.78 -24.82
C GLY B 60 -15.47 1.29 -24.87
N GLY B 61 -16.25 1.69 -25.87
CA GLY B 61 -17.63 1.22 -25.99
C GLY B 61 -18.63 1.71 -24.94
N THR B 62 -18.37 2.87 -24.32
CA THR B 62 -19.24 3.36 -23.25
C THR B 62 -20.24 4.39 -23.76
N THR B 63 -21.26 4.71 -22.96
CA THR B 63 -22.19 5.76 -23.39
C THR B 63 -22.19 6.97 -22.49
N ASP B 64 -22.01 8.13 -23.12
CA ASP B 64 -22.04 9.43 -22.47
C ASP B 64 -23.42 10.03 -22.66
N TYR B 65 -24.10 10.35 -21.57
CA TYR B 65 -25.48 10.85 -21.69
C TYR B 65 -25.66 12.31 -21.34
N ALA B 66 -26.63 12.90 -22.01
CA ALA B 66 -27.10 14.24 -21.74
C ALA B 66 -27.92 14.21 -20.46
N ALA B 67 -27.83 15.26 -19.65
CA ALA B 67 -28.59 15.24 -18.39
C ALA B 67 -30.10 14.97 -18.52
N PRO B 68 -30.86 15.54 -19.49
CA PRO B 68 -32.30 15.39 -19.63
C PRO B 68 -32.79 13.97 -19.84
N VAL B 69 -31.92 13.04 -20.23
CA VAL B 69 -32.35 11.70 -20.49
C VAL B 69 -31.73 10.69 -19.53
N LYS B 70 -30.99 11.18 -18.55
CA LYS B 70 -30.34 10.24 -17.66
C LYS B 70 -31.37 9.44 -16.90
N ASP B 71 -31.07 8.16 -16.79
CA ASP B 71 -31.89 7.15 -16.13
C ASP B 71 -33.20 6.85 -16.86
N ARG B 72 -33.35 7.33 -18.09
CA ARG B 72 -34.53 7.01 -18.89
C ARG B 72 -34.14 6.46 -20.25
N PHE B 73 -33.18 7.09 -20.91
CA PHE B 73 -32.85 6.62 -22.25
C PHE B 73 -31.52 5.89 -22.23
N ILE B 74 -31.42 4.84 -23.05
CA ILE B 74 -30.18 4.09 -23.24
C ILE B 74 -29.69 4.05 -24.68
N VAL B 75 -28.42 4.42 -24.89
CA VAL B 75 -27.87 4.39 -26.25
C VAL B 75 -26.95 3.17 -26.34
N SER B 76 -27.23 2.33 -27.34
CA SER B 76 -26.51 1.07 -27.55
C SER B 76 -26.37 0.76 -29.03
N ARG B 77 -25.52 -0.21 -29.36
CA ARG B 77 -25.28 -0.58 -30.75
C ARG B 77 -25.28 -2.07 -30.99
N ASP B 78 -25.72 -2.47 -32.19
CA ASP B 78 -25.67 -3.84 -32.64
C ASP B 78 -24.38 -3.97 -33.44
N ASP B 79 -23.38 -4.50 -32.77
CA ASP B 79 -22.04 -4.56 -33.31
C ASP B 79 -22.02 -5.35 -34.57
N SER B 80 -21.29 -4.82 -35.55
CA SER B 80 -21.09 -5.39 -36.88
C SER B 80 -22.35 -5.48 -37.73
N ARG B 81 -23.45 -4.87 -37.28
CA ARG B 81 -24.69 -4.82 -38.07
C ARG B 81 -24.91 -3.39 -38.48
N ASN B 82 -23.94 -2.57 -38.13
CA ASN B 82 -23.91 -1.16 -38.41
C ASN B 82 -25.19 -0.50 -37.99
N THR B 83 -25.73 -0.91 -36.83
CA THR B 83 -26.98 -0.31 -36.42
C THR B 83 -26.97 0.24 -35.01
N LEU B 84 -27.39 1.48 -34.93
CA LEU B 84 -27.48 2.22 -33.69
C LEU B 84 -28.88 2.14 -33.14
N TYR B 85 -29.01 1.96 -31.82
CA TYR B 85 -30.32 1.91 -31.20
C TYR B 85 -30.49 2.86 -30.02
N LEU B 86 -31.73 3.34 -29.85
CA LEU B 86 -32.06 4.17 -28.69
C LEU B 86 -33.26 3.60 -27.96
N GLN B 87 -33.05 3.20 -26.71
CA GLN B 87 -34.14 2.63 -25.92
C GLN B 87 -34.68 3.72 -25.02
N MET B 88 -35.91 4.13 -25.26
CA MET B 88 -36.48 5.20 -24.47
C MET B 88 -37.53 4.68 -23.53
N ASN B 89 -37.24 4.73 -22.23
CA ASN B 89 -38.19 4.24 -21.27
C ASN B 89 -38.89 5.38 -20.57
N SER B 90 -39.87 5.07 -19.72
CA SER B 90 -40.56 6.06 -18.90
C SER B 90 -40.99 7.25 -19.75
N LEU B 91 -41.61 6.97 -20.87
CA LEU B 91 -41.97 8.04 -21.80
C LEU B 91 -42.97 9.02 -21.27
N LYS B 92 -42.73 10.28 -21.57
CA LYS B 92 -43.62 11.35 -21.21
C LYS B 92 -43.98 12.09 -22.49
N THR B 93 -45.05 12.86 -22.51
CA THR B 93 -45.46 13.53 -23.76
C THR B 93 -44.46 14.61 -24.20
N GLU B 94 -43.61 15.02 -23.26
CA GLU B 94 -42.54 15.99 -23.46
C GLU B 94 -41.47 15.43 -24.40
N ASP B 95 -41.49 14.11 -24.62
CA ASP B 95 -40.52 13.43 -25.44
C ASP B 95 -40.94 13.39 -26.90
N THR B 96 -42.08 14.00 -27.25
CA THR B 96 -42.40 14.02 -28.67
C THR B 96 -41.34 14.86 -29.36
N ALA B 97 -40.70 14.29 -30.36
CA ALA B 97 -39.65 15.00 -31.07
C ALA B 97 -39.22 14.23 -32.30
N VAL B 98 -38.47 14.88 -33.17
CA VAL B 98 -37.87 14.11 -34.25
C VAL B 98 -36.53 13.61 -33.73
N TYR B 99 -36.32 12.32 -33.80
CA TYR B 99 -35.10 11.72 -33.29
C TYR B 99 -34.13 11.36 -34.39
N TYR B 100 -32.96 11.93 -34.29
CA TYR B 100 -31.93 11.78 -35.29
C TYR B 100 -30.76 11.00 -34.73
N CYS B 101 -30.10 10.23 -35.61
CA CYS B 101 -28.84 9.58 -35.38
C CYS B 101 -27.80 10.50 -36.04
N ALA B 102 -26.63 10.55 -35.46
CA ALA B 102 -25.62 11.40 -36.03
C ALA B 102 -24.21 10.82 -35.89
N THR B 103 -23.44 11.00 -36.95
CA THR B 103 -22.10 10.44 -37.02
C THR B 103 -20.95 11.40 -37.33
N GLY B 104 -19.90 11.24 -36.56
CA GLY B 104 -18.65 11.97 -36.73
C GLY B 104 -17.74 11.26 -37.73
N SER B 105 -18.17 11.14 -38.96
CA SER B 105 -17.37 10.40 -39.94
C SER B 105 -17.22 11.12 -41.28
N GLY B 106 -16.75 10.38 -42.26
CA GLY B 106 -16.45 10.88 -43.59
C GLY B 106 -15.06 10.39 -43.99
N LYS B 107 -14.83 10.35 -45.30
CA LYS B 107 -13.58 9.86 -45.86
C LYS B 107 -12.44 10.88 -45.73
N GLY B 108 -11.23 10.38 -45.54
CA GLY B 108 -10.01 11.17 -45.41
C GLY B 108 -9.15 11.02 -46.67
N PRO B 109 -7.88 11.46 -46.65
CA PRO B 109 -6.97 11.40 -47.77
C PRO B 109 -6.55 9.99 -48.10
N SER B 110 -6.27 9.73 -49.36
CA SER B 110 -5.75 8.47 -49.81
C SER B 110 -4.26 8.57 -50.10
N ALA B 111 -3.64 7.43 -50.33
CA ALA B 111 -2.22 7.34 -50.65
C ALA B 111 -2.02 6.14 -51.53
N SER B 112 -0.87 6.02 -52.21
CA SER B 112 -0.63 4.85 -53.09
C SER B 112 -0.66 3.55 -52.29
N PHE B 113 -0.44 3.72 -51.01
CA PHE B 113 -0.50 2.75 -49.95
C PHE B 113 -1.87 2.10 -49.70
N GLY B 114 -2.91 2.95 -49.60
CA GLY B 114 -4.24 2.52 -49.16
C GLY B 114 -5.26 3.66 -49.04
N GLU B 115 -6.39 3.35 -48.42
CA GLU B 115 -7.53 4.26 -48.24
C GLU B 115 -7.64 4.75 -46.79
N SER B 116 -8.33 5.87 -46.56
CA SER B 116 -8.48 6.29 -45.16
C SER B 116 -9.73 7.08 -44.85
N TYR B 117 -10.20 6.97 -43.61
CA TYR B 117 -11.36 7.69 -43.02
C TYR B 117 -11.05 8.43 -41.72
N TYR B 118 -11.78 9.50 -41.44
CA TYR B 118 -11.61 10.19 -40.15
C TYR B 118 -12.77 10.00 -39.22
N TYR B 119 -12.47 9.82 -37.95
CA TYR B 119 -13.50 9.70 -36.95
C TYR B 119 -13.40 10.83 -35.94
N TYR B 120 -14.44 11.63 -35.91
CA TYR B 120 -14.52 12.87 -35.18
C TYR B 120 -15.33 12.87 -33.90
N ASP B 121 -15.11 13.94 -33.15
CA ASP B 121 -15.76 14.31 -31.91
C ASP B 121 -16.88 15.36 -32.10
N PHE B 122 -17.36 15.46 -33.33
CA PHE B 122 -18.42 16.34 -33.80
C PHE B 122 -19.14 15.67 -34.95
N ILE B 123 -20.27 16.22 -35.37
CA ILE B 123 -21.06 15.57 -36.42
C ILE B 123 -20.98 16.12 -37.83
N ASN B 124 -20.68 15.24 -38.78
CA ASN B 124 -20.69 15.59 -40.19
C ASN B 124 -21.90 15.01 -40.89
N VAL B 125 -22.34 13.86 -40.41
CA VAL B 125 -23.42 13.14 -41.05
C VAL B 125 -24.64 13.04 -40.18
N TRP B 126 -25.74 13.53 -40.69
CA TRP B 126 -27.00 13.46 -39.99
C TRP B 126 -27.93 12.54 -40.73
N GLY B 127 -28.78 11.83 -40.02
CA GLY B 127 -29.78 11.02 -40.67
C GLY B 127 -30.98 11.90 -41.02
N LYS B 128 -32.10 11.27 -41.42
CA LYS B 128 -33.26 12.05 -41.83
C LYS B 128 -34.12 12.46 -40.64
N GLY B 129 -34.11 11.64 -39.61
CA GLY B 129 -34.87 11.84 -38.40
C GLY B 129 -36.18 11.04 -38.38
N THR B 130 -36.44 10.30 -37.30
CA THR B 130 -37.68 9.55 -37.24
C THR B 130 -38.56 10.22 -36.21
N THR B 131 -39.80 10.47 -36.55
CA THR B 131 -40.65 11.17 -35.59
C THR B 131 -41.22 10.20 -34.59
N VAL B 132 -41.09 10.56 -33.32
CA VAL B 132 -41.64 9.78 -32.23
C VAL B 132 -42.67 10.63 -31.54
N THR B 133 -43.87 10.10 -31.45
CA THR B 133 -44.96 10.82 -30.84
C THR B 133 -45.36 10.15 -29.57
N VAL B 134 -45.40 10.90 -28.49
CA VAL B 134 -45.82 10.31 -27.25
C VAL B 134 -47.09 11.04 -26.88
N SER B 135 -48.19 10.31 -26.78
CA SER B 135 -49.47 10.96 -26.49
C SER B 135 -50.49 9.99 -25.88
N SER B 136 -51.55 10.53 -25.24
CA SER B 136 -52.65 9.77 -24.61
C SER B 136 -53.76 9.38 -25.62
N GLU C 1 -23.44 23.57 -15.31
CA GLU C 1 -22.85 22.96 -16.49
C GLU C 1 -22.40 24.09 -17.44
N SER C 2 -21.79 23.69 -18.60
CA SER C 2 -21.36 24.61 -19.65
C SER C 2 -22.51 24.76 -20.65
N VAL C 3 -23.12 25.94 -20.64
CA VAL C 3 -24.32 26.23 -21.40
C VAL C 3 -24.13 27.38 -22.37
N LEU C 4 -24.62 27.20 -23.60
CA LEU C 4 -24.54 28.19 -24.66
C LEU C 4 -25.75 29.09 -24.84
N THR C 5 -25.53 30.40 -24.82
CA THR C 5 -26.60 31.36 -25.06
C THR C 5 -26.27 32.27 -26.24
N GLN C 6 -27.16 32.32 -27.22
CA GLN C 6 -26.99 33.16 -28.41
C GLN C 6 -27.59 34.54 -28.28
N SER C 7 -26.95 35.49 -28.97
CA SER C 7 -27.43 36.86 -29.07
C SER C 7 -26.93 37.56 -30.35
N PRO C 8 -27.80 38.30 -31.06
CA PRO C 8 -29.22 38.59 -30.85
C PRO C 8 -30.09 37.39 -31.18
N GLY C 9 -31.32 37.35 -30.65
CA GLY C 9 -32.27 36.29 -30.98
C GLY C 9 -32.65 36.27 -32.45
N THR C 10 -32.70 37.46 -33.07
CA THR C 10 -32.97 37.60 -34.48
C THR C 10 -32.00 38.61 -35.08
N LEU C 11 -31.47 38.30 -36.24
CA LEU C 11 -30.62 39.23 -36.95
C LEU C 11 -31.43 39.79 -38.09
N SER C 12 -31.25 41.07 -38.42
CA SER C 12 -31.99 41.63 -39.54
C SER C 12 -31.08 42.44 -40.45
N LEU C 13 -30.90 41.92 -41.66
CA LEU C 13 -30.01 42.56 -42.62
C LEU C 13 -30.35 42.24 -44.07
N SER C 14 -30.17 43.21 -44.95
CA SER C 14 -30.41 42.98 -46.36
C SER C 14 -29.33 42.03 -46.89
N PRO C 15 -29.60 41.19 -47.88
CA PRO C 15 -28.61 40.32 -48.45
C PRO C 15 -27.54 41.23 -49.03
N GLY C 16 -26.30 40.82 -48.86
CA GLY C 16 -25.13 41.54 -49.32
C GLY C 16 -24.48 42.32 -48.16
N GLU C 17 -25.17 42.43 -47.04
CA GLU C 17 -24.65 43.10 -45.86
C GLU C 17 -23.99 42.05 -44.98
N ARG C 18 -23.03 42.47 -44.17
CA ARG C 18 -22.30 41.61 -43.23
C ARG C 18 -23.16 41.22 -42.03
N ALA C 19 -22.99 39.98 -41.54
CA ALA C 19 -23.74 39.57 -40.37
C ALA C 19 -22.90 38.84 -39.34
N THR C 20 -23.14 39.13 -38.07
CA THR C 20 -22.47 38.40 -37.02
C THR C 20 -23.44 37.95 -35.95
N LEU C 21 -23.17 36.77 -35.43
CA LEU C 21 -23.89 36.17 -34.32
C LEU C 21 -22.95 35.64 -33.26
N SER C 22 -23.19 36.00 -32.01
CA SER C 22 -22.30 35.55 -30.96
C SER C 22 -23.00 34.58 -30.00
N CYS C 23 -22.19 33.73 -29.32
CA CYS C 23 -22.58 32.85 -28.23
C CYS C 23 -21.70 33.07 -27.02
N ARG C 24 -22.33 33.07 -25.87
CA ARG C 24 -21.60 33.15 -24.64
C ARG C 24 -21.79 31.89 -23.86
N ALA C 25 -20.69 31.27 -23.51
CA ALA C 25 -20.70 30.05 -22.74
C ALA C 25 -20.64 30.39 -21.27
N SER C 26 -21.32 29.58 -20.45
CA SER C 26 -21.22 29.71 -19.00
C SER C 26 -19.85 29.31 -18.46
N GLN C 27 -19.07 28.58 -19.25
CA GLN C 27 -17.74 28.14 -18.85
C GLN C 27 -16.75 28.38 -19.96
N SER C 28 -15.50 28.68 -19.61
CA SER C 28 -14.44 28.87 -20.59
C SER C 28 -14.14 27.57 -21.31
N ILE C 29 -13.88 27.68 -22.60
CA ILE C 29 -13.58 26.53 -23.43
C ILE C 29 -12.51 26.80 -24.50
N SER C 30 -11.65 25.81 -24.75
CA SER C 30 -10.63 25.92 -25.78
C SER C 30 -11.27 25.92 -27.17
N ARG C 31 -10.61 26.58 -28.11
CA ARG C 31 -11.10 26.73 -29.48
C ARG C 31 -11.41 25.44 -30.21
N LYS C 32 -10.62 24.41 -29.97
CA LYS C 32 -10.78 23.17 -30.70
C LYS C 32 -12.11 22.47 -30.42
N TYR C 33 -12.82 22.88 -29.38
CA TYR C 33 -14.06 22.22 -29.03
C TYR C 33 -15.33 22.93 -29.47
N LEU C 34 -15.24 23.94 -30.33
CA LEU C 34 -16.45 24.67 -30.75
C LEU C 34 -16.91 24.43 -32.19
N ALA C 35 -18.22 24.55 -32.40
CA ALA C 35 -18.82 24.44 -33.74
C ALA C 35 -20.10 25.24 -33.86
N TRP C 36 -20.48 25.54 -35.09
CA TRP C 36 -21.76 26.19 -35.39
C TRP C 36 -22.49 25.36 -36.42
N TYR C 37 -23.80 25.33 -36.39
CA TYR C 37 -24.57 24.60 -37.40
C TYR C 37 -25.62 25.47 -38.10
N GLN C 38 -25.88 25.17 -39.38
CA GLN C 38 -26.88 25.88 -40.19
C GLN C 38 -28.13 25.07 -40.51
N GLN C 39 -29.30 25.49 -40.03
CA GLN C 39 -30.50 24.70 -40.29
C GLN C 39 -31.63 25.40 -41.04
N LYS C 40 -32.19 24.66 -41.98
CA LYS C 40 -33.34 25.10 -42.72
C LYS C 40 -34.45 24.08 -42.45
N PRO C 41 -35.73 24.45 -42.52
CA PRO C 41 -36.83 23.54 -42.31
C PRO C 41 -36.70 22.37 -43.27
N GLY C 42 -36.95 21.17 -42.74
CA GLY C 42 -36.87 19.95 -43.54
C GLY C 42 -35.46 19.37 -43.63
N GLN C 43 -34.47 20.03 -43.03
CA GLN C 43 -33.10 19.54 -43.12
C GLN C 43 -32.45 19.40 -41.76
N ALA C 44 -31.56 18.43 -41.62
CA ALA C 44 -30.75 18.34 -40.41
C ALA C 44 -29.71 19.45 -40.53
N PRO C 45 -29.20 20.06 -39.45
CA PRO C 45 -28.25 21.15 -39.50
C PRO C 45 -26.93 20.80 -40.20
N ARG C 46 -26.39 21.73 -41.01
CA ARG C 46 -25.12 21.50 -41.68
C ARG C 46 -23.99 21.90 -40.75
N LEU C 47 -22.84 21.22 -40.82
CA LEU C 47 -21.75 21.57 -39.92
C LEU C 47 -21.13 22.96 -40.03
N LEU C 48 -20.96 23.53 -41.21
CA LEU C 48 -20.34 24.88 -41.38
C LEU C 48 -18.89 25.07 -40.92
N ILE C 49 -18.69 25.04 -39.61
CA ILE C 49 -17.44 25.34 -38.94
C ILE C 49 -17.26 24.46 -37.70
N TYR C 50 -16.03 24.06 -37.42
CA TYR C 50 -15.73 23.31 -36.22
C TYR C 50 -14.36 23.72 -35.68
N GLY C 51 -14.13 23.49 -34.41
CA GLY C 51 -12.83 23.81 -33.85
C GLY C 51 -12.65 25.31 -33.78
N SER C 52 -13.79 26.00 -33.66
CA SER C 52 -13.93 27.46 -33.62
C SER C 52 -13.64 28.13 -34.97
N SER C 53 -12.42 27.93 -35.50
CA SER C 53 -11.99 28.54 -36.75
C SER C 53 -11.74 27.62 -37.95
N SER C 54 -11.97 26.30 -37.86
CA SER C 54 -11.69 25.42 -39.00
C SER C 54 -12.95 25.17 -39.82
N ARG C 55 -12.92 25.48 -41.09
CA ARG C 55 -14.14 25.30 -41.86
C ARG C 55 -14.44 23.85 -42.14
N ALA C 56 -15.72 23.53 -42.16
CA ALA C 56 -16.18 22.23 -42.57
C ALA C 56 -16.01 22.23 -44.09
N THR C 57 -15.92 21.09 -44.73
CA THR C 57 -15.82 21.15 -46.17
C THR C 57 -17.19 21.33 -46.76
N GLY C 58 -17.25 21.80 -48.01
CA GLY C 58 -18.51 22.01 -48.71
C GLY C 58 -19.14 23.35 -48.32
N ILE C 59 -18.38 24.14 -47.56
CA ILE C 59 -18.78 25.42 -47.02
C ILE C 59 -18.01 26.57 -47.65
N PRO C 60 -18.68 27.62 -48.15
CA PRO C 60 -18.11 28.82 -48.73
C PRO C 60 -17.23 29.58 -47.74
N ASP C 61 -16.23 30.27 -48.28
CA ASP C 61 -15.24 31.05 -47.54
C ASP C 61 -15.81 32.25 -46.80
N ARG C 62 -17.01 32.65 -47.20
CA ARG C 62 -17.67 33.77 -46.55
C ARG C 62 -18.04 33.44 -45.11
N PHE C 63 -18.07 32.14 -44.75
CA PHE C 63 -18.37 31.74 -43.39
C PHE C 63 -17.08 31.56 -42.61
N SER C 64 -16.90 32.31 -41.53
CA SER C 64 -15.68 32.20 -40.75
C SER C 64 -15.92 32.37 -39.25
N GLY C 65 -15.47 31.40 -38.46
CA GLY C 65 -15.65 31.47 -37.02
C GLY C 65 -14.43 32.03 -36.30
N SER C 66 -14.66 32.54 -35.10
CA SER C 66 -13.59 33.03 -34.25
C SER C 66 -14.01 33.05 -32.77
N GLY C 67 -13.04 33.22 -31.87
CA GLY C 67 -13.38 33.35 -30.46
C GLY C 67 -12.46 32.58 -29.53
N SER C 68 -12.66 32.81 -28.24
CA SER C 68 -11.87 32.20 -27.17
C SER C 68 -12.58 32.31 -25.84
N GLY C 69 -12.13 31.56 -24.82
CA GLY C 69 -12.73 31.75 -23.51
C GLY C 69 -14.19 31.38 -23.56
N THR C 70 -15.05 32.32 -23.24
CA THR C 70 -16.48 32.11 -23.24
C THR C 70 -17.19 32.75 -24.41
N ASP C 71 -16.46 33.50 -25.23
CA ASP C 71 -17.09 34.28 -26.28
C ASP C 71 -16.70 33.92 -27.70
N PHE C 72 -17.68 33.37 -28.42
CA PHE C 72 -17.45 32.92 -29.78
C PHE C 72 -18.43 33.54 -30.76
N THR C 73 -17.94 33.79 -31.98
CA THR C 73 -18.74 34.42 -33.03
C THR C 73 -18.64 33.74 -34.40
N LEU C 74 -19.74 33.77 -35.13
CA LEU C 74 -19.75 33.36 -36.53
C LEU C 74 -19.99 34.59 -37.37
N THR C 75 -19.08 34.85 -38.28
CA THR C 75 -19.19 35.99 -39.16
C THR C 75 -19.43 35.54 -40.58
N ILE C 76 -20.42 36.13 -41.20
CA ILE C 76 -20.65 35.87 -42.60
C ILE C 76 -20.27 37.20 -43.27
N SER C 77 -19.25 37.18 -44.13
CA SER C 77 -18.73 38.45 -44.67
C SER C 77 -19.76 39.23 -45.49
N ARG C 78 -20.62 38.50 -46.17
CA ARG C 78 -21.71 39.01 -46.97
C ARG C 78 -22.78 37.97 -46.80
N LEU C 79 -23.94 38.33 -46.32
CA LEU C 79 -24.92 37.29 -46.13
C LEU C 79 -25.73 37.15 -47.40
N GLU C 80 -25.78 35.96 -47.99
CA GLU C 80 -26.50 35.78 -49.24
C GLU C 80 -27.93 35.33 -48.92
N PRO C 81 -28.94 35.50 -49.80
CA PRO C 81 -30.31 35.05 -49.59
C PRO C 81 -30.42 33.59 -49.13
N GLU C 82 -29.52 32.76 -49.65
CA GLU C 82 -29.50 31.34 -49.34
C GLU C 82 -28.97 31.04 -47.94
N ASP C 83 -28.38 32.02 -47.29
CA ASP C 83 -27.79 31.88 -45.99
C ASP C 83 -28.74 32.32 -44.87
N PHE C 84 -29.97 32.74 -45.20
CA PHE C 84 -30.87 33.20 -44.13
C PHE C 84 -31.58 32.02 -43.46
N ALA C 85 -30.79 31.32 -42.66
CA ALA C 85 -31.09 30.09 -41.93
C ALA C 85 -31.06 30.32 -40.43
N VAL C 86 -31.41 29.28 -39.67
CA VAL C 86 -31.29 29.35 -38.23
C VAL C 86 -29.93 28.84 -37.84
N TYR C 87 -29.21 29.59 -37.04
CA TYR C 87 -27.88 29.16 -36.66
C TYR C 87 -27.81 28.75 -35.21
N TYR C 88 -27.03 27.72 -34.96
CA TYR C 88 -26.84 27.19 -33.62
C TYR C 88 -25.37 27.08 -33.27
N CYS C 89 -25.00 27.25 -31.98
CA CYS C 89 -23.66 26.95 -31.45
C CYS C 89 -23.65 25.55 -30.89
N HIS C 90 -22.46 25.00 -30.82
CA HIS C 90 -22.26 23.73 -30.21
C HIS C 90 -20.89 23.63 -29.59
N GLN C 91 -20.82 22.95 -28.45
CA GLN C 91 -19.54 22.75 -27.82
C GLN C 91 -19.37 21.33 -27.34
N TYR C 92 -18.12 20.83 -27.38
CA TYR C 92 -17.87 19.43 -27.09
C TYR C 92 -17.52 19.17 -25.62
N GLU C 93 -16.90 20.16 -24.97
CA GLU C 93 -16.49 20.12 -23.56
C GLU C 93 -15.60 18.98 -23.16
N SER C 94 -14.97 18.34 -24.12
CA SER C 94 -14.12 17.17 -23.92
C SER C 94 -14.92 15.94 -23.44
N SER C 95 -16.27 16.05 -23.36
CA SER C 95 -17.13 14.94 -22.97
C SER C 95 -18.67 15.18 -23.13
N PRO C 96 -19.37 16.03 -22.33
CA PRO C 96 -20.79 16.32 -22.52
C PRO C 96 -20.97 17.24 -23.71
N TRP C 97 -22.05 17.12 -24.44
CA TRP C 97 -22.29 18.05 -25.52
C TRP C 97 -23.43 19.01 -25.25
N THR C 98 -23.24 20.25 -25.70
CA THR C 98 -24.24 21.33 -25.57
C THR C 98 -24.54 22.04 -26.89
N PHE C 99 -25.84 22.29 -27.15
CA PHE C 99 -26.32 23.07 -28.31
C PHE C 99 -26.88 24.42 -27.85
N GLY C 100 -26.78 25.45 -28.71
CA GLY C 100 -27.37 26.77 -28.42
C GLY C 100 -28.88 26.72 -28.70
N GLN C 101 -29.62 27.81 -28.41
CA GLN C 101 -31.07 27.74 -28.58
C GLN C 101 -31.62 27.89 -30.01
N GLY C 102 -30.83 28.48 -30.91
CA GLY C 102 -31.25 28.71 -32.29
C GLY C 102 -31.59 30.16 -32.52
N THR C 103 -30.86 30.78 -33.43
CA THR C 103 -31.03 32.18 -33.80
C THR C 103 -31.44 32.33 -35.22
N LYS C 104 -32.48 33.13 -35.43
CA LYS C 104 -32.99 33.30 -36.78
C LYS C 104 -32.38 34.47 -37.50
N VAL C 105 -32.01 34.27 -38.75
CA VAL C 105 -31.49 35.37 -39.53
C VAL C 105 -32.53 35.72 -40.61
N GLU C 106 -32.95 36.97 -40.63
CA GLU C 106 -33.98 37.45 -41.56
C GLU C 106 -33.54 38.67 -42.37
N ILE C 107 -34.16 38.88 -43.56
CA ILE C 107 -33.93 40.03 -44.45
C ILE C 107 -34.64 41.27 -43.86
N VAL D 43 20.91 -39.63 -30.13
CA VAL D 43 19.58 -40.15 -29.75
C VAL D 43 18.44 -39.09 -29.85
N ILE D 44 18.72 -37.88 -30.41
CA ILE D 44 17.78 -36.77 -30.55
C ILE D 44 17.35 -36.57 -31.99
N VAL D 45 16.06 -36.70 -32.23
CA VAL D 45 15.55 -36.53 -33.57
C VAL D 45 14.72 -35.27 -33.64
N ASN D 46 15.22 -34.28 -34.37
CA ASN D 46 14.53 -33.02 -34.44
C ASN D 46 13.36 -33.15 -35.38
N ALA D 47 12.17 -32.96 -34.82
CA ALA D 47 10.93 -33.15 -35.54
C ALA D 47 10.16 -31.86 -35.68
N GLN D 48 10.86 -30.75 -35.66
CA GLN D 48 10.22 -29.47 -35.77
C GLN D 48 10.01 -29.12 -37.23
N PRO D 49 8.97 -28.34 -37.58
CA PRO D 49 8.71 -27.85 -38.93
C PRO D 49 9.89 -27.18 -39.58
N LYS D 50 10.68 -26.46 -38.79
CA LYS D 50 11.85 -25.81 -39.32
C LYS D 50 12.80 -25.54 -38.16
N CYS D 51 14.05 -25.11 -38.47
CA CYS D 51 15.09 -24.86 -37.49
C CYS D 51 16.00 -23.72 -37.92
N ASN D 52 16.20 -22.77 -37.02
CA ASN D 52 17.20 -21.76 -37.27
C ASN D 52 18.52 -22.47 -36.93
N PRO D 53 19.42 -22.71 -37.89
CA PRO D 53 20.62 -23.48 -37.75
C PRO D 53 21.65 -22.78 -36.91
N ASN D 54 21.46 -21.52 -36.56
CA ASN D 54 22.49 -20.88 -35.80
C ASN D 54 22.01 -20.14 -34.56
N LEU D 55 22.94 -19.88 -33.66
CA LEU D 55 22.61 -19.19 -32.44
C LEU D 55 23.31 -17.89 -32.29
N HIS D 56 22.55 -16.90 -31.94
CA HIS D 56 23.06 -15.61 -31.64
C HIS D 56 22.72 -15.53 -30.19
N TYR D 57 23.75 -15.53 -29.36
CA TYR D 57 23.55 -15.66 -27.94
C TYR D 57 24.11 -14.55 -27.11
N TRP D 58 23.59 -14.47 -25.91
CA TRP D 58 24.07 -13.58 -24.88
C TRP D 58 24.19 -14.32 -23.55
N THR D 59 25.09 -13.83 -22.71
CA THR D 59 25.28 -14.36 -21.36
C THR D 59 25.99 -13.39 -20.43
N THR D 60 26.23 -13.79 -19.20
CA THR D 60 26.86 -12.93 -18.20
C THR D 60 28.12 -13.53 -17.61
N GLN D 61 29.27 -13.15 -18.15
CA GLN D 61 30.55 -13.71 -17.75
C GLN D 61 31.50 -12.58 -17.41
N GLY D 68 39.70 -1.69 -13.93
CA GLY D 68 40.35 -1.44 -12.66
C GLY D 68 39.31 -1.32 -11.56
N LEU D 69 38.44 -0.29 -11.66
CA LEU D 69 37.33 0.00 -10.74
C LEU D 69 36.06 -0.60 -11.30
N ALA D 70 36.18 -1.25 -12.43
CA ALA D 70 35.04 -1.80 -13.14
C ALA D 70 34.24 -2.78 -12.31
N TRP D 71 34.88 -3.51 -11.42
CA TRP D 71 34.20 -4.49 -10.61
C TRP D 71 33.33 -3.89 -9.51
N ILE D 72 33.53 -2.62 -9.19
CA ILE D 72 32.79 -1.98 -8.13
C ILE D 72 31.43 -1.57 -8.68
N PRO D 73 30.28 -1.99 -8.10
CA PRO D 73 28.93 -1.68 -8.57
C PRO D 73 28.70 -0.20 -8.82
N TYR D 74 29.33 0.64 -8.01
CA TYR D 74 29.24 2.08 -8.12
C TYR D 74 29.82 2.60 -9.44
N PHE D 75 30.92 2.01 -9.92
CA PHE D 75 31.57 2.49 -11.12
C PHE D 75 31.34 1.62 -12.33
N GLY D 76 30.84 0.42 -12.11
CA GLY D 76 30.67 -0.54 -13.18
C GLY D 76 29.48 -0.16 -14.04
N PRO D 77 29.16 -0.97 -15.05
CA PRO D 77 28.11 -0.78 -16.03
C PRO D 77 26.72 -0.98 -15.46
N ALA D 78 25.75 -0.35 -16.10
CA ALA D 78 24.34 -0.53 -15.80
C ALA D 78 23.94 -1.88 -16.29
N ALA D 79 22.83 -2.41 -15.78
CA ALA D 79 22.40 -3.77 -16.11
C ALA D 79 22.28 -4.05 -17.59
N GLU D 80 21.89 -3.11 -18.41
CA GLU D 80 21.75 -3.42 -19.83
C GLU D 80 23.09 -3.78 -20.49
N GLY D 81 24.19 -3.35 -19.88
CA GLY D 81 25.55 -3.51 -20.36
C GLY D 81 26.35 -4.65 -19.71
N ILE D 82 25.72 -5.53 -18.94
CA ILE D 82 26.55 -6.56 -18.29
C ILE D 82 26.61 -7.85 -19.06
N TYR D 83 26.09 -7.84 -20.27
CA TYR D 83 26.04 -9.06 -21.07
C TYR D 83 27.08 -9.10 -22.16
N THR D 84 27.54 -10.29 -22.46
CA THR D 84 28.44 -10.53 -23.58
C THR D 84 27.63 -11.12 -24.72
N GLU D 85 28.28 -11.34 -25.85
CA GLU D 85 27.58 -11.81 -27.03
C GLU D 85 28.45 -12.55 -28.06
N GLY D 86 27.81 -13.34 -28.92
CA GLY D 86 28.51 -13.97 -30.05
C GLY D 86 27.66 -14.94 -30.84
N LEU D 87 28.23 -15.54 -31.89
CA LEU D 87 27.49 -16.50 -32.70
C LEU D 87 28.10 -17.89 -32.67
N MET D 88 27.24 -18.89 -32.83
CA MET D 88 27.64 -20.28 -33.03
C MET D 88 26.90 -20.87 -34.20
N HIS D 89 27.55 -21.74 -34.97
CA HIS D 89 26.85 -22.38 -36.06
C HIS D 89 26.51 -23.82 -35.73
N ASN D 90 25.83 -24.50 -36.64
CA ASN D 90 25.34 -25.86 -36.40
C ASN D 90 26.40 -26.90 -36.61
N GLN D 91 27.43 -26.85 -35.79
CA GLN D 91 28.52 -27.74 -35.97
C GLN D 91 28.06 -29.12 -35.60
N ASP D 92 28.20 -30.03 -36.53
CA ASP D 92 27.82 -31.42 -36.38
C ASP D 92 26.40 -31.62 -35.89
N GLY D 93 25.47 -30.77 -36.31
CA GLY D 93 24.07 -30.97 -35.95
C GLY D 93 23.70 -30.52 -34.54
N LEU D 94 24.63 -29.90 -33.82
CA LEU D 94 24.39 -29.51 -32.45
C LEU D 94 23.27 -28.53 -32.24
N ILE D 95 23.11 -27.52 -33.08
CA ILE D 95 22.08 -26.54 -32.73
C ILE D 95 20.68 -27.05 -32.85
N CYS D 96 20.34 -27.75 -33.96
CA CYS D 96 19.01 -28.29 -34.15
C CYS D 96 18.77 -29.41 -33.12
N GLY D 97 19.81 -30.15 -32.76
CA GLY D 97 19.64 -31.16 -31.74
C GLY D 97 19.30 -30.48 -30.41
N LEU D 98 19.94 -29.36 -30.13
CA LEU D 98 19.70 -28.61 -28.92
C LEU D 98 18.30 -28.03 -28.88
N ARG D 99 17.81 -27.53 -30.02
CA ARG D 99 16.46 -27.00 -30.00
C ARG D 99 15.46 -28.10 -29.70
N GLN D 100 15.68 -29.29 -30.24
CA GLN D 100 14.78 -30.40 -29.96
C GLN D 100 14.88 -30.81 -28.51
N LEU D 101 16.07 -30.74 -27.92
CA LEU D 101 16.19 -31.11 -26.53
C LEU D 101 15.36 -30.18 -25.67
N ALA D 102 15.47 -28.87 -25.90
CA ALA D 102 14.71 -27.93 -25.10
C ALA D 102 13.18 -28.14 -25.19
N ASN D 103 12.70 -28.56 -26.39
CA ASN D 103 11.31 -28.88 -26.67
C ASN D 103 10.85 -30.12 -25.86
N GLU D 104 11.75 -31.13 -25.64
CA GLU D 104 11.47 -32.36 -24.88
C GLU D 104 11.57 -32.21 -23.38
N THR D 105 12.47 -31.34 -22.91
CA THR D 105 12.67 -31.16 -21.48
C THR D 105 11.57 -30.33 -20.85
N THR D 106 10.77 -29.68 -21.68
CA THR D 106 9.71 -28.82 -21.21
C THR D 106 8.67 -29.57 -20.41
N GLN D 107 8.24 -30.76 -20.83
CA GLN D 107 7.23 -31.44 -20.05
C GLN D 107 7.70 -31.80 -18.66
N ALA D 108 8.93 -32.29 -18.55
CA ALA D 108 9.45 -32.67 -17.26
C ALA D 108 9.58 -31.47 -16.37
N LEU D 109 9.99 -30.34 -16.95
CA LEU D 109 10.18 -29.17 -16.16
C LEU D 109 8.87 -28.62 -15.66
N GLN D 110 7.83 -28.63 -16.48
CA GLN D 110 6.57 -28.11 -15.98
C GLN D 110 5.99 -28.98 -14.87
N LEU D 111 6.14 -30.32 -14.95
CA LEU D 111 5.59 -31.15 -13.88
C LEU D 111 6.37 -30.93 -12.60
N PHE D 112 7.67 -30.75 -12.73
CA PHE D 112 8.51 -30.47 -11.59
C PHE D 112 8.04 -29.22 -10.88
N LEU D 113 7.85 -28.15 -11.66
CA LEU D 113 7.45 -26.92 -11.06
C LEU D 113 6.08 -27.02 -10.42
N ARG D 114 5.17 -27.80 -10.98
CA ARG D 114 3.88 -27.93 -10.34
C ARG D 114 4.01 -28.45 -8.92
N ALA D 115 4.84 -29.46 -8.74
CA ALA D 115 5.06 -30.10 -7.45
C ALA D 115 5.75 -29.24 -6.38
N THR D 116 6.68 -28.37 -6.76
CA THR D 116 7.43 -27.63 -5.76
C THR D 116 6.71 -26.39 -5.23
N THR D 117 7.23 -25.81 -4.14
CA THR D 117 6.66 -24.60 -3.56
C THR D 117 7.55 -23.37 -3.61
N GLU D 118 8.78 -23.51 -4.09
CA GLU D 118 9.65 -22.37 -4.19
C GLU D 118 9.01 -21.41 -5.16
N LEU D 119 9.08 -20.12 -4.91
CA LEU D 119 8.51 -19.22 -5.89
C LEU D 119 9.47 -19.11 -7.05
N ARG D 120 10.77 -19.23 -6.77
CA ARG D 120 11.77 -19.15 -7.79
C ARG D 120 12.76 -20.28 -7.60
N THR D 121 12.99 -21.08 -8.63
CA THR D 121 13.93 -22.17 -8.50
C THR D 121 15.23 -21.92 -9.21
N PHE D 122 16.30 -21.92 -8.42
CA PHE D 122 17.66 -21.69 -8.89
C PHE D 122 18.52 -22.93 -8.69
N SER D 123 17.93 -23.96 -8.11
CA SER D 123 18.64 -25.16 -7.70
C SER D 123 18.57 -26.41 -8.55
N ILE D 124 18.03 -26.35 -9.76
CA ILE D 124 17.91 -27.58 -10.55
C ILE D 124 19.28 -28.17 -10.85
N LEU D 125 20.23 -27.34 -11.23
CA LEU D 125 21.53 -27.88 -11.56
C LEU D 125 22.33 -28.31 -10.34
N ASN D 126 22.07 -27.75 -9.16
CA ASN D 126 22.83 -28.21 -8.02
C ASN D 126 22.36 -29.60 -7.68
N ARG D 127 21.06 -29.86 -7.84
CA ARG D 127 20.55 -31.18 -7.59
C ARG D 127 21.15 -32.16 -8.56
N LYS D 128 21.35 -31.74 -9.81
CA LYS D 128 21.93 -32.65 -10.76
C LYS D 128 23.35 -33.01 -10.39
N ALA D 129 24.14 -32.05 -9.91
CA ALA D 129 25.49 -32.39 -9.52
C ALA D 129 25.48 -33.38 -8.36
N ILE D 130 24.55 -33.22 -7.43
CA ILE D 130 24.52 -34.14 -6.31
C ILE D 130 24.12 -35.53 -6.76
N ASP D 131 23.11 -35.67 -7.61
CA ASP D 131 22.73 -37.00 -8.07
C ASP D 131 23.85 -37.64 -8.85
N PHE D 132 24.57 -36.85 -9.64
CA PHE D 132 25.68 -37.40 -10.40
C PHE D 132 26.63 -38.08 -9.46
N LEU D 133 27.01 -37.38 -8.39
CA LEU D 133 27.93 -37.96 -7.46
C LEU D 133 27.34 -39.17 -6.72
N LEU D 134 26.08 -39.13 -6.31
CA LEU D 134 25.51 -40.27 -5.58
C LEU D 134 25.45 -41.54 -6.40
N GLN D 135 25.23 -41.42 -7.70
CA GLN D 135 25.15 -42.57 -8.58
C GLN D 135 26.48 -43.28 -8.77
N ARG D 136 27.58 -42.59 -8.51
CA ARG D 136 28.89 -43.13 -8.78
C ARG D 136 29.56 -43.51 -7.48
N TRP D 137 29.35 -42.69 -6.46
CA TRP D 137 29.90 -42.86 -5.14
C TRP D 137 28.81 -42.65 -4.08
N GLY D 138 27.88 -43.62 -3.95
CA GLY D 138 26.70 -43.56 -3.07
C GLY D 138 26.95 -44.34 -1.79
N SER E 36 34.83 -18.34 -9.02
CA SER E 36 36.23 -17.90 -8.91
C SER E 36 36.57 -17.18 -7.57
N ILE E 37 35.73 -17.35 -6.53
CA ILE E 37 35.89 -16.79 -5.19
C ILE E 37 36.88 -17.64 -4.41
N PRO E 38 38.01 -17.12 -3.93
CA PRO E 38 39.01 -17.84 -3.17
C PRO E 38 38.53 -18.31 -1.81
N LEU E 39 39.07 -19.44 -1.36
CA LEU E 39 38.85 -19.92 0.01
C LEU E 39 40.13 -19.92 0.78
N GLY E 40 40.07 -19.52 2.02
CA GLY E 40 41.24 -19.65 2.85
C GLY E 40 41.23 -21.03 3.43
N VAL E 41 42.39 -21.56 3.73
CA VAL E 41 42.47 -22.87 4.37
C VAL E 41 43.28 -22.73 5.62
N ILE E 42 42.71 -23.14 6.74
CA ILE E 42 43.44 -23.01 7.97
C ILE E 42 44.13 -24.29 8.34
N HIS E 43 45.44 -24.21 8.43
CA HIS E 43 46.32 -25.30 8.76
C HIS E 43 46.92 -25.12 10.14
N ASN E 44 47.75 -26.07 10.55
CA ASN E 44 48.47 -26.00 11.81
C ASN E 44 49.81 -25.28 11.61
N SER E 45 49.96 -24.73 10.41
CA SER E 45 51.07 -23.94 9.94
C SER E 45 50.57 -22.49 9.84
N THR E 46 49.89 -22.15 8.75
CA THR E 46 49.32 -20.82 8.59
C THR E 46 48.04 -20.85 7.72
N LEU E 47 47.62 -19.68 7.27
CA LEU E 47 46.44 -19.55 6.42
C LEU E 47 46.88 -19.54 4.96
N GLN E 48 46.40 -20.48 4.19
CA GLN E 48 46.77 -20.57 2.78
C GLN E 48 45.58 -20.31 1.90
N VAL E 49 45.81 -19.96 0.65
CA VAL E 49 44.67 -19.77 -0.23
C VAL E 49 44.56 -20.96 -1.13
N SER E 50 43.40 -21.58 -1.13
CA SER E 50 43.15 -22.77 -1.91
C SER E 50 43.23 -22.46 -3.38
N ASP E 51 43.79 -23.37 -4.15
CA ASP E 51 43.90 -23.19 -5.59
C ASP E 51 42.68 -23.80 -6.26
N VAL E 52 42.63 -23.71 -7.57
CA VAL E 52 41.57 -24.33 -8.34
C VAL E 52 42.21 -25.31 -9.30
N ASP E 53 43.49 -25.07 -9.62
CA ASP E 53 44.20 -25.94 -10.55
C ASP E 53 44.94 -27.06 -9.83
N LYS E 54 45.37 -26.77 -8.61
CA LYS E 54 46.11 -27.74 -7.82
C LYS E 54 45.21 -28.39 -6.80
N LEU E 55 45.14 -29.70 -6.84
CA LEU E 55 44.35 -30.42 -5.88
C LEU E 55 45.24 -30.86 -4.75
N VAL E 56 44.85 -30.53 -3.54
CA VAL E 56 45.64 -30.94 -2.42
C VAL E 56 44.95 -32.12 -1.77
N CYS E 57 45.61 -33.26 -1.84
CA CYS E 57 45.00 -34.49 -1.37
C CYS E 57 44.80 -34.53 0.13
N ARG E 58 45.61 -33.79 0.88
CA ARG E 58 45.47 -33.81 2.33
C ARG E 58 44.50 -32.76 2.85
N ASP E 59 43.90 -31.95 1.99
CA ASP E 59 42.98 -30.92 2.47
C ASP E 59 41.60 -31.50 2.59
N LYS E 60 41.46 -32.34 3.60
CA LYS E 60 40.25 -33.07 3.86
C LYS E 60 39.13 -32.19 4.33
N LEU E 61 37.94 -32.44 3.80
CA LEU E 61 36.76 -31.73 4.22
C LEU E 61 35.82 -32.82 4.69
N SER E 62 35.49 -32.85 5.98
CA SER E 62 34.67 -33.94 6.47
C SER E 62 33.19 -33.66 6.50
N SER E 63 32.81 -32.39 6.49
CA SER E 63 31.41 -32.02 6.52
C SER E 63 31.28 -30.59 6.05
N THR E 64 30.07 -30.16 5.82
CA THR E 64 29.83 -28.79 5.44
C THR E 64 29.95 -27.84 6.62
N ASN E 65 30.09 -28.36 7.83
CA ASN E 65 30.17 -27.51 8.99
C ASN E 65 31.57 -26.96 9.15
N GLN E 66 32.48 -27.40 8.31
CA GLN E 66 33.84 -26.90 8.34
C GLN E 66 33.98 -25.70 7.40
N LEU E 67 32.92 -25.36 6.68
CA LEU E 67 32.97 -24.22 5.78
C LEU E 67 32.39 -23.04 6.50
N ARG E 68 33.05 -21.90 6.45
CA ARG E 68 32.55 -20.73 7.17
C ARG E 68 32.63 -19.40 6.43
N SER E 69 31.52 -18.64 6.48
CA SER E 69 31.45 -17.27 5.94
C SER E 69 31.66 -16.24 7.04
N VAL E 70 32.71 -15.44 6.93
CA VAL E 70 33.04 -14.47 7.98
C VAL E 70 33.03 -13.00 7.54
N GLY E 71 32.25 -12.19 8.25
CA GLY E 71 32.18 -10.75 7.97
C GLY E 71 33.15 -9.96 8.87
N LEU E 72 34.10 -9.28 8.24
CA LEU E 72 35.09 -8.47 8.96
C LEU E 72 34.85 -7.00 8.71
N ASN E 73 35.19 -6.17 9.68
CA ASN E 73 34.96 -4.73 9.54
C ASN E 73 36.13 -4.00 8.90
N LEU E 74 35.84 -2.88 8.23
CA LEU E 74 36.91 -2.11 7.60
C LEU E 74 37.72 -1.36 8.61
N GLU E 75 37.16 -1.07 9.76
CA GLU E 75 37.86 -0.31 10.78
C GLU E 75 39.11 -1.04 11.25
N GLY E 76 39.18 -2.36 11.03
CA GLY E 76 40.33 -3.13 11.47
C GLY E 76 41.53 -2.88 10.58
N ASN E 77 41.33 -2.19 9.47
CA ASN E 77 42.40 -1.86 8.54
C ASN E 77 42.83 -0.41 8.70
N GLY E 78 42.29 0.28 9.70
CA GLY E 78 42.67 1.67 9.89
C GLY E 78 41.93 2.71 9.05
N VAL E 79 40.76 2.39 8.53
CA VAL E 79 40.07 3.39 7.75
C VAL E 79 39.49 4.40 8.71
N ALA E 80 39.45 5.67 8.34
CA ALA E 80 38.86 6.65 9.24
C ALA E 80 37.39 6.32 9.45
N THR E 81 36.92 6.52 10.68
CA THR E 81 35.53 6.27 11.05
C THR E 81 34.70 7.49 11.47
N ASP E 82 35.25 8.69 11.45
CA ASP E 82 34.45 9.84 11.85
C ASP E 82 33.38 10.08 10.80
N VAL E 83 32.25 10.64 11.18
CA VAL E 83 31.22 10.83 10.17
C VAL E 83 31.65 11.66 8.95
N PRO E 84 32.29 12.83 9.07
CA PRO E 84 32.72 13.62 7.95
C PRO E 84 33.55 12.85 6.92
N SER E 85 34.41 11.92 7.35
CA SER E 85 35.20 11.18 6.38
C SER E 85 34.49 9.95 5.86
N VAL E 86 33.66 9.34 6.69
CA VAL E 86 32.99 8.11 6.30
C VAL E 86 32.05 8.30 5.17
N THR E 87 31.30 9.37 5.19
CA THR E 87 30.31 9.58 4.17
C THR E 87 30.93 9.91 2.84
N LYS E 88 32.23 10.15 2.77
CA LYS E 88 32.81 10.46 1.48
C LYS E 88 33.14 9.21 0.72
N ARG E 89 32.96 8.06 1.37
CA ARG E 89 33.20 6.78 0.73
C ARG E 89 31.93 6.21 0.12
N TRP E 90 30.81 6.90 0.29
CA TRP E 90 29.52 6.41 -0.16
C TRP E 90 28.98 7.32 -1.25
N GLY E 91 28.16 6.81 -2.14
CA GLY E 91 27.56 7.71 -3.13
C GLY E 91 26.36 7.11 -3.78
N PHE E 92 25.70 7.86 -4.64
CA PHE E 92 24.49 7.33 -5.25
C PHE E 92 24.60 7.03 -6.71
N ARG E 93 23.87 5.98 -7.10
CA ARG E 93 23.79 5.55 -8.49
C ARG E 93 22.47 4.89 -8.84
N SER E 94 22.14 4.91 -10.12
CA SER E 94 20.95 4.26 -10.65
C SER E 94 21.33 3.28 -11.77
N GLY E 95 20.44 2.34 -12.07
CA GLY E 95 20.66 1.37 -13.16
C GLY E 95 21.29 0.05 -12.69
N VAL E 96 21.67 0.02 -11.43
CA VAL E 96 22.28 -1.13 -10.80
C VAL E 96 21.41 -1.60 -9.64
N PRO E 97 20.92 -2.84 -9.62
CA PRO E 97 20.10 -3.38 -8.56
C PRO E 97 20.98 -3.73 -7.35
N PRO E 98 20.44 -3.74 -6.13
CA PRO E 98 21.07 -4.19 -4.92
C PRO E 98 21.09 -5.69 -4.82
N LYS E 99 22.09 -6.26 -4.15
CA LYS E 99 22.12 -7.70 -3.86
C LYS E 99 22.73 -8.02 -2.49
N VAL E 100 22.36 -9.17 -1.87
CA VAL E 100 23.02 -9.54 -0.59
C VAL E 100 23.56 -10.97 -0.52
N VAL E 101 24.49 -11.20 0.44
CA VAL E 101 25.04 -12.55 0.77
C VAL E 101 25.03 -12.78 2.27
N ASN E 102 25.01 -14.03 2.72
CA ASN E 102 25.05 -14.23 4.17
C ASN E 102 26.40 -14.43 4.87
N TYR E 103 26.37 -14.28 6.20
CA TYR E 103 27.50 -14.51 7.11
C TYR E 103 27.09 -15.58 8.05
N GLU E 104 28.05 -16.29 8.58
CA GLU E 104 27.77 -17.18 9.65
C GLU E 104 28.34 -16.59 10.95
N ALA E 105 29.37 -15.77 10.82
CA ALA E 105 30.03 -15.17 11.96
C ALA E 105 30.63 -13.84 11.57
N GLY E 106 30.93 -13.01 12.56
CA GLY E 106 31.61 -11.75 12.25
C GLY E 106 32.12 -10.98 13.46
N GLU E 107 32.72 -9.83 13.18
CA GLU E 107 33.30 -8.97 14.22
C GLU E 107 32.37 -8.04 14.93
N TRP E 108 32.76 -7.66 16.15
CA TRP E 108 32.08 -6.60 16.87
C TRP E 108 32.56 -5.31 16.26
N ALA E 109 31.69 -4.34 16.10
CA ALA E 109 32.16 -3.09 15.51
C ALA E 109 32.31 -2.03 16.55
N GLU E 110 33.31 -1.22 16.43
CA GLU E 110 33.37 -0.10 17.33
C GLU E 110 32.44 0.95 16.76
N ASN E 111 32.46 1.14 15.43
CA ASN E 111 31.63 2.19 14.85
C ASN E 111 30.64 1.73 13.78
N CYS E 112 29.36 1.79 14.11
CA CYS E 112 28.26 1.48 13.19
C CYS E 112 27.55 2.76 12.79
N TYR E 113 26.85 2.72 11.68
CA TYR E 113 26.16 3.90 11.18
C TYR E 113 24.70 3.61 10.95
N ASN E 114 23.86 4.62 11.04
CA ASN E 114 22.43 4.48 10.78
C ASN E 114 21.92 5.72 10.06
N LEU E 115 21.51 5.61 8.79
CA LEU E 115 21.11 6.83 8.09
C LEU E 115 19.62 7.00 7.84
N GLU E 116 19.17 8.24 7.98
CA GLU E 116 17.80 8.66 7.65
C GLU E 116 17.87 9.97 6.86
N ILE E 117 18.08 9.83 5.56
CA ILE E 117 18.31 10.99 4.71
C ILE E 117 17.17 11.22 3.76
N LYS E 118 16.72 12.47 3.71
CA LYS E 118 15.64 12.93 2.85
C LYS E 118 16.11 13.90 1.78
N LYS E 119 15.34 13.99 0.72
CA LYS E 119 15.61 14.95 -0.31
C LYS E 119 15.13 16.30 0.19
N PRO E 120 15.56 17.42 -0.39
CA PRO E 120 15.10 18.75 -0.01
C PRO E 120 13.59 18.92 -0.10
N ASP E 121 12.90 18.10 -0.89
CA ASP E 121 11.45 18.23 -1.02
C ASP E 121 10.69 17.39 0.00
N GLY E 122 11.41 16.76 0.93
CA GLY E 122 10.81 15.97 1.99
C GLY E 122 10.65 14.47 1.71
N SER E 123 10.91 14.03 0.48
CA SER E 123 10.79 12.61 0.13
C SER E 123 12.00 11.83 0.63
N GLU E 124 11.92 10.50 0.64
CA GLU E 124 13.03 9.69 1.15
C GLU E 124 14.11 9.41 0.10
N CYS E 125 15.41 9.31 0.52
CA CYS E 125 16.55 8.94 -0.33
C CYS E 125 16.83 7.45 -0.30
N LEU E 126 16.65 6.84 0.86
CA LEU E 126 17.00 5.44 1.01
C LEU E 126 15.73 4.61 1.06
N PRO E 127 15.73 3.39 0.53
CA PRO E 127 14.63 2.44 0.53
C PRO E 127 14.40 1.85 1.89
N ALA E 128 13.18 1.43 2.18
CA ALA E 128 12.98 0.75 3.45
C ALA E 128 13.65 -0.59 3.41
N ALA E 129 14.18 -1.04 4.54
CA ALA E 129 14.77 -2.36 4.54
C ALA E 129 13.68 -3.41 4.32
N PRO E 130 13.92 -4.44 3.52
CA PRO E 130 13.03 -5.56 3.27
C PRO E 130 13.00 -6.52 4.44
N ASP E 131 12.01 -7.39 4.47
CA ASP E 131 11.91 -8.38 5.52
C ASP E 131 13.15 -9.22 5.61
N GLY E 132 13.59 -9.43 6.82
CA GLY E 132 14.77 -10.24 7.08
C GLY E 132 16.03 -9.40 7.30
N ILE E 133 15.98 -8.11 6.97
CA ILE E 133 17.15 -7.29 7.22
C ILE E 133 16.99 -6.64 8.56
N ARG E 134 17.97 -6.85 9.39
CA ARG E 134 18.00 -6.34 10.75
C ARG E 134 19.33 -5.67 10.96
N GLY E 135 19.43 -4.82 11.96
CA GLY E 135 20.69 -4.12 12.18
C GLY E 135 21.79 -5.02 12.69
N PHE E 136 23.00 -4.53 12.55
CA PHE E 136 24.21 -5.24 12.96
C PHE E 136 24.12 -5.43 14.49
N PRO E 137 24.22 -6.66 15.03
CA PRO E 137 24.00 -7.00 16.42
C PRO E 137 24.96 -6.55 17.48
N ARG E 138 26.18 -6.17 17.07
CA ARG E 138 27.29 -5.91 18.03
C ARG E 138 28.01 -4.60 17.65
N CYS E 139 27.41 -3.45 17.96
CA CYS E 139 28.08 -2.14 17.69
C CYS E 139 28.40 -1.46 19.02
N ARG E 140 29.55 -0.77 19.11
CA ARG E 140 29.92 -0.04 20.34
C ARG E 140 29.29 1.36 20.27
N TYR E 141 29.63 2.14 19.24
CA TYR E 141 28.99 3.47 19.05
C TYR E 141 28.20 3.44 17.75
N VAL E 142 26.97 3.94 17.78
CA VAL E 142 26.17 4.06 16.58
C VAL E 142 26.10 5.50 16.21
N HIS E 143 26.44 5.82 14.98
CA HIS E 143 26.40 7.18 14.53
C HIS E 143 25.18 7.34 13.67
N LYS E 144 24.16 7.94 14.24
CA LYS E 144 22.90 8.10 13.56
C LYS E 144 22.87 9.45 12.90
N VAL E 145 22.71 9.47 11.60
CA VAL E 145 22.75 10.73 10.89
C VAL E 145 21.43 10.97 10.22
N SER E 146 20.83 12.09 10.57
CA SER E 146 19.55 12.50 10.04
C SER E 146 19.72 13.80 9.32
N GLY E 147 19.10 13.93 8.19
CA GLY E 147 19.28 15.19 7.50
C GLY E 147 18.82 15.11 6.08
N THR E 148 19.23 16.11 5.31
CA THR E 148 18.83 16.16 3.92
C THR E 148 20.00 16.42 3.02
N GLY E 149 19.78 16.16 1.74
CA GLY E 149 20.77 16.44 0.72
C GLY E 149 20.30 15.92 -0.61
N PRO E 150 21.00 16.21 -1.69
CA PRO E 150 20.69 15.74 -3.00
C PRO E 150 20.98 14.27 -2.94
N CYS E 151 20.18 13.44 -3.64
CA CYS E 151 20.33 11.99 -3.71
C CYS E 151 20.15 11.62 -5.17
N ALA E 152 21.26 11.65 -5.89
CA ALA E 152 21.31 11.51 -7.34
C ALA E 152 20.78 10.19 -7.92
N GLY E 153 20.94 9.10 -7.21
CA GLY E 153 20.58 7.80 -7.76
C GLY E 153 19.39 7.15 -7.09
N ASP E 154 19.32 5.83 -7.20
CA ASP E 154 18.22 5.08 -6.63
C ASP E 154 18.67 4.53 -5.31
N PHE E 155 19.95 4.15 -5.26
CA PHE E 155 20.52 3.53 -4.09
C PHE E 155 21.86 4.10 -3.77
N ALA E 156 22.22 4.05 -2.51
CA ALA E 156 23.55 4.42 -2.09
C ALA E 156 24.43 3.19 -2.07
N PHE E 157 25.55 3.27 -2.78
CA PHE E 157 26.52 2.20 -2.94
C PHE E 157 27.87 2.56 -2.34
N HIS E 158 28.64 1.55 -1.95
CA HIS E 158 29.96 1.82 -1.43
C HIS E 158 30.94 2.05 -2.59
N LYS E 159 31.72 3.11 -2.54
CA LYS E 159 32.63 3.43 -3.62
C LYS E 159 33.85 2.56 -3.75
N GLU E 160 34.25 1.84 -2.71
CA GLU E 160 35.44 1.03 -2.81
C GLU E 160 35.03 -0.41 -3.08
N GLY E 161 33.74 -0.63 -3.19
CA GLY E 161 33.23 -1.96 -3.37
C GLY E 161 33.06 -2.72 -2.08
N ALA E 162 33.14 -2.06 -0.92
CA ALA E 162 32.97 -2.80 0.32
C ALA E 162 31.49 -3.03 0.50
N PHE E 163 31.12 -3.87 1.43
CA PHE E 163 29.74 -4.17 1.68
C PHE E 163 29.23 -3.50 2.94
N PHE E 164 27.94 -3.25 2.97
CA PHE E 164 27.35 -2.75 4.18
C PHE E 164 26.93 -3.97 4.94
N LEU E 165 27.32 -4.09 6.18
CA LEU E 165 27.03 -5.30 6.91
C LEU E 165 25.83 -5.14 7.81
N TYR E 166 24.82 -5.94 7.56
CA TYR E 166 23.59 -5.97 8.33
C TYR E 166 23.68 -7.26 9.14
N ASP E 167 22.71 -7.52 10.01
CA ASP E 167 22.84 -8.64 10.94
C ASP E 167 23.69 -9.80 10.46
N ARG E 168 23.22 -10.60 9.51
CA ARG E 168 24.03 -11.71 9.03
C ARG E 168 23.97 -11.73 7.53
N LEU E 169 23.88 -10.53 6.98
CA LEU E 169 23.80 -10.29 5.55
C LEU E 169 24.60 -9.09 5.08
N ALA E 170 25.48 -9.29 4.12
CA ALA E 170 26.21 -8.17 3.57
C ALA E 170 25.42 -7.69 2.39
N SER E 171 25.42 -6.41 2.17
CA SER E 171 24.68 -5.83 1.08
C SER E 171 25.43 -4.82 0.30
N THR E 172 25.12 -4.71 -0.95
CA THR E 172 25.74 -3.70 -1.75
C THR E 172 25.18 -2.30 -1.51
N VAL E 173 24.02 -2.20 -0.82
CA VAL E 173 23.39 -0.89 -0.57
C VAL E 173 23.02 -0.58 0.88
N ILE E 174 22.77 0.70 1.10
CA ILE E 174 22.31 1.19 2.39
C ILE E 174 20.79 1.22 2.50
N TYR E 175 20.23 0.62 3.55
CA TYR E 175 18.78 0.63 3.76
C TYR E 175 18.44 1.68 4.79
N ARG E 176 17.27 2.30 4.64
CA ARG E 176 16.88 3.38 5.51
C ARG E 176 16.58 2.95 6.92
N GLY E 177 17.18 3.65 7.87
CA GLY E 177 16.91 3.45 9.29
C GLY E 177 17.58 2.23 9.90
N THR E 178 18.42 1.53 9.14
CA THR E 178 19.01 0.30 9.66
C THR E 178 20.48 0.48 9.99
N THR E 179 20.88 0.02 11.17
CA THR E 179 22.26 0.11 11.64
C THR E 179 23.16 -0.86 10.92
N PHE E 180 24.30 -0.39 10.42
CA PHE E 180 25.24 -1.23 9.69
C PHE E 180 26.70 -0.90 9.93
N ALA E 181 27.56 -1.87 9.64
CA ALA E 181 29.00 -1.68 9.73
C ALA E 181 29.58 -1.73 8.33
N GLU E 182 30.71 -1.12 8.06
CA GLU E 182 31.29 -1.33 6.72
C GLU E 182 32.23 -2.52 6.77
N GLY E 183 32.29 -3.34 5.72
CA GLY E 183 33.21 -4.47 5.75
C GLY E 183 33.31 -5.34 4.50
N VAL E 184 34.01 -6.43 4.69
CA VAL E 184 34.33 -7.41 3.65
C VAL E 184 34.04 -8.84 4.10
N VAL E 185 33.87 -9.76 3.16
CA VAL E 185 33.56 -11.14 3.53
C VAL E 185 34.59 -12.15 3.07
N ALA E 186 35.04 -12.98 4.00
CA ALA E 186 35.98 -14.06 3.71
C ALA E 186 35.26 -15.39 3.71
N PHE E 187 35.75 -16.32 2.92
CA PHE E 187 35.21 -17.67 2.96
C PHE E 187 36.38 -18.58 3.26
N LEU E 188 36.18 -19.59 4.09
CA LEU E 188 37.26 -20.51 4.41
C LEU E 188 36.91 -21.90 4.94
N ILE E 189 37.93 -22.75 5.02
CA ILE E 189 37.87 -24.09 5.62
C ILE E 189 38.55 -24.04 6.99
N LEU E 190 37.75 -24.21 8.03
CA LEU E 190 38.17 -24.00 9.43
C LEU E 190 39.24 -24.84 10.15
N PRO E 191 39.35 -26.21 10.04
CA PRO E 191 40.33 -27.06 10.76
C PRO E 191 41.77 -26.56 10.67
N SER E 219 24.38 -0.09 22.76
CA SER E 219 25.34 0.86 22.21
C SER E 219 24.98 2.25 22.75
N THR E 220 25.88 3.24 22.58
CA THR E 220 25.74 4.61 23.11
C THR E 220 24.95 5.63 22.28
N THR E 221 24.63 5.31 21.04
CA THR E 221 23.92 6.18 20.08
C THR E 221 24.26 7.69 20.13
N ILE E 222 25.03 8.12 19.16
CA ILE E 222 25.44 9.49 18.96
C ILE E 222 24.65 10.04 17.79
N ARG E 223 23.97 11.17 17.97
CA ARG E 223 23.13 11.72 16.91
C ARG E 223 23.73 12.92 16.23
N TYR E 224 23.59 12.95 14.91
CA TYR E 224 24.07 14.05 14.12
C TYR E 224 23.02 14.56 13.16
N GLN E 225 23.08 15.85 12.87
CA GLN E 225 22.27 16.43 11.83
C GLN E 225 23.15 16.62 10.63
N ALA E 226 22.57 16.52 9.45
CA ALA E 226 23.37 16.74 8.25
C ALA E 226 22.65 17.58 7.22
N THR E 227 23.46 18.36 6.52
CA THR E 227 22.97 19.16 5.41
C THR E 227 23.86 18.95 4.19
N GLY E 228 23.21 18.66 3.06
CA GLY E 228 23.92 18.42 1.81
C GLY E 228 24.48 17.01 1.81
N PHE E 229 23.86 16.13 2.55
CA PHE E 229 24.38 14.78 2.74
C PHE E 229 25.01 14.07 1.53
N GLY E 230 24.39 14.10 0.37
CA GLY E 230 24.91 13.33 -0.75
C GLY E 230 26.01 14.00 -1.61
N THR E 231 26.42 15.22 -1.28
CA THR E 231 27.41 15.93 -2.10
C THR E 231 28.81 15.91 -1.44
N ASN E 232 29.81 16.57 -2.09
CA ASN E 232 31.20 16.64 -1.66
C ASN E 232 31.41 17.62 -0.49
N GLU E 233 30.80 18.83 -0.55
CA GLU E 233 30.83 19.87 0.47
C GLU E 233 29.59 19.79 1.31
N THR E 234 29.72 19.22 2.51
CA THR E 234 28.58 18.99 3.38
C THR E 234 28.91 19.49 4.75
N GLU E 235 27.89 19.64 5.60
CA GLU E 235 28.19 20.03 6.97
C GLU E 235 27.42 19.20 7.98
N TYR E 236 28.03 19.02 9.16
CA TYR E 236 27.42 18.24 10.22
C TYR E 236 27.45 18.93 11.57
N LEU E 237 26.41 18.63 12.36
CA LEU E 237 26.28 19.06 13.74
C LEU E 237 26.05 17.91 14.70
N PHE E 238 26.67 17.99 15.86
CA PHE E 238 26.43 17.02 16.90
C PHE E 238 25.30 17.47 17.78
N GLU E 239 24.30 16.62 17.93
CA GLU E 239 23.12 16.97 18.69
C GLU E 239 23.19 16.61 20.15
N VAL E 240 23.05 17.63 20.98
CA VAL E 240 23.09 17.49 22.43
C VAL E 240 21.67 17.44 22.93
N ASP E 241 20.85 18.31 22.36
CA ASP E 241 19.44 18.44 22.71
C ASP E 241 18.69 18.89 21.45
N ASN E 242 17.35 19.06 21.48
CA ASN E 242 16.55 19.47 20.32
C ASN E 242 16.98 20.83 19.74
N LEU E 243 17.39 21.75 20.64
CA LEU E 243 17.85 23.10 20.36
C LEU E 243 19.31 23.29 20.68
N THR E 244 20.07 22.23 20.93
CA THR E 244 21.48 22.46 21.28
C THR E 244 22.40 21.62 20.41
N TYR E 245 23.32 22.29 19.70
CA TYR E 245 24.21 21.60 18.78
C TYR E 245 25.65 22.05 18.89
N VAL E 246 26.56 21.17 18.50
CA VAL E 246 27.97 21.51 18.46
C VAL E 246 28.51 21.29 17.05
N GLN E 247 29.26 22.25 16.52
CA GLN E 247 29.79 22.06 15.17
C GLN E 247 30.68 20.84 15.17
N LEU E 248 30.54 19.99 14.15
CA LEU E 248 31.32 18.76 14.11
C LEU E 248 32.60 18.93 13.32
N GLU E 249 33.66 18.27 13.78
CA GLU E 249 34.93 18.27 13.09
C GLU E 249 35.47 16.86 12.98
N SER E 250 36.31 16.63 11.99
CA SER E 250 36.93 15.32 11.73
C SER E 250 37.95 14.92 12.80
N ARG E 251 38.33 15.86 13.64
CA ARG E 251 39.31 15.60 14.69
C ARG E 251 38.65 15.11 15.96
N PHE E 252 37.32 14.99 15.96
CA PHE E 252 36.64 14.54 17.15
C PHE E 252 36.44 13.04 17.13
N THR E 253 36.66 12.39 18.26
CA THR E 253 36.44 10.98 18.39
C THR E 253 35.11 10.79 19.10
N PRO E 254 34.46 9.63 19.04
CA PRO E 254 33.24 9.33 19.76
C PRO E 254 33.36 9.62 21.24
N GLN E 255 34.53 9.35 21.83
CA GLN E 255 34.67 9.57 23.24
C GLN E 255 34.67 11.06 23.55
N PHE E 256 35.26 11.83 22.65
CA PHE E 256 35.32 13.26 22.80
C PHE E 256 33.92 13.82 22.82
N LEU E 257 33.09 13.37 21.88
CA LEU E 257 31.75 13.88 21.81
C LEU E 257 30.96 13.51 23.05
N LEU E 258 31.18 12.32 23.59
CA LEU E 258 30.47 11.98 24.80
C LEU E 258 30.90 12.86 25.95
N GLN E 259 32.19 13.18 26.01
CA GLN E 259 32.65 14.04 27.10
C GLN E 259 32.07 15.43 26.95
N LEU E 260 31.95 15.93 25.71
CA LEU E 260 31.35 17.24 25.57
C LEU E 260 29.89 17.22 25.95
N ASN E 261 29.14 16.14 25.61
CA ASN E 261 27.73 16.00 25.93
C ASN E 261 27.51 16.04 27.45
N GLU E 262 28.41 15.40 28.25
CA GLU E 262 28.32 15.42 29.70
C GLU E 262 28.65 16.78 30.29
N THR E 263 29.66 17.48 29.82
CA THR E 263 29.92 18.74 30.49
C THR E 263 28.89 19.79 30.12
N ILE E 264 28.44 19.79 28.87
CA ILE E 264 27.46 20.77 28.45
C ILE E 264 26.12 20.52 29.07
N TYR E 265 25.68 19.28 29.03
CA TYR E 265 24.37 18.98 29.54
C TYR E 265 24.35 19.17 31.06
N ALA E 266 25.36 18.61 31.75
CA ALA E 266 25.42 18.67 33.21
C ALA E 266 25.54 20.08 33.76
N SER E 267 26.24 20.95 33.05
CA SER E 267 26.45 22.31 33.51
C SER E 267 25.30 23.23 33.11
N GLY E 268 24.34 22.74 32.33
CA GLY E 268 23.23 23.54 31.89
C GLY E 268 23.55 24.51 30.77
N LYS E 269 24.61 24.27 29.98
CA LYS E 269 24.94 25.24 28.93
C LYS E 269 24.21 24.87 27.65
N ARG E 270 22.90 24.90 27.75
CA ARG E 270 21.96 24.48 26.74
C ARG E 270 20.95 25.55 26.46
N SER E 271 20.30 25.49 25.32
CA SER E 271 19.30 26.49 25.06
C SER E 271 18.13 26.42 26.07
N ASN E 272 17.71 27.60 26.57
CA ASN E 272 16.60 27.90 27.49
C ASN E 272 15.40 28.55 26.74
N THR E 273 15.71 29.41 25.74
CA THR E 273 14.83 30.15 24.83
C THR E 273 14.42 29.19 23.74
N THR E 274 13.65 29.65 22.78
CA THR E 274 13.21 28.75 21.73
C THR E 274 14.21 28.68 20.58
N GLY E 275 15.30 29.43 20.67
CA GLY E 275 16.27 29.44 19.59
C GLY E 275 17.26 28.27 19.69
N LYS E 276 18.02 28.05 18.63
CA LYS E 276 19.03 27.01 18.65
C LYS E 276 20.34 27.57 19.12
N LEU E 277 20.97 26.89 20.04
CA LEU E 277 22.25 27.33 20.55
C LEU E 277 23.33 26.51 19.87
N ILE E 278 24.17 27.17 19.09
CA ILE E 278 25.19 26.43 18.36
C ILE E 278 26.58 26.74 18.90
N TRP E 279 27.22 25.70 19.39
CA TRP E 279 28.55 25.73 19.96
C TRP E 279 29.67 25.51 18.99
N LYS E 280 30.77 26.19 19.22
CA LYS E 280 31.95 25.95 18.42
C LYS E 280 33.13 25.71 19.34
N VAL E 281 33.72 24.54 19.16
CA VAL E 281 34.83 24.09 19.98
C VAL E 281 36.00 25.03 19.85
N ASN E 282 36.69 25.29 20.94
CA ASN E 282 37.87 26.10 20.83
C ASN E 282 38.81 25.36 19.88
N PRO E 283 39.41 26.00 18.88
CA PRO E 283 40.35 25.41 17.93
C PRO E 283 41.51 24.61 18.54
N GLU E 284 41.94 24.94 19.79
CA GLU E 284 43.04 24.26 20.50
C GLU E 284 42.42 23.15 21.35
N GLU F 1 26.56 41.64 18.78
CA GLU F 1 27.75 41.74 17.92
C GLU F 1 27.45 41.67 16.39
N VAL F 2 26.27 41.14 16.02
CA VAL F 2 25.78 40.92 14.65
C VAL F 2 25.22 42.20 14.03
N GLN F 3 25.63 42.48 12.79
CA GLN F 3 25.16 43.63 12.04
C GLN F 3 24.90 43.30 10.59
N LEU F 4 23.81 43.84 10.05
CA LEU F 4 23.54 43.64 8.63
C LEU F 4 23.13 44.95 7.98
N VAL F 5 23.70 45.27 6.81
CA VAL F 5 23.36 46.53 6.14
C VAL F 5 22.83 46.42 4.72
N GLU F 6 21.63 46.98 4.55
CA GLU F 6 20.84 47.06 3.32
C GLU F 6 21.40 47.99 2.26
N SER F 7 21.21 47.60 1.02
CA SER F 7 21.56 48.35 -0.18
C SER F 7 20.69 47.94 -1.37
N GLY F 8 20.97 48.52 -2.53
CA GLY F 8 20.24 48.18 -3.75
C GLY F 8 18.86 48.85 -3.90
N GLY F 9 18.62 49.94 -3.19
CA GLY F 9 17.32 50.61 -3.25
C GLY F 9 17.35 51.79 -4.23
N GLY F 10 16.54 52.81 -3.95
CA GLY F 10 16.41 53.97 -4.82
C GLY F 10 15.16 53.90 -5.70
N LEU F 11 15.14 54.71 -6.76
CA LEU F 11 13.95 54.85 -7.61
C LEU F 11 13.87 53.89 -8.77
N VAL F 12 12.73 53.20 -8.81
CA VAL F 12 12.35 52.23 -9.83
C VAL F 12 10.95 52.60 -10.34
N LYS F 13 10.69 52.35 -11.60
CA LYS F 13 9.35 52.64 -12.11
C LYS F 13 8.39 51.46 -11.86
N PRO F 14 7.08 51.70 -11.65
CA PRO F 14 6.07 50.70 -11.46
C PRO F 14 6.00 49.92 -12.73
N GLY F 15 5.74 48.64 -12.61
CA GLY F 15 5.67 47.72 -13.72
C GLY F 15 7.03 47.05 -13.89
N GLY F 16 8.06 47.58 -13.22
CA GLY F 16 9.40 47.04 -13.30
C GLY F 16 9.72 46.13 -12.13
N SER F 17 11.01 46.02 -11.86
CA SER F 17 11.51 45.17 -10.80
C SER F 17 12.88 45.63 -10.32
N LEU F 18 13.25 45.18 -9.14
CA LEU F 18 14.58 45.43 -8.60
C LEU F 18 14.99 44.37 -7.59
N ARG F 19 16.28 44.26 -7.32
CA ARG F 19 16.72 43.35 -6.29
C ARG F 19 17.51 44.07 -5.22
N LEU F 20 17.05 43.94 -3.98
CA LEU F 20 17.72 44.58 -2.85
C LEU F 20 18.67 43.58 -2.29
N SER F 21 19.65 44.07 -1.57
CA SER F 21 20.61 43.20 -0.91
C SER F 21 20.85 43.70 0.51
N CYS F 22 21.34 42.81 1.40
CA CYS F 22 21.76 43.12 2.76
C CYS F 22 22.92 42.23 3.18
N THR F 23 24.08 42.85 3.35
CA THR F 23 25.29 42.11 3.65
C THR F 23 25.69 42.32 5.09
N GLY F 24 25.98 41.23 5.78
CA GLY F 24 26.38 41.40 7.17
C GLY F 24 27.67 40.74 7.59
N SER F 25 27.91 40.83 8.89
CA SER F 25 29.07 40.30 9.59
C SER F 25 28.78 40.17 11.09
N GLY F 26 29.70 39.55 11.84
CA GLY F 26 29.59 39.45 13.31
C GLY F 26 28.97 38.14 13.78
N GLY F 27 28.48 37.37 12.82
CA GLY F 27 27.85 36.09 13.07
C GLY F 27 28.85 34.97 12.81
N THR F 28 28.33 33.79 12.50
CA THR F 28 29.12 32.59 12.28
C THR F 28 28.99 32.09 10.86
N GLY F 29 28.44 32.97 10.02
CA GLY F 29 28.13 32.70 8.64
C GLY F 29 26.63 32.67 8.62
N PHE F 30 26.01 33.13 7.56
CA PHE F 30 24.54 33.21 7.56
C PHE F 30 23.82 32.10 6.83
N THR F 31 24.54 31.08 6.41
CA THR F 31 23.91 30.02 5.63
C THR F 31 23.59 28.79 6.44
N PHE F 32 24.56 28.35 7.22
CA PHE F 32 24.43 27.14 8.01
C PHE F 32 24.73 27.56 9.42
N LYS F 33 24.18 26.87 10.41
CA LYS F 33 24.43 27.22 11.80
C LYS F 33 24.07 28.66 11.99
N TYR F 34 22.92 29.06 11.47
CA TYR F 34 22.55 30.44 11.59
C TYR F 34 21.08 30.64 11.45
N ALA F 35 20.61 31.75 11.95
CA ALA F 35 19.24 32.18 11.84
C ALA F 35 18.88 32.43 10.40
N GLY F 36 17.62 32.22 10.07
CA GLY F 36 17.17 32.55 8.74
C GLY F 36 17.01 34.05 8.76
N MET F 37 16.70 34.63 7.62
CA MET F 37 16.60 36.09 7.59
C MET F 37 15.39 36.60 6.89
N SER F 38 14.83 37.67 7.45
CA SER F 38 13.62 38.23 6.91
C SER F 38 13.75 39.60 6.34
N TRP F 39 12.76 39.93 5.52
CA TRP F 39 12.58 41.29 5.09
C TRP F 39 11.27 41.77 5.69
N VAL F 40 11.30 43.02 6.11
CA VAL F 40 10.20 43.78 6.68
C VAL F 40 10.20 45.14 6.02
N ARG F 41 9.05 45.70 5.73
CA ARG F 41 9.08 47.05 5.17
C ARG F 41 8.23 47.98 5.97
N GLN F 42 8.59 49.25 5.93
CA GLN F 42 7.77 50.22 6.61
C GLN F 42 7.64 51.48 5.79
N ALA F 43 6.44 51.72 5.28
CA ALA F 43 6.26 52.93 4.51
C ALA F 43 6.28 54.07 5.50
N PRO F 44 6.76 55.26 5.17
CA PRO F 44 6.70 56.37 6.07
C PRO F 44 5.27 56.58 6.50
N GLY F 45 5.06 56.77 7.81
CA GLY F 45 3.72 56.98 8.37
C GLY F 45 2.98 55.68 8.72
N LYS F 46 3.56 54.54 8.37
CA LYS F 46 2.95 53.23 8.60
C LYS F 46 3.81 52.38 9.53
N GLY F 47 3.22 51.33 10.10
CA GLY F 47 3.99 50.41 10.92
C GLY F 47 4.70 49.39 10.01
N PRO F 48 5.53 48.50 10.55
CA PRO F 48 6.26 47.47 9.84
C PRO F 48 5.32 46.39 9.30
N GLU F 49 5.66 45.87 8.15
CA GLU F 49 4.97 44.81 7.48
C GLU F 49 5.90 43.66 7.16
N TRP F 50 5.52 42.44 7.53
CA TRP F 50 6.37 41.30 7.23
C TRP F 50 6.31 40.99 5.74
N ILE F 51 7.46 40.76 5.11
CA ILE F 51 7.50 40.34 3.70
C ILE F 51 7.71 38.84 3.59
N GLY F 52 8.70 38.35 4.29
CA GLY F 52 8.99 36.92 4.24
C GLY F 52 10.38 36.62 4.75
N ARG F 53 10.68 35.33 4.95
CA ARG F 53 12.01 34.97 5.42
C ARG F 53 12.54 33.68 4.85
N ILE F 54 13.86 33.69 4.62
CA ILE F 54 14.57 32.52 4.12
C ILE F 54 15.16 31.79 5.30
N LYS F 55 14.87 30.52 5.39
CA LYS F 55 15.35 29.72 6.48
C LYS F 55 16.79 29.36 6.21
N SER F 56 17.50 29.01 7.25
CA SER F 56 18.85 28.55 7.12
C SER F 56 18.80 27.21 6.44
N ARG F 57 19.93 26.76 5.91
CA ARG F 57 19.99 25.47 5.26
C ARG F 57 19.80 24.33 6.24
N ILE F 58 20.25 24.49 7.47
CA ILE F 58 20.09 23.38 8.41
C ILE F 58 18.61 23.19 8.74
N ASP F 59 17.83 24.24 8.58
CA ASP F 59 16.39 24.21 8.79
C ASP F 59 15.58 24.00 7.49
N GLY F 60 16.26 23.64 6.40
CA GLY F 60 15.63 23.34 5.10
C GLY F 60 15.83 24.36 3.95
N GLY F 61 16.21 25.59 4.24
CA GLY F 61 16.47 26.58 3.19
C GLY F 61 15.25 27.08 2.41
N THR F 62 14.06 27.03 3.00
CA THR F 62 12.85 27.43 2.29
C THR F 62 12.43 28.85 2.61
N THR F 63 11.51 29.42 1.83
CA THR F 63 11.04 30.76 2.17
C THR F 63 9.55 30.81 2.50
N ASP F 64 9.27 31.40 3.66
CA ASP F 64 7.93 31.61 4.18
C ASP F 64 7.52 33.03 3.85
N TYR F 65 6.42 33.21 3.11
CA TYR F 65 6.02 34.55 2.69
C TYR F 65 4.77 35.09 3.35
N ALA F 66 4.78 36.41 3.49
CA ALA F 66 3.64 37.16 3.95
C ALA F 66 2.62 37.22 2.82
N ALA F 67 1.33 37.17 3.15
CA ALA F 67 0.33 37.19 2.09
C ALA F 67 0.43 38.37 1.07
N PRO F 68 0.69 39.64 1.48
CA PRO F 68 0.74 40.80 0.60
C PRO F 68 1.79 40.76 -0.50
N VAL F 69 2.78 39.87 -0.38
CA VAL F 69 3.82 39.84 -1.39
C VAL F 69 3.85 38.52 -2.14
N LYS F 70 2.87 37.65 -1.88
CA LYS F 70 2.91 36.37 -2.53
C LYS F 70 2.76 36.53 -4.02
N ASP F 71 3.57 35.77 -4.73
CA ASP F 71 3.66 35.73 -6.19
C ASP F 71 4.26 37.00 -6.79
N ARG F 72 4.83 37.88 -5.96
CA ARG F 72 5.51 39.06 -6.47
C ARG F 72 6.91 39.17 -5.93
N PHE F 73 7.10 38.94 -4.63
CA PHE F 73 8.43 39.12 -4.08
C PHE F 73 9.06 37.77 -3.79
N ILE F 74 10.36 37.67 -4.00
CA ILE F 74 11.13 36.47 -3.68
C ILE F 74 12.29 36.73 -2.69
N VAL F 75 12.33 35.95 -1.61
CA VAL F 75 13.42 36.11 -0.64
C VAL F 75 14.41 34.96 -0.85
N SER F 76 15.67 35.33 -1.06
CA SER F 76 16.72 34.37 -1.34
C SER F 76 18.05 34.81 -0.73
N ARG F 77 19.03 33.91 -0.71
CA ARG F 77 20.34 34.22 -0.12
C ARG F 77 21.51 33.78 -0.96
N ASP F 78 22.61 34.52 -0.88
CA ASP F 78 23.86 34.17 -1.52
C ASP F 78 24.68 33.46 -0.46
N ASP F 79 24.65 32.14 -0.55
CA ASP F 79 25.23 31.29 0.47
C ASP F 79 26.70 31.56 0.59
N SER F 80 27.14 31.63 1.84
CA SER F 80 28.53 31.86 2.24
C SER F 80 29.08 33.23 1.86
N ARG F 81 28.22 34.14 1.38
CA ARG F 81 28.62 35.50 1.08
C ARG F 81 27.96 36.43 2.08
N ASN F 82 27.27 35.79 3.01
CA ASN F 82 26.55 36.44 4.07
C ASN F 82 25.65 37.52 3.54
N THR F 83 25.00 37.26 2.39
CA THR F 83 24.17 38.30 1.84
C THR F 83 22.76 37.86 1.51
N LEU F 84 21.83 38.62 2.02
CA LEU F 84 20.41 38.41 1.84
C LEU F 84 19.90 39.24 0.69
N TYR F 85 19.04 38.68 -0.15
CA TYR F 85 18.46 39.42 -1.25
C TYR F 85 16.94 39.38 -1.32
N LEU F 86 16.35 40.47 -1.82
CA LEU F 86 14.91 40.52 -2.05
C LEU F 86 14.61 40.93 -3.47
N GLN F 87 13.98 40.04 -4.23
CA GLN F 87 13.65 40.33 -5.61
C GLN F 87 12.21 40.76 -5.68
N MET F 88 11.98 42.02 -6.01
CA MET F 88 10.62 42.52 -6.05
C MET F 88 10.15 42.73 -7.45
N ASN F 89 9.18 41.92 -7.88
CA ASN F 89 8.69 42.04 -9.24
C ASN F 89 7.34 42.72 -9.25
N SER F 90 6.81 42.99 -10.45
CA SER F 90 5.47 43.55 -10.60
C SER F 90 5.26 44.73 -9.68
N LEU F 91 6.21 45.65 -9.68
CA LEU F 91 6.14 46.77 -8.75
C LEU F 91 5.00 47.70 -8.96
N LYS F 92 4.41 48.12 -7.86
CA LYS F 92 3.33 49.08 -7.86
C LYS F 92 3.75 50.24 -6.97
N THR F 93 3.14 51.40 -7.09
CA THR F 93 3.57 52.55 -6.29
C THR F 93 3.28 52.36 -4.79
N GLU F 94 2.42 51.40 -4.49
CA GLU F 94 2.04 51.01 -3.13
C GLU F 94 3.22 50.37 -2.40
N ASP F 95 4.26 49.99 -3.16
CA ASP F 95 5.43 49.33 -2.63
C ASP F 95 6.49 50.32 -2.18
N THR F 96 6.21 51.63 -2.29
CA THR F 96 7.22 52.54 -1.77
C THR F 96 7.28 52.34 -0.28
N ALA F 97 8.47 52.06 0.23
CA ALA F 97 8.65 51.81 1.66
C ALA F 97 10.11 51.75 2.02
N VAL F 98 10.41 51.79 3.30
CA VAL F 98 11.78 51.52 3.68
C VAL F 98 11.88 50.01 3.90
N TYR F 99 12.81 49.39 3.21
CA TYR F 99 12.97 47.94 3.29
C TYR F 99 14.12 47.54 4.17
N TYR F 100 13.80 46.78 5.18
CA TYR F 100 14.75 46.34 6.17
C TYR F 100 14.99 44.85 6.08
N CYS F 101 16.22 44.45 6.41
CA CYS F 101 16.63 43.07 6.61
C CYS F 101 16.62 42.89 8.13
N ALA F 102 16.28 41.70 8.57
CA ALA F 102 16.25 41.47 10.00
C ALA F 102 16.69 40.06 10.37
N THR F 103 17.44 40.00 11.47
CA THR F 103 18.01 38.74 11.92
C THR F 103 17.75 38.33 13.38
N GLY F 104 17.38 37.07 13.51
CA GLY F 104 17.17 36.42 14.79
C GLY F 104 18.48 35.89 15.36
N SER F 105 19.43 36.75 15.63
CA SER F 105 20.73 36.28 16.11
C SER F 105 21.25 37.05 17.31
N GLY F 106 22.52 36.84 17.61
CA GLY F 106 23.21 37.40 18.74
C GLY F 106 23.99 36.29 19.43
N LYS F 107 25.00 36.69 20.19
CA LYS F 107 25.89 35.76 20.88
C LYS F 107 25.24 35.18 22.14
N GLY F 108 25.56 33.92 22.44
CA GLY F 108 25.08 33.19 23.59
C GLY F 108 26.20 33.02 24.62
N PRO F 109 26.05 32.16 25.64
CA PRO F 109 27.01 31.92 26.69
C PRO F 109 28.24 31.20 26.19
N SER F 110 29.37 31.47 26.81
CA SER F 110 30.60 30.77 26.51
C SER F 110 30.91 29.74 27.59
N ALA F 111 31.91 28.92 27.33
CA ALA F 111 32.35 27.90 28.27
C ALA F 111 33.83 27.68 28.04
N SER F 112 34.54 27.03 28.98
CA SER F 112 35.99 26.79 28.79
C SER F 112 36.26 25.96 27.54
N PHE F 113 35.23 25.26 27.15
CA PHE F 113 35.08 24.45 25.97
C PHE F 113 35.16 25.18 24.63
N GLY F 114 34.43 26.31 24.51
CA GLY F 114 34.25 27.00 23.25
C GLY F 114 33.28 28.20 23.32
N GLU F 115 32.90 28.69 22.15
CA GLU F 115 32.03 29.87 21.99
C GLU F 115 30.63 29.48 21.53
N SER F 116 29.63 30.35 21.73
CA SER F 116 28.30 29.99 21.23
C SER F 116 27.42 31.16 20.85
N TYR F 117 26.52 30.92 19.89
CA TYR F 117 25.47 31.85 19.39
C TYR F 117 24.05 31.28 19.40
N TYR F 118 23.05 32.14 19.54
CA TYR F 118 21.67 31.67 19.45
C TYR F 118 20.97 32.10 18.19
N TYR F 119 20.19 31.21 17.62
CA TYR F 119 19.41 31.53 16.45
C TYR F 119 17.93 31.42 16.74
N TYR F 120 17.25 32.54 16.63
CA TYR F 120 15.89 32.74 17.03
C TYR F 120 14.84 32.79 15.94
N ASP F 121 13.61 32.68 16.39
CA ASP F 121 12.36 32.77 15.62
C ASP F 121 11.69 34.16 15.74
N PHE F 122 12.49 35.14 16.13
CA PHE F 122 12.12 36.55 16.30
C PHE F 122 13.34 37.39 16.02
N ILE F 123 13.17 38.71 15.91
CA ILE F 123 14.28 39.58 15.55
C ILE F 123 14.96 40.38 16.65
N ASN F 124 16.29 40.24 16.72
CA ASN F 124 17.11 41.03 17.63
C ASN F 124 17.87 42.10 16.89
N VAL F 125 18.23 41.80 15.64
CA VAL F 125 19.05 42.68 14.87
C VAL F 125 18.34 43.22 13.66
N TRP F 126 18.28 44.52 13.58
CA TRP F 126 17.67 45.19 12.45
C TRP F 126 18.73 45.93 11.68
N GLY F 127 18.57 46.01 10.37
CA GLY F 127 19.49 46.81 9.58
C GLY F 127 19.03 48.27 9.62
N LYS F 128 19.62 49.11 8.75
CA LYS F 128 19.28 50.53 8.77
C LYS F 128 18.02 50.83 7.95
N GLY F 129 17.81 50.02 6.93
CA GLY F 129 16.69 50.17 6.02
C GLY F 129 17.08 50.90 4.72
N THR F 130 16.73 50.33 3.57
CA THR F 130 17.05 51.01 2.31
C THR F 130 15.74 51.49 1.73
N THR F 131 15.69 52.75 1.33
CA THR F 131 14.42 53.24 0.81
C THR F 131 14.26 52.87 -0.64
N VAL F 132 13.10 52.32 -0.96
CA VAL F 132 12.74 51.97 -2.31
C VAL F 132 11.55 52.80 -2.70
N THR F 133 11.71 53.52 -3.80
CA THR F 133 10.66 54.38 -4.27
C THR F 133 10.13 53.87 -5.56
N VAL F 134 8.82 53.67 -5.63
CA VAL F 134 8.24 53.22 -6.86
C VAL F 134 7.35 54.36 -7.31
N SER F 135 7.64 54.91 -8.48
CA SER F 135 6.85 56.06 -8.96
C SER F 135 6.92 56.21 -10.47
N SER F 136 5.98 56.98 -11.07
CA SER F 136 5.90 57.29 -12.51
C SER F 136 6.78 58.49 -12.92
N GLU G 1 -6.90 34.81 8.96
CA GLU G 1 -5.56 34.65 9.49
C GLU G 1 -5.56 35.15 10.94
N SER G 2 -4.37 35.05 11.61
CA SER G 2 -4.16 35.53 12.97
C SER G 2 -3.64 36.97 12.88
N VAL G 3 -4.50 37.90 13.28
CA VAL G 3 -4.26 39.33 13.14
C VAL G 3 -4.30 40.06 14.47
N LEU G 4 -3.32 40.95 14.67
CA LEU G 4 -3.17 41.75 15.88
C LEU G 4 -3.78 43.15 15.82
N THR G 5 -4.63 43.45 16.80
CA THR G 5 -5.21 44.79 16.91
C THR G 5 -4.91 45.41 18.27
N GLN G 6 -4.31 46.60 18.26
CA GLN G 6 -3.98 47.32 19.48
C GLN G 6 -5.05 48.27 19.96
N SER G 7 -5.10 48.44 21.28
CA SER G 7 -5.98 49.39 21.93
C SER G 7 -5.44 49.84 23.31
N PRO G 8 -5.51 51.15 23.63
CA PRO G 8 -6.01 52.30 22.87
C PRO G 8 -5.06 52.70 21.75
N GLY G 9 -5.58 53.42 20.74
CA GLY G 9 -4.73 53.93 19.66
C GLY G 9 -3.67 54.92 20.15
N THR G 10 -4.01 55.69 21.19
CA THR G 10 -3.08 56.61 21.82
C THR G 10 -3.21 56.48 23.32
N LEU G 11 -2.09 56.48 24.01
CA LEU G 11 -2.08 56.48 25.46
C LEU G 11 -1.69 57.86 25.91
N SER G 12 -2.29 58.36 26.98
CA SER G 12 -1.90 59.68 27.47
C SER G 12 -1.67 59.68 28.96
N LEU G 13 -0.42 59.90 29.33
CA LEU G 13 -0.02 59.87 30.73
C LEU G 13 1.22 60.68 31.04
N SER G 14 1.24 61.31 32.20
CA SER G 14 2.41 62.06 32.61
C SER G 14 3.55 61.08 32.88
N PRO G 15 4.82 61.44 32.67
CA PRO G 15 5.93 60.58 32.98
C PRO G 15 5.88 60.33 34.47
N GLY G 16 6.16 59.10 34.85
CA GLY G 16 6.14 58.64 36.23
C GLY G 16 4.85 57.88 36.54
N GLU G 17 3.87 57.97 35.66
CA GLU G 17 2.60 57.26 35.81
C GLU G 17 2.73 55.92 35.10
N ARG G 18 1.95 54.94 35.53
CA ARG G 18 1.90 53.59 34.94
C ARG G 18 1.19 53.58 33.60
N ALA G 19 1.66 52.76 32.66
CA ALA G 19 0.98 52.65 31.38
C ALA G 19 0.80 51.23 30.90
N THR G 20 -0.36 50.96 30.33
CA THR G 20 -0.58 49.66 29.73
C THR G 20 -1.18 49.76 28.35
N LEU G 21 -0.75 48.86 27.50
CA LEU G 21 -1.25 48.70 26.14
C LEU G 21 -1.58 47.26 25.83
N SER G 22 -2.77 47.02 25.31
CA SER G 22 -3.14 45.65 25.02
C SER G 22 -3.29 45.40 23.52
N CYS G 23 -3.15 44.12 23.11
CA CYS G 23 -3.40 43.59 21.77
C CYS G 23 -4.35 42.41 21.84
N ARG G 24 -5.28 42.39 20.91
CA ARG G 24 -6.16 41.26 20.79
C ARG G 24 -5.92 40.58 19.48
N ALA G 25 -5.64 39.30 19.56
CA ALA G 25 -5.41 38.49 18.38
C ALA G 25 -6.71 37.89 17.91
N SER G 26 -6.86 37.75 16.60
CA SER G 26 -8.01 37.06 16.03
C SER G 26 -7.99 35.55 16.31
N GLN G 27 -6.83 35.01 16.68
CA GLN G 27 -6.69 33.60 16.98
C GLN G 27 -5.91 33.41 18.27
N SER G 28 -6.24 32.35 19.01
CA SER G 28 -5.53 32.03 20.24
C SER G 28 -4.10 31.62 19.93
N ILE G 29 -3.18 32.05 20.78
CA ILE G 29 -1.77 31.75 20.63
C ILE G 29 -1.05 31.50 21.96
N SER G 30 -0.11 30.54 21.94
CA SER G 30 0.70 30.24 23.12
C SER G 30 1.65 31.39 23.42
N ARG G 31 1.99 31.55 24.69
CA ARG G 31 2.84 32.63 25.18
C ARG G 31 4.21 32.72 24.51
N LYS G 32 4.80 31.59 24.20
CA LYS G 32 6.14 31.59 23.67
C LYS G 32 6.26 32.25 22.29
N TYR G 33 5.14 32.51 21.64
CA TYR G 33 5.19 33.09 20.31
C TYR G 33 4.90 34.58 20.23
N LEU G 34 4.88 35.28 21.38
CA LEU G 34 4.57 36.72 21.33
C LEU G 34 5.73 37.67 21.62
N ALA G 35 5.67 38.86 21.04
CA ALA G 35 6.66 39.91 21.27
C ALA G 35 6.08 41.30 21.08
N TRP G 36 6.75 42.29 21.66
CA TRP G 36 6.40 43.71 21.47
C TRP G 36 7.63 44.44 21.02
N TYR G 37 7.49 45.48 20.22
CA TYR G 37 8.63 46.28 19.80
C TYR G 37 8.45 47.77 20.07
N GLN G 38 9.57 48.45 20.36
CA GLN G 38 9.59 49.90 20.62
C GLN G 38 10.23 50.74 19.52
N GLN G 39 9.46 51.63 18.88
CA GLN G 39 10.04 52.41 17.80
C GLN G 39 10.01 53.92 17.96
N LYS G 40 11.13 54.52 17.61
CA LYS G 40 11.26 55.95 17.57
C LYS G 40 11.62 56.34 16.14
N PRO G 41 11.28 57.53 15.65
CA PRO G 41 11.62 57.97 14.33
C PRO G 41 13.11 57.87 14.11
N GLY G 42 13.49 57.37 12.95
CA GLY G 42 14.90 57.20 12.59
C GLY G 42 15.51 55.90 13.09
N GLN G 43 14.73 55.08 13.80
CA GLN G 43 15.28 53.84 14.33
C GLN G 43 14.43 52.64 13.96
N ALA G 44 15.07 51.48 13.78
CA ALA G 44 14.33 50.25 13.61
C ALA G 44 13.79 49.89 15.00
N PRO G 45 12.66 49.22 15.15
CA PRO G 45 12.07 48.88 16.44
C PRO G 45 12.97 48.03 17.33
N ARG G 46 13.01 48.31 18.63
CA ARG G 46 13.79 47.51 19.56
C ARG G 46 12.97 46.33 20.04
N LEU G 47 13.60 45.18 20.30
CA LEU G 47 12.81 44.02 20.72
C LEU G 47 12.05 44.11 22.04
N LEU G 48 12.55 44.74 23.09
CA LEU G 48 11.86 44.82 24.40
C LEU G 48 11.55 43.52 25.15
N ILE G 49 10.62 42.75 24.60
CA ILE G 49 10.07 41.54 25.21
C ILE G 49 9.76 40.50 24.13
N TYR G 50 9.95 39.23 24.46
CA TYR G 50 9.59 38.14 23.57
C TYR G 50 9.07 36.96 24.36
N GLY G 51 8.30 36.10 23.73
CA GLY G 51 7.83 34.92 24.42
C GLY G 51 6.80 35.32 25.47
N SER G 52 6.13 36.44 25.18
CA SER G 52 5.12 37.08 26.02
C SER G 52 5.70 37.73 27.28
N SER G 53 6.36 36.92 28.12
CA SER G 53 6.92 37.37 29.38
C SER G 53 8.46 37.39 29.53
N SER G 54 9.24 37.02 28.50
CA SER G 54 10.69 37.00 28.66
C SER G 54 11.32 38.28 28.16
N ARG G 55 12.07 38.96 29.00
CA ARG G 55 12.62 40.23 28.55
C ARG G 55 13.76 40.05 27.58
N ALA G 56 13.84 40.96 26.63
CA ALA G 56 14.97 41.03 25.72
C ALA G 56 16.09 41.60 26.55
N THR G 57 17.34 41.38 26.19
CA THR G 57 18.37 41.98 27.00
C THR G 57 18.55 43.42 26.59
N GLY G 58 19.15 44.22 27.48
CA GLY G 58 19.39 45.64 27.21
C GLY G 58 18.14 46.47 27.52
N ILE G 59 17.14 45.82 28.10
CA ILE G 59 15.85 46.38 28.43
C ILE G 59 15.63 46.48 29.94
N PRO G 60 15.24 47.65 30.46
CA PRO G 60 14.92 47.91 31.85
C PRO G 60 13.78 47.03 32.38
N ASP G 61 13.84 46.75 33.67
CA ASP G 61 12.89 45.91 34.39
C ASP G 61 11.48 46.48 34.47
N ARG G 62 11.38 47.77 34.22
CA ARG G 62 10.09 48.43 34.24
C ARG G 62 9.19 47.94 33.10
N PHE G 63 9.78 47.31 32.07
CA PHE G 63 9.00 46.77 30.97
C PHE G 63 8.69 45.30 31.23
N SER G 64 7.42 44.96 31.29
CA SER G 64 7.04 43.57 31.54
C SER G 64 5.80 43.14 30.77
N GLY G 65 5.91 42.04 30.04
CA GLY G 65 4.78 41.55 29.26
C GLY G 65 4.01 40.46 29.99
N SER G 66 2.76 40.28 29.59
CA SER G 66 1.91 39.21 30.11
C SER G 66 0.77 38.88 29.16
N GLY G 67 0.09 37.76 29.39
CA GLY G 67 -1.07 37.42 28.59
C GLY G 67 -1.15 35.96 28.17
N SER G 68 -2.29 35.61 27.58
CA SER G 68 -2.57 34.26 27.12
C SER G 68 -3.72 34.26 26.12
N GLY G 69 -3.93 33.15 25.41
CA GLY G 69 -5.08 33.09 24.53
C GLY G 69 -4.95 34.15 23.45
N THR G 70 -5.92 35.05 23.41
CA THR G 70 -5.93 36.12 22.43
C THR G 70 -5.57 37.46 23.01
N ASP G 71 -5.38 37.54 24.31
CA ASP G 71 -5.19 38.84 24.96
C ASP G 71 -3.86 39.03 25.66
N PHE G 72 -3.07 39.95 25.09
CA PHE G 72 -1.74 40.22 25.60
C PHE G 72 -1.53 41.69 25.91
N THR G 73 -0.75 41.96 26.95
CA THR G 73 -0.47 43.32 27.40
C THR G 73 1.00 43.60 27.69
N LEU G 74 1.40 44.84 27.42
CA LEU G 74 2.71 45.33 27.83
C LEU G 74 2.49 46.38 28.90
N THR G 75 3.09 46.17 30.05
CA THR G 75 2.97 47.10 31.15
C THR G 75 4.29 47.77 31.42
N ILE G 76 4.26 49.07 31.52
CA ILE G 76 5.43 49.80 31.91
C ILE G 76 5.09 50.31 33.31
N SER G 77 5.85 49.88 34.32
CA SER G 77 5.46 50.20 35.70
C SER G 77 5.45 51.69 36.01
N ARG G 78 6.33 52.42 35.36
CA ARG G 78 6.46 53.86 35.45
C ARG G 78 6.92 54.25 34.07
N LEU G 79 6.19 55.08 33.38
CA LEU G 79 6.63 55.40 32.05
C LEU G 79 7.58 56.58 32.10
N GLU G 80 8.79 56.43 31.60
CA GLU G 80 9.76 57.52 31.67
C GLU G 80 9.66 58.35 30.39
N PRO G 81 10.09 59.63 30.34
CA PRO G 81 10.08 60.47 29.14
C PRO G 81 10.70 59.78 27.92
N GLU G 82 11.73 58.98 28.15
CA GLU G 82 12.44 58.29 27.09
C GLU G 82 11.67 57.10 26.52
N ASP G 83 10.60 56.71 27.20
CA ASP G 83 9.79 55.58 26.80
C ASP G 83 8.58 56.00 25.98
N PHE G 84 8.40 57.29 25.70
CA PHE G 84 7.21 57.69 24.94
C PHE G 84 7.41 57.51 23.43
N ALA G 85 7.38 56.24 23.06
CA ALA G 85 7.62 55.68 21.74
C ALA G 85 6.36 55.06 21.16
N VAL G 86 6.45 54.58 19.91
CA VAL G 86 5.34 53.86 19.32
C VAL G 86 5.54 52.39 19.59
N TYR G 87 4.54 51.73 20.12
CA TYR G 87 4.70 50.32 20.43
C TYR G 87 3.90 49.45 19.49
N TYR G 88 4.48 48.32 19.16
CA TYR G 88 3.86 47.33 18.27
C TYR G 88 3.83 45.95 18.90
N CYS G 89 2.81 45.13 18.59
CA CYS G 89 2.77 43.71 18.93
C CYS G 89 3.29 42.90 17.76
N HIS G 90 3.73 41.71 18.07
CA HIS G 90 4.15 40.78 17.06
C HIS G 90 3.90 39.36 17.49
N GLN G 91 3.52 38.52 16.54
CA GLN G 91 3.33 37.13 16.86
C GLN G 91 3.94 36.23 15.79
N TYR G 92 4.42 35.06 16.24
CA TYR G 92 5.17 34.19 15.32
C TYR G 92 4.30 33.13 14.64
N GLU G 93 3.23 32.72 15.33
CA GLU G 93 2.26 31.72 14.85
C GLU G 93 2.82 30.39 14.44
N SER G 94 4.02 30.08 14.87
CA SER G 94 4.74 28.86 14.52
C SER G 94 5.11 28.82 13.02
N SER G 95 4.83 29.90 12.26
CA SER G 95 5.19 30.00 10.84
C SER G 95 4.98 31.40 10.18
N PRO G 96 3.74 31.92 9.92
CA PRO G 96 3.53 33.25 9.38
C PRO G 96 3.78 34.29 10.44
N TRP G 97 4.28 35.45 10.08
CA TRP G 97 4.44 36.49 11.09
C TRP G 97 3.48 37.65 10.89
N THR G 98 3.00 38.17 12.03
CA THR G 98 2.09 39.33 12.07
C THR G 98 2.55 40.45 13.01
N PHE G 99 2.45 41.70 12.53
CA PHE G 99 2.73 42.92 13.32
C PHE G 99 1.43 43.67 13.64
N GLY G 100 1.39 44.37 14.78
CA GLY G 100 0.24 45.22 15.14
C GLY G 100 0.30 46.54 14.37
N GLN G 101 -0.72 47.40 14.48
CA GLN G 101 -0.70 48.62 13.67
C GLN G 101 0.19 49.78 14.16
N GLY G 102 0.56 49.79 15.43
CA GLY G 102 1.37 50.85 16.02
C GLY G 102 0.55 51.77 16.86
N THR G 103 0.89 51.83 18.14
CA THR G 103 0.22 52.67 19.12
C THR G 103 1.13 53.73 19.67
N LYS G 104 0.64 54.95 19.69
CA LYS G 104 1.47 56.05 20.15
C LYS G 104 1.28 56.33 21.62
N VAL G 105 2.39 56.54 22.32
CA VAL G 105 2.29 56.89 23.72
C VAL G 105 2.74 58.35 23.86
N GLU G 106 1.89 59.19 24.44
CA GLU G 106 2.14 60.62 24.59
C GLU G 106 1.98 61.10 26.04
N ILE G 107 2.65 62.23 26.40
CA ILE G 107 2.57 62.89 27.70
C ILE G 107 1.23 63.66 27.80
N VAL H 43 50.90 -17.95 1.49
CA VAL H 43 50.82 -17.25 0.18
C VAL H 43 50.07 -15.88 0.25
N ILE H 44 49.71 -15.39 1.46
CA ILE H 44 48.97 -14.14 1.70
C ILE H 44 49.86 -13.07 2.28
N VAL H 45 49.98 -11.98 1.55
CA VAL H 45 50.81 -10.88 2.03
C VAL H 45 49.93 -9.71 2.40
N ASN H 46 49.87 -9.40 3.68
CA ASN H 46 49.01 -8.33 4.13
C ASN H 46 49.66 -7.01 3.81
N ALA H 47 48.98 -6.24 2.97
CA ALA H 47 49.51 -4.99 2.47
C ALA H 47 48.66 -3.82 2.92
N GLN H 48 47.99 -3.96 4.03
CA GLN H 48 47.14 -2.92 4.53
C GLN H 48 47.98 -1.94 5.35
N PRO H 49 47.61 -0.64 5.42
CA PRO H 49 48.25 0.36 6.24
C PRO H 49 48.42 -0.03 7.69
N LYS H 50 47.45 -0.75 8.23
CA LYS H 50 47.53 -1.20 9.60
C LYS H 50 46.60 -2.40 9.75
N CYS H 51 46.69 -3.09 10.91
CA CYS H 51 45.90 -4.28 11.20
C CYS H 51 45.57 -4.38 12.68
N ASN H 52 44.30 -4.59 12.98
CA ASN H 52 43.92 -4.91 14.34
C ASN H 52 44.29 -6.38 14.48
N PRO H 53 45.26 -6.75 15.32
CA PRO H 53 45.79 -8.08 15.46
C PRO H 53 44.83 -9.02 16.11
N ASN H 54 43.71 -8.55 16.63
CA ASN H 54 42.83 -9.49 17.29
C ASN H 54 41.38 -9.39 16.87
N LEU H 55 40.64 -10.45 17.14
CA LEU H 55 39.23 -10.49 16.79
C LEU H 55 38.34 -10.62 17.97
N HIS H 56 37.35 -9.79 17.98
CA HIS H 56 36.32 -9.86 18.97
C HIS H 56 35.16 -10.22 18.12
N TYR H 57 34.67 -11.43 18.31
CA TYR H 57 33.67 -11.97 17.41
C TYR H 57 32.38 -12.39 18.05
N TRP H 58 31.38 -12.49 17.21
CA TRP H 58 30.08 -13.01 17.56
C TRP H 58 29.60 -14.00 16.51
N THR H 59 28.77 -14.92 16.94
CA THR H 59 28.13 -15.90 16.05
C THR H 59 26.87 -16.53 16.63
N THR H 60 26.26 -17.44 15.91
CA THR H 60 25.02 -18.08 16.34
C THR H 60 25.11 -19.59 16.40
N GLN H 61 25.40 -20.12 17.59
CA GLN H 61 25.61 -21.54 17.77
C GLN H 61 24.72 -22.04 18.90
N GLY H 68 15.83 -26.08 29.03
CA GLY H 68 14.79 -27.09 28.94
C GLY H 68 13.78 -26.72 27.87
N LEU H 69 13.07 -25.59 28.07
CA LEU H 69 12.08 -25.01 27.16
C LEU H 69 12.75 -23.95 26.30
N ALA H 70 14.04 -23.78 26.51
CA ALA H 70 14.80 -22.75 25.83
C ALA H 70 14.75 -22.86 24.32
N TRP H 71 14.64 -24.06 23.80
CA TRP H 71 14.61 -24.26 22.36
C TRP H 71 13.31 -23.84 21.70
N ILE H 72 12.26 -23.66 22.48
CA ILE H 72 10.96 -23.32 21.94
C ILE H 72 10.95 -21.81 21.68
N PRO H 73 10.68 -21.32 20.45
CA PRO H 73 10.66 -19.90 20.09
C PRO H 73 9.83 -19.04 21.03
N TYR H 74 8.75 -19.60 21.54
CA TYR H 74 7.87 -18.93 22.47
C TYR H 74 8.56 -18.59 23.79
N PHE H 75 9.42 -19.48 24.29
CA PHE H 75 10.07 -19.27 25.58
C PHE H 75 11.52 -18.86 25.47
N GLY H 76 12.10 -19.01 24.30
CA GLY H 76 13.50 -18.74 24.11
C GLY H 76 13.77 -17.24 24.07
N PRO H 77 15.02 -16.83 23.86
CA PRO H 77 15.49 -15.47 23.83
C PRO H 77 15.05 -14.70 22.62
N ALA H 78 15.00 -13.38 22.77
CA ALA H 78 14.73 -12.46 21.69
C ALA H 78 15.95 -12.42 20.81
N ALA H 79 15.80 -11.97 19.57
CA ALA H 79 16.90 -11.99 18.60
C ALA H 79 18.18 -11.31 19.08
N GLU H 80 18.11 -10.27 19.86
CA GLU H 80 19.35 -9.63 20.27
C GLU H 80 20.23 -10.52 21.15
N GLY H 81 19.61 -11.52 21.77
CA GLY H 81 20.22 -12.45 22.70
C GLY H 81 20.59 -13.83 22.13
N ILE H 82 20.53 -14.02 20.81
CA ILE H 82 20.82 -15.37 20.31
C ILE H 82 22.26 -15.55 19.89
N TYR H 83 23.10 -14.58 20.18
CA TYR H 83 24.48 -14.63 19.77
C TYR H 83 25.44 -14.97 20.88
N THR H 84 26.50 -15.66 20.53
CA THR H 84 27.59 -15.95 21.45
C THR H 84 28.73 -15.01 21.16
N GLU H 85 29.79 -15.09 21.96
CA GLU H 85 30.90 -14.16 21.81
C GLU H 85 32.23 -14.66 22.35
N GLY H 86 33.33 -14.06 21.88
CA GLY H 86 34.66 -14.35 22.45
C GLY H 86 35.80 -13.66 21.71
N LEU H 87 37.04 -13.86 22.18
CA LEU H 87 38.19 -13.27 21.52
C LEU H 87 39.16 -14.29 20.96
N MET H 88 39.84 -13.91 19.90
CA MET H 88 40.95 -14.67 19.33
C MET H 88 42.13 -13.76 19.09
N HIS H 89 43.35 -14.25 19.29
CA HIS H 89 44.50 -13.44 19.00
C HIS H 89 45.18 -13.86 17.71
N ASN H 90 46.23 -13.15 17.32
CA ASN H 90 46.90 -13.39 16.04
C ASN H 90 47.86 -14.54 16.09
N GLN H 91 47.33 -15.72 16.32
CA GLN H 91 48.18 -16.85 16.48
C GLN H 91 48.76 -17.18 15.14
N ASP H 92 50.08 -17.20 15.09
CA ASP H 92 50.85 -17.50 13.91
C ASP H 92 50.46 -16.66 12.70
N GLY H 93 50.11 -15.40 12.90
CA GLY H 93 49.82 -14.52 11.78
C GLY H 93 48.43 -14.69 11.16
N LEU H 94 47.60 -15.54 11.75
CA LEU H 94 46.29 -15.82 11.19
C LEU H 94 45.36 -14.66 11.07
N ILE H 95 45.30 -13.75 12.03
CA ILE H 95 44.28 -12.72 11.89
C ILE H 95 44.55 -11.73 10.80
N CYS H 96 45.79 -11.21 10.69
CA CYS H 96 46.15 -10.26 9.66
C CYS H 96 46.10 -10.97 8.30
N GLY H 97 46.44 -12.26 8.25
CA GLY H 97 46.33 -12.98 6.99
C GLY H 97 44.87 -13.04 6.58
N LEU H 98 43.99 -13.27 7.55
CA LEU H 98 42.56 -13.35 7.28
C LEU H 98 42.00 -12.02 6.82
N ARG H 99 42.44 -10.92 7.41
CA ARG H 99 41.93 -9.64 6.97
C ARG H 99 42.33 -9.39 5.51
N GLN H 100 43.55 -9.77 5.15
CA GLN H 100 43.97 -9.60 3.77
C GLN H 100 43.18 -10.51 2.84
N LEU H 101 42.83 -11.70 3.29
CA LEU H 101 42.06 -12.58 2.45
C LEU H 101 40.73 -11.96 2.14
N ALA H 102 40.05 -11.44 3.16
CA ALA H 102 38.73 -10.84 2.92
C ALA H 102 38.77 -9.66 1.94
N ASN H 103 39.88 -8.88 1.98
CA ASN H 103 40.15 -7.76 1.08
C ASN H 103 40.32 -8.23 -0.38
N GLU H 104 40.93 -9.44 -0.61
CA GLU H 104 41.16 -10.02 -1.94
C GLU H 104 39.95 -10.74 -2.51
N THR H 105 39.13 -11.35 -1.66
CA THR H 105 37.98 -12.10 -2.12
C THR H 105 36.84 -11.19 -2.54
N THR H 106 36.93 -9.93 -2.18
CA THR H 106 35.90 -8.96 -2.48
C THR H 106 35.68 -8.78 -3.97
N GLN H 107 36.73 -8.70 -4.78
CA GLN H 107 36.50 -8.50 -6.20
C GLN H 107 35.76 -9.66 -6.83
N ALA H 108 36.15 -10.87 -6.49
CA ALA H 108 35.50 -12.03 -7.06
C ALA H 108 34.05 -12.09 -6.64
N LEU H 109 33.78 -11.73 -5.39
CA LEU H 109 32.44 -11.80 -4.91
C LEU H 109 31.56 -10.76 -5.57
N GLN H 110 32.06 -9.56 -5.78
CA GLN H 110 31.20 -8.59 -6.43
C GLN H 110 30.90 -8.96 -7.88
N LEU H 111 31.86 -9.55 -8.61
CA LEU H 111 31.56 -9.91 -9.99
C LEU H 111 30.55 -11.05 -10.03
N PHE H 112 30.67 -11.96 -9.08
CA PHE H 112 29.73 -13.06 -8.98
C PHE H 112 28.33 -12.53 -8.78
N LEU H 113 28.17 -11.62 -7.84
CA LEU H 113 26.87 -11.10 -7.56
C LEU H 113 26.31 -10.34 -8.74
N ARG H 114 27.14 -9.64 -9.50
CA ARG H 114 26.61 -8.95 -10.67
C ARG H 114 25.92 -9.91 -11.62
N ALA H 115 26.55 -11.04 -11.87
CA ALA H 115 26.04 -12.05 -12.79
C ALA H 115 24.76 -12.78 -12.35
N THR H 116 24.57 -13.01 -11.06
CA THR H 116 23.42 -13.80 -10.62
C THR H 116 22.13 -12.99 -10.51
N THR H 117 20.99 -13.69 -10.37
CA THR H 117 19.69 -13.04 -10.21
C THR H 117 19.01 -13.27 -8.87
N GLU H 118 19.60 -14.08 -8.01
CA GLU H 118 19.00 -14.31 -6.71
C GLU H 118 19.03 -12.98 -5.99
N LEU H 119 17.98 -12.66 -5.25
CA LEU H 119 18.05 -11.42 -4.51
C LEU H 119 18.94 -11.61 -3.31
N ARG H 120 18.96 -12.82 -2.76
CA ARG H 120 19.78 -13.12 -1.62
C ARG H 120 20.50 -14.43 -1.86
N THR H 121 21.81 -14.45 -1.73
CA THR H 121 22.54 -15.68 -1.97
C THR H 121 23.05 -16.30 -0.67
N PHE H 122 22.58 -17.52 -0.45
CA PHE H 122 22.92 -18.31 0.72
C PHE H 122 23.69 -19.56 0.35
N SER H 123 23.88 -19.75 -0.95
CA SER H 123 24.45 -20.97 -1.52
C SER H 123 25.91 -20.98 -1.95
N ILE H 124 26.71 -19.96 -1.63
CA ILE H 124 28.09 -19.98 -2.10
C ILE H 124 28.85 -21.16 -1.54
N LEU H 125 28.69 -21.44 -0.26
CA LEU H 125 29.43 -22.54 0.32
C LEU H 125 28.90 -23.90 -0.09
N ASN H 126 27.63 -24.02 -0.45
CA ASN H 126 27.18 -25.33 -0.87
C ASN H 126 27.80 -25.64 -2.21
N ARG H 127 27.95 -24.62 -3.05
CA ARG H 127 28.58 -24.83 -4.33
C ARG H 127 30.01 -25.24 -4.12
N LYS H 128 30.68 -24.66 -3.13
CA LYS H 128 32.06 -25.03 -2.90
C LYS H 128 32.17 -26.48 -2.49
N ALA H 129 31.28 -26.97 -1.65
CA ALA H 129 31.36 -28.37 -1.26
C ALA H 129 31.16 -29.26 -2.47
N ILE H 130 30.26 -28.89 -3.37
CA ILE H 130 30.04 -29.72 -4.54
C ILE H 130 31.24 -29.73 -5.44
N ASP H 131 31.86 -28.57 -5.71
CA ASP H 131 33.04 -28.57 -6.57
C ASP H 131 34.16 -29.35 -5.94
N PHE H 132 34.31 -29.26 -4.62
CA PHE H 132 35.36 -30.01 -3.96
C PHE H 132 35.21 -31.47 -4.29
N LEU H 133 34.00 -32.00 -4.14
CA LEU H 133 33.80 -33.39 -4.44
C LEU H 133 33.99 -33.72 -5.91
N LEU H 134 33.52 -32.87 -6.83
CA LEU H 134 33.67 -33.19 -8.26
C LEU H 134 35.12 -33.24 -8.72
N GLN H 135 35.97 -32.42 -8.12
CA GLN H 135 37.38 -32.39 -8.48
C GLN H 135 38.14 -33.64 -8.07
N ARG H 136 37.61 -34.38 -7.11
CA ARG H 136 38.31 -35.50 -6.56
C ARG H 136 37.68 -36.79 -7.06
N TRP H 137 36.36 -36.78 -7.14
CA TRP H 137 35.55 -37.90 -7.58
C TRP H 137 34.51 -37.43 -8.60
N GLY H 138 34.96 -37.11 -9.83
CA GLY H 138 34.13 -36.55 -10.92
C GLY H 138 33.72 -37.63 -11.90
N SER I 36 22.70 -30.75 13.04
CA SER I 36 22.49 -31.76 14.07
C SER I 36 21.06 -32.38 14.09
N ILE I 37 20.31 -32.25 12.97
CA ILE I 37 18.95 -32.78 12.77
C ILE I 37 19.05 -34.27 12.42
N PRO I 38 18.48 -35.19 13.18
CA PRO I 38 18.51 -36.62 12.93
C PRO I 38 17.75 -37.04 11.68
N LEU I 39 18.23 -38.10 11.04
CA LEU I 39 17.51 -38.74 9.94
C LEU I 39 17.09 -40.12 10.31
N GLY I 40 15.90 -40.49 9.93
CA GLY I 40 15.50 -41.86 10.12
C GLY I 40 15.99 -42.64 8.94
N VAL I 41 16.24 -43.92 9.13
CA VAL I 41 16.64 -44.77 8.03
C VAL I 41 15.71 -45.94 7.96
N ILE I 42 15.10 -46.15 6.83
CA ILE I 42 14.18 -47.26 6.74
C ILE I 42 14.83 -48.47 6.12
N HIS I 43 14.87 -49.53 6.90
CA HIS I 43 15.44 -50.81 6.56
C HIS I 43 14.36 -51.86 6.35
N ASN I 44 14.79 -53.07 6.02
CA ASN I 44 13.88 -54.20 5.87
C ASN I 44 13.70 -54.91 7.22
N SER I 45 14.24 -54.27 8.24
CA SER I 45 14.19 -54.64 9.64
C SER I 45 13.24 -53.65 10.34
N THR I 46 13.75 -52.46 10.68
CA THR I 46 12.91 -51.43 11.28
C THR I 46 13.44 -50.02 10.95
N LEU I 47 12.95 -49.03 11.68
CA LEU I 47 13.37 -47.64 11.48
C LEU I 47 14.49 -47.32 12.47
N GLN I 48 15.64 -46.93 11.95
CA GLN I 48 16.77 -46.61 12.80
C GLN I 48 17.11 -45.16 12.71
N VAL I 49 17.84 -44.63 13.68
CA VAL I 49 18.24 -43.24 13.57
C VAL I 49 19.69 -43.19 13.17
N SER I 50 19.96 -42.50 12.10
CA SER I 50 21.30 -42.38 11.56
C SER I 50 22.19 -41.65 12.53
N ASP I 51 23.43 -42.10 12.65
CA ASP I 51 24.39 -41.45 13.53
C ASP I 51 25.15 -40.39 12.75
N VAL I 52 26.06 -39.71 13.43
CA VAL I 52 26.92 -38.76 12.78
C VAL I 52 28.36 -39.19 13.00
N ASP I 53 28.57 -39.98 14.05
CA ASP I 53 29.91 -40.45 14.37
C ASP I 53 30.20 -41.80 13.73
N LYS I 54 29.15 -42.61 13.58
CA LYS I 54 29.30 -43.93 12.99
C LYS I 54 28.87 -43.92 11.55
N LEU I 55 29.77 -44.35 10.68
CA LEU I 55 29.45 -44.42 9.28
C LEU I 55 29.00 -45.83 8.96
N VAL I 56 27.84 -45.95 8.35
CA VAL I 56 27.37 -47.25 8.00
C VAL I 56 27.59 -47.45 6.52
N CYS I 57 28.49 -48.37 6.21
CA CYS I 57 28.89 -48.56 4.83
C CYS I 57 27.78 -49.11 3.94
N ARG I 58 26.83 -49.83 4.53
CA ARG I 58 25.74 -50.40 3.73
C ARG I 58 24.55 -49.46 3.58
N ASP I 59 24.59 -48.27 4.18
CA ASP I 59 23.45 -47.36 4.07
C ASP I 59 23.59 -46.53 2.82
N LYS I 60 23.39 -47.20 1.70
CA LYS I 60 23.55 -46.62 0.38
C LYS I 60 22.49 -45.61 0.08
N LEU I 61 22.92 -44.51 -0.53
CA LEU I 61 22.01 -43.48 -0.97
C LEU I 61 22.27 -43.36 -2.46
N SER I 62 21.30 -43.70 -3.30
CA SER I 62 21.57 -43.68 -4.72
C SER I 62 21.20 -42.40 -5.42
N SER I 63 20.32 -41.61 -4.83
CA SER I 63 19.91 -40.36 -5.42
C SER I 63 19.28 -39.50 -4.34
N THR I 64 19.03 -38.25 -4.67
CA THR I 64 18.38 -37.37 -3.73
C THR I 64 16.89 -37.65 -3.62
N ASN I 65 16.36 -38.51 -4.48
CA ASN I 65 14.94 -38.80 -4.45
C ASN I 65 14.61 -39.78 -3.36
N GLN I 66 15.63 -40.29 -2.68
CA GLN I 66 15.43 -41.20 -1.58
C GLN I 66 15.34 -40.43 -0.28
N LEU I 67 15.53 -39.12 -0.31
CA LEU I 67 15.44 -38.31 0.89
C LEU I 67 14.06 -37.73 0.95
N ARG I 68 13.42 -37.80 2.11
CA ARG I 68 12.06 -37.29 2.21
C ARG I 68 11.73 -36.51 3.48
N SER I 69 11.06 -35.36 3.29
CA SER I 69 10.55 -34.53 4.39
C SER I 69 9.07 -34.81 4.64
N VAL I 70 8.74 -35.30 5.84
CA VAL I 70 7.36 -35.67 6.13
C VAL I 70 6.70 -34.92 7.29
N GLY I 71 5.55 -34.31 7.01
CA GLY I 71 4.80 -33.58 8.04
C GLY I 71 3.72 -34.46 8.66
N LEU I 72 3.83 -34.68 9.98
CA LEU I 72 2.89 -35.49 10.72
C LEU I 72 2.06 -34.63 11.66
N ASN I 73 0.83 -35.04 11.91
CA ASN I 73 -0.05 -34.23 12.77
C ASN I 73 0.07 -34.60 14.24
N LEU I 74 -0.20 -33.64 15.13
CA LEU I 74 -0.13 -33.92 16.55
C LEU I 74 -1.29 -34.75 17.03
N GLU I 75 -2.40 -34.72 16.31
CA GLU I 75 -3.58 -35.46 16.71
C GLU I 75 -3.30 -36.96 16.75
N GLY I 76 -2.26 -37.41 16.05
CA GLY I 76 -1.94 -38.83 16.01
C GLY I 76 -1.32 -39.29 17.30
N ASN I 77 -0.97 -38.35 18.19
CA ASN I 77 -0.38 -38.66 19.48
C ASN I 77 -1.42 -38.52 20.58
N GLY I 78 -2.68 -38.30 20.23
CA GLY I 78 -3.71 -38.16 21.25
C GLY I 78 -3.85 -36.78 21.90
N VAL I 79 -3.39 -35.72 21.25
CA VAL I 79 -3.54 -34.43 21.88
C VAL I 79 -4.99 -34.03 21.72
N ALA I 80 -5.56 -33.34 22.70
CA ALA I 80 -6.94 -32.91 22.55
C ALA I 80 -7.05 -31.95 21.37
N THR I 81 -8.14 -32.07 20.61
CA THR I 81 -8.40 -31.22 19.46
C THR I 81 -9.61 -30.28 19.56
N ASP I 82 -10.34 -30.26 20.66
CA ASP I 82 -11.48 -29.37 20.73
C ASP I 82 -10.99 -27.93 20.78
N VAL I 83 -11.77 -26.99 20.29
CA VAL I 83 -11.26 -25.62 20.31
C VAL I 83 -10.85 -25.09 21.68
N PRO I 84 -11.65 -25.21 22.76
CA PRO I 84 -11.30 -24.75 24.07
C PRO I 84 -9.93 -25.23 24.58
N SER I 85 -9.53 -26.47 24.26
CA SER I 85 -8.23 -26.94 24.72
C SER I 85 -7.12 -26.60 23.76
N VAL I 86 -7.42 -26.54 22.48
CA VAL I 86 -6.39 -26.29 21.47
C VAL I 86 -5.78 -24.94 21.61
N THR I 87 -6.59 -23.95 21.85
CA THR I 87 -6.08 -22.60 21.90
C THR I 87 -5.24 -22.36 23.13
N LYS I 88 -5.21 -23.28 24.08
CA LYS I 88 -4.41 -23.03 25.26
C LYS I 88 -2.97 -23.43 25.02
N ARG I 89 -2.70 -24.01 23.85
CA ARG I 89 -1.36 -24.40 23.49
C ARG I 89 -0.67 -23.32 22.67
N TRP I 90 -1.38 -22.24 22.38
CA TRP I 90 -0.86 -21.18 21.52
C TRP I 90 -0.72 -19.90 22.33
N GLY I 91 0.19 -19.03 21.96
CA GLY I 91 0.25 -17.75 22.67
C GLY I 91 1.01 -16.71 21.89
N PHE I 92 1.07 -15.50 22.41
CA PHE I 92 1.73 -14.45 21.66
C PHE I 92 3.03 -13.98 22.24
N ARG I 93 3.93 -13.61 21.34
CA ARG I 93 5.23 -13.08 21.69
C ARG I 93 5.78 -12.10 20.66
N SER I 94 6.69 -11.24 21.11
CA SER I 94 7.38 -10.29 20.26
C SER I 94 8.89 -10.45 20.40
N GLY I 95 9.64 -9.96 19.40
CA GLY I 95 11.12 -10.00 19.46
C GLY I 95 11.71 -11.22 18.74
N VAL I 96 10.84 -12.12 18.33
CA VAL I 96 11.21 -13.33 17.63
C VAL I 96 10.56 -13.35 16.25
N PRO I 97 11.32 -13.43 15.15
CA PRO I 97 10.80 -13.47 13.80
C PRO I 97 10.24 -14.86 13.50
N PRO I 98 9.28 -15.00 12.58
CA PRO I 98 8.75 -16.23 12.07
C PRO I 98 9.68 -16.86 11.05
N LYS I 99 9.66 -18.19 10.94
CA LYS I 99 10.42 -18.89 9.90
C LYS I 99 9.68 -20.14 9.37
N VAL I 100 9.94 -20.57 8.11
CA VAL I 100 9.32 -21.82 7.64
C VAL I 100 10.27 -22.84 7.00
N VAL I 101 9.82 -24.11 6.92
CA VAL I 101 10.52 -25.21 6.22
C VAL I 101 9.58 -25.98 5.33
N ASN I 102 10.07 -26.65 4.29
CA ASN I 102 9.12 -27.42 3.47
C ASN I 102 8.90 -28.91 3.79
N TYR I 103 7.81 -29.43 3.22
CA TYR I 103 7.41 -30.85 3.28
C TYR I 103 7.38 -31.36 1.89
N GLU I 104 7.57 -32.64 1.74
CA GLU I 104 7.33 -33.25 0.48
C GLU I 104 6.05 -34.08 0.55
N ALA I 105 5.71 -34.53 1.75
CA ALA I 105 4.54 -35.37 1.97
C ALA I 105 4.01 -35.17 3.37
N GLY I 106 2.76 -35.55 3.60
CA GLY I 106 2.23 -35.46 4.95
C GLY I 106 0.88 -36.14 5.16
N GLU I 107 0.40 -36.05 6.39
CA GLU I 107 -0.87 -36.67 6.78
C GLU I 107 -2.13 -35.90 6.47
N TRP I 108 -3.24 -36.63 6.35
CA TRP I 108 -4.56 -36.02 6.29
C TRP I 108 -4.90 -35.63 7.69
N ALA I 109 -5.52 -34.48 7.89
CA ALA I 109 -5.87 -34.12 9.25
C ALA I 109 -7.33 -34.32 9.52
N GLU I 110 -7.67 -34.76 10.70
CA GLU I 110 -9.06 -34.80 11.01
C GLU I 110 -9.44 -33.39 11.42
N ASN I 111 -8.58 -32.72 12.20
CA ASN I 111 -8.94 -31.38 12.68
C ASN I 111 -7.95 -30.27 12.34
N CYS I 112 -8.37 -29.37 11.45
CA CYS I 112 -7.61 -28.19 11.07
C CYS I 112 -8.25 -26.95 11.66
N TYR I 113 -7.48 -25.89 11.77
CA TYR I 113 -7.96 -24.66 12.37
C TYR I 113 -7.76 -23.49 11.44
N ASN I 114 -8.60 -22.48 11.56
CA ASN I 114 -8.47 -21.27 10.75
C ASN I 114 -8.81 -20.05 11.61
N LEU I 115 -7.84 -19.18 11.92
CA LEU I 115 -8.18 -18.07 12.81
C LEU I 115 -8.27 -16.70 12.17
N GLU I 116 -9.24 -15.92 12.64
CA GLU I 116 -9.44 -14.52 12.27
C GLU I 116 -9.71 -13.71 13.54
N ILE I 117 -8.63 -13.33 14.22
CA ILE I 117 -8.74 -12.68 15.51
C ILE I 117 -8.32 -11.24 15.46
N LYS I 118 -9.17 -10.39 16.03
CA LYS I 118 -8.96 -8.96 16.11
C LYS I 118 -8.76 -8.47 17.53
N LYS I 119 -8.12 -7.34 17.66
CA LYS I 119 -7.96 -6.71 18.95
C LYS I 119 -9.28 -6.04 19.28
N PRO I 120 -9.55 -5.69 20.54
CA PRO I 120 -10.76 -5.00 20.94
C PRO I 120 -10.98 -3.68 20.21
N ASP I 121 -9.91 -3.06 19.67
CA ASP I 121 -10.07 -1.80 18.97
C ASP I 121 -10.36 -1.97 17.48
N GLY I 122 -10.54 -3.21 17.03
CA GLY I 122 -10.86 -3.52 15.65
C GLY I 122 -9.69 -3.85 14.73
N SER I 123 -8.45 -3.65 15.21
CA SER I 123 -7.27 -3.94 14.39
C SER I 123 -6.98 -5.43 14.36
N GLU I 124 -6.13 -5.87 13.44
CA GLU I 124 -5.84 -7.30 13.31
C GLU I 124 -4.75 -7.79 14.30
N CYS I 125 -4.85 -9.07 14.78
CA CYS I 125 -3.85 -9.73 15.63
C CYS I 125 -2.86 -10.54 14.82
N LEU I 126 -3.33 -11.16 13.75
CA LEU I 126 -2.48 -12.04 12.98
C LEU I 126 -2.11 -11.37 11.68
N PRO I 127 -0.89 -11.58 11.14
CA PRO I 127 -0.40 -11.06 9.89
C PRO I 127 -1.03 -11.72 8.71
N ALA I 128 -1.11 -11.04 7.58
CA ALA I 128 -1.61 -11.72 6.39
C ALA I 128 -0.62 -12.75 5.95
N ALA I 129 -1.09 -13.86 5.42
CA ALA I 129 -0.16 -14.84 4.91
C ALA I 129 0.57 -14.26 3.70
N PRO I 130 1.88 -14.48 3.57
CA PRO I 130 2.71 -14.07 2.45
C PRO I 130 2.48 -14.95 1.25
N ASP I 131 2.93 -14.49 0.08
CA ASP I 131 2.79 -15.28 -1.13
C ASP I 131 3.43 -16.63 -0.98
N GLY I 132 2.71 -17.63 -1.46
CA GLY I 132 3.19 -19.00 -1.41
C GLY I 132 2.61 -19.79 -0.25
N ILE I 133 1.99 -19.12 0.72
CA ILE I 133 1.40 -19.85 1.81
C ILE I 133 -0.04 -20.09 1.48
N ARG I 134 -0.41 -21.34 1.51
CA ARG I 134 -1.74 -21.80 1.21
C ARG I 134 -2.21 -22.72 2.31
N GLY I 135 -3.49 -22.93 2.43
CA GLY I 135 -3.99 -23.77 3.50
C GLY I 135 -3.65 -25.23 3.33
N PHE I 136 -3.73 -25.96 4.42
CA PHE I 136 -3.43 -27.38 4.46
C PHE I 136 -4.44 -28.09 3.54
N PRO I 137 -4.02 -28.89 2.54
CA PRO I 137 -4.84 -29.48 1.51
C PRO I 137 -5.82 -30.56 1.85
N ARG I 138 -5.64 -31.21 3.00
CA ARG I 138 -6.40 -32.44 3.36
C ARG I 138 -6.91 -32.35 4.80
N CYS I 139 -7.96 -31.57 5.05
CA CYS I 139 -8.56 -31.49 6.41
C CYS I 139 -9.96 -32.11 6.39
N ARG I 140 -10.35 -32.80 7.47
CA ARG I 140 -11.71 -33.39 7.55
C ARG I 140 -12.66 -32.32 8.11
N TYR I 141 -12.38 -31.82 9.32
CA TYR I 141 -13.20 -30.72 9.90
C TYR I 141 -12.29 -29.50 10.05
N VAL I 142 -12.78 -28.33 9.64
CA VAL I 142 -12.06 -27.09 9.83
C VAL I 142 -12.75 -26.32 10.91
N HIS I 143 -12.02 -25.90 11.91
CA HIS I 143 -12.59 -25.15 12.99
C HIS I 143 -12.19 -23.71 12.79
N LYS I 144 -13.14 -22.93 12.30
CA LYS I 144 -12.87 -21.54 12.01
C LYS I 144 -13.28 -20.70 13.18
N VAL I 145 -12.35 -19.97 13.73
CA VAL I 145 -12.65 -19.20 14.92
C VAL I 145 -12.47 -17.73 14.63
N SER I 146 -13.54 -16.99 14.83
CA SER I 146 -13.56 -15.57 14.60
C SER I 146 -13.87 -14.88 15.89
N GLY I 147 -13.18 -13.80 16.17
CA GLY I 147 -13.48 -13.15 17.42
C GLY I 147 -12.44 -12.17 17.80
N THR I 148 -12.49 -11.76 19.05
CA THR I 148 -11.54 -10.79 19.54
C THR I 148 -10.91 -11.21 20.84
N GLY I 149 -9.82 -10.54 21.17
CA GLY I 149 -9.14 -10.75 22.42
C GLY I 149 -7.86 -9.96 22.47
N PRO I 150 -7.18 -9.92 23.61
CA PRO I 150 -5.93 -9.24 23.75
C PRO I 150 -4.96 -10.06 22.94
N CYS I 151 -4.00 -9.41 22.28
CA CYS I 151 -2.95 -10.05 21.47
C CYS I 151 -1.65 -9.37 21.84
N ALA I 152 -1.02 -9.91 22.86
CA ALA I 152 0.16 -9.35 23.51
C ALA I 152 1.40 -9.16 22.64
N GLY I 153 1.62 -10.03 21.68
CA GLY I 153 2.85 -9.98 20.90
C GLY I 153 2.65 -9.57 19.45
N ASP I 154 3.60 -9.97 18.62
CA ASP I 154 3.56 -9.64 17.21
C ASP I 154 2.99 -10.82 16.47
N PHE I 155 3.35 -12.01 16.96
CA PHE I 155 2.96 -13.24 16.32
C PHE I 155 2.49 -14.24 17.31
N ALA I 156 1.63 -15.14 16.87
CA ALA I 156 1.22 -16.26 17.69
C ALA I 156 2.12 -17.44 17.40
N PHE I 157 2.72 -17.98 18.45
CA PHE I 157 3.65 -19.09 18.41
C PHE I 157 3.12 -20.31 19.14
N HIS I 158 3.58 -21.49 18.75
CA HIS I 158 3.17 -22.69 19.45
C HIS I 158 3.98 -22.85 20.73
N LYS I 159 3.32 -23.11 21.85
CA LYS I 159 4.02 -23.21 23.13
C LYS I 159 4.82 -24.46 23.34
N GLU I 160 4.58 -25.53 22.60
CA GLU I 160 5.32 -26.75 22.82
C GLU I 160 6.43 -26.84 21.79
N GLY I 161 6.51 -25.84 20.94
CA GLY I 161 7.48 -25.85 19.88
C GLY I 161 7.01 -26.60 18.65
N ALA I 162 5.72 -26.95 18.55
CA ALA I 162 5.28 -27.67 17.38
C ALA I 162 5.13 -26.65 16.27
N PHE I 163 4.96 -27.10 15.05
CA PHE I 163 4.81 -26.22 13.93
C PHE I 163 3.39 -26.13 13.44
N PHE I 164 3.05 -25.02 12.84
CA PHE I 164 1.76 -24.91 12.22
C PHE I 164 1.96 -25.39 10.81
N LEU I 165 1.17 -26.32 10.35
CA LEU I 165 1.40 -26.88 9.05
C LEU I 165 0.49 -26.27 8.00
N TYR I 166 1.09 -25.65 7.01
CA TYR I 166 0.41 -25.03 5.89
C TYR I 166 0.67 -25.96 4.73
N ASP I 167 0.10 -25.69 3.56
CA ASP I 167 0.16 -26.64 2.46
C ASP I 167 1.38 -27.55 2.45
N ARG I 168 2.56 -27.04 2.12
CA ARG I 168 3.74 -27.88 2.11
C ARG I 168 4.86 -27.15 2.81
N LEU I 169 4.47 -26.37 3.80
CA LEU I 169 5.36 -25.56 4.61
C LEU I 169 5.00 -25.53 6.08
N ALA I 170 5.93 -25.87 6.94
CA ALA I 170 5.70 -25.77 8.36
C ALA I 170 6.15 -24.42 8.78
N SER I 171 5.46 -23.83 9.72
CA SER I 171 5.80 -22.51 10.19
C SER I 171 5.79 -22.38 11.66
N THR I 172 6.61 -21.51 12.15
CA THR I 172 6.60 -21.26 13.57
C THR I 172 5.43 -20.39 14.02
N VAL I 173 4.73 -19.73 13.08
CA VAL I 173 3.60 -18.84 13.42
C VAL I 173 2.28 -19.09 12.69
N ILE I 174 1.23 -18.51 13.26
CA ILE I 174 -0.09 -18.55 12.68
C ILE I 174 -0.35 -17.36 11.75
N TYR I 175 -0.80 -17.64 10.52
CA TYR I 175 -1.12 -16.56 9.58
C TYR I 175 -2.62 -16.36 9.55
N ARG I 176 -3.05 -15.13 9.33
CA ARG I 176 -4.46 -14.80 9.38
C ARG I 176 -5.24 -15.37 8.23
N GLY I 177 -6.35 -16.02 8.57
CA GLY I 177 -7.29 -16.53 7.58
C GLY I 177 -6.86 -17.83 6.90
N THR I 178 -5.73 -18.41 7.30
CA THR I 178 -5.25 -19.59 6.61
C THR I 178 -5.44 -20.85 7.42
N THR I 179 -5.97 -21.89 6.78
CA THR I 179 -6.23 -23.18 7.41
C THR I 179 -4.94 -23.93 7.67
N PHE I 180 -4.76 -24.45 8.89
CA PHE I 180 -3.57 -25.19 9.26
C PHE I 180 -3.80 -26.34 10.21
N ALA I 181 -2.85 -27.26 10.23
CA ALA I 181 -2.87 -28.39 11.16
C ALA I 181 -1.74 -28.23 12.15
N GLU I 182 -1.82 -28.78 13.34
CA GLU I 182 -0.62 -28.71 14.19
C GLU I 182 0.23 -29.94 13.96
N GLY I 183 1.56 -29.81 13.98
CA GLY I 183 2.39 -30.99 13.78
C GLY I 183 3.90 -30.83 13.89
N VAL I 184 4.57 -31.89 13.50
CA VAL I 184 6.02 -32.04 13.56
C VAL I 184 6.60 -32.56 12.25
N VAL I 185 7.88 -32.34 12.03
CA VAL I 185 8.49 -32.79 10.77
C VAL I 185 9.62 -33.78 10.94
N ALA I 186 9.53 -34.89 10.21
CA ALA I 186 10.57 -35.92 10.21
C ALA I 186 11.37 -35.85 8.93
N PHE I 187 12.63 -36.23 9.01
CA PHE I 187 13.44 -36.32 7.81
C PHE I 187 13.95 -37.74 7.75
N LEU I 188 13.98 -38.35 6.57
CA LEU I 188 14.48 -39.71 6.47
C LEU I 188 14.96 -40.20 5.11
N ILE I 189 15.59 -41.38 5.12
CA ILE I 189 16.02 -42.12 3.93
C ILE I 189 15.05 -43.28 3.68
N LEU I 190 14.30 -43.18 2.59
CA LEU I 190 13.18 -44.08 2.28
C LEU I 190 13.32 -45.59 2.02
N PRO I 191 14.32 -46.15 1.25
CA PRO I 191 14.46 -47.58 0.93
C PRO I 191 14.35 -48.51 2.14
N SER I 219 -14.08 -30.08 3.08
CA SER I 219 -14.20 -30.24 4.52
C SER I 219 -15.56 -29.67 4.94
N THR I 220 -15.99 -29.93 6.19
CA THR I 220 -17.30 -29.54 6.74
C THR I 220 -17.46 -28.14 7.33
N THR I 221 -16.36 -27.43 7.55
CA THR I 221 -16.31 -26.10 8.17
C THR I 221 -17.31 -25.82 9.30
N ILE I 222 -16.80 -25.83 10.52
CA ILE I 222 -17.51 -25.54 11.73
C ILE I 222 -17.10 -24.16 12.20
N ARG I 223 -18.05 -23.27 12.44
CA ARG I 223 -17.73 -21.90 12.82
C ARG I 223 -17.95 -21.61 14.28
N TYR I 224 -17.02 -20.88 14.87
CA TYR I 224 -17.10 -20.49 16.25
C TYR I 224 -16.86 -19.01 16.43
N GLN I 225 -17.49 -18.43 17.44
CA GLN I 225 -17.19 -17.09 17.86
C GLN I 225 -16.33 -17.16 19.08
N ALA I 226 -15.45 -16.19 19.26
CA ALA I 226 -14.62 -16.19 20.45
C ALA I 226 -14.50 -14.83 21.08
N THR I 227 -14.41 -14.85 22.40
CA THR I 227 -14.18 -13.65 23.17
C THR I 227 -13.03 -13.88 24.15
N GLY I 228 -12.08 -12.96 24.14
CA GLY I 228 -10.91 -13.03 25.01
C GLY I 228 -9.92 -14.03 24.43
N PHE I 229 -9.94 -14.19 23.13
CA PHE I 229 -9.14 -15.22 22.49
C PHE I 229 -7.70 -15.43 22.98
N GLY I 230 -6.93 -14.39 23.21
CA GLY I 230 -5.53 -14.58 23.57
C GLY I 230 -5.22 -14.82 25.06
N THR I 231 -6.22 -14.82 25.94
CA THR I 231 -5.97 -14.98 27.37
C THR I 231 -6.30 -16.41 27.86
N ASN I 232 -6.14 -16.66 29.18
CA ASN I 232 -6.35 -17.95 29.85
C ASN I 232 -7.85 -18.30 30.03
N GLU I 233 -8.67 -17.31 30.47
CA GLU I 233 -10.12 -17.42 30.67
C GLU I 233 -10.82 -16.83 29.47
N THR I 234 -11.32 -17.70 28.59
CA THR I 234 -11.93 -17.27 27.34
C THR I 234 -13.24 -17.99 27.19
N GLU I 235 -14.09 -17.51 26.27
CA GLU I 235 -15.33 -18.23 26.03
C GLU I 235 -15.61 -18.39 24.54
N TYR I 236 -16.29 -19.49 24.21
CA TYR I 236 -16.63 -19.79 22.83
C TYR I 236 -18.09 -20.16 22.62
N LEU I 237 -18.58 -19.80 21.43
CA LEU I 237 -19.91 -20.18 20.96
C LEU I 237 -19.88 -20.88 19.62
N PHE I 238 -20.71 -21.87 19.46
CA PHE I 238 -20.87 -22.54 18.18
C PHE I 238 -21.94 -21.85 17.38
N GLU I 239 -21.60 -21.44 16.17
CA GLU I 239 -22.52 -20.71 15.33
C GLU I 239 -23.37 -21.59 14.43
N VAL I 240 -24.67 -21.46 14.59
CA VAL I 240 -25.64 -22.21 13.82
C VAL I 240 -26.14 -21.33 12.71
N ASP I 241 -26.38 -20.07 13.06
CA ASP I 241 -26.88 -19.05 12.15
C ASP I 241 -26.34 -17.71 12.63
N ASN I 242 -26.63 -16.58 11.93
CA ASN I 242 -26.12 -15.25 12.30
C ASN I 242 -26.56 -14.82 13.71
N LEU I 243 -27.78 -15.20 14.10
CA LEU I 243 -28.41 -14.93 15.37
C LEU I 243 -28.62 -16.18 16.20
N THR I 244 -28.01 -17.31 15.83
CA THR I 244 -28.27 -18.51 16.64
C THR I 244 -26.96 -19.16 17.06
N TYR I 245 -26.78 -19.32 18.38
CA TYR I 245 -25.55 -19.87 18.92
C TYR I 245 -25.77 -20.90 20.00
N VAL I 246 -24.79 -21.79 20.15
CA VAL I 246 -24.83 -22.79 21.22
C VAL I 246 -23.59 -22.64 22.09
N GLN I 247 -23.74 -22.64 23.41
CA GLN I 247 -22.56 -22.52 24.26
C GLN I 247 -21.65 -23.69 23.98
N LEU I 248 -20.35 -23.44 23.86
CA LEU I 248 -19.42 -24.50 23.55
C LEU I 248 -18.81 -25.11 24.79
N GLU I 249 -18.59 -26.42 24.77
CA GLU I 249 -17.94 -27.11 25.85
C GLU I 249 -16.86 -28.03 25.30
N SER I 250 -15.88 -28.34 26.14
CA SER I 250 -14.76 -29.22 25.79
C SER I 250 -15.17 -30.68 25.60
N ARG I 251 -16.37 -31.02 26.02
CA ARG I 251 -16.86 -32.38 25.90
C ARG I 251 -17.56 -32.63 24.57
N PHE I 252 -17.62 -31.61 23.72
CA PHE I 252 -18.28 -31.78 22.44
C PHE I 252 -17.29 -32.17 21.37
N THR I 253 -17.67 -33.12 20.54
CA THR I 253 -16.86 -33.54 19.43
C THR I 253 -17.40 -32.88 18.18
N PRO I 254 -16.66 -32.76 17.08
CA PRO I 254 -17.13 -32.23 15.83
C PRO I 254 -18.40 -32.90 15.35
N GLN I 255 -18.52 -34.20 15.58
CA GLN I 255 -19.72 -34.90 15.11
C GLN I 255 -20.92 -34.47 15.92
N PHE I 256 -20.71 -34.23 17.20
CA PHE I 256 -21.76 -33.81 18.08
C PHE I 256 -22.30 -32.48 17.61
N LEU I 257 -21.40 -31.56 17.30
CA LEU I 257 -21.83 -30.25 16.87
C LEU I 257 -22.59 -30.33 15.57
N LEU I 258 -22.18 -31.21 14.66
CA LEU I 258 -22.92 -31.32 13.42
C LEU I 258 -24.31 -31.86 13.69
N GLN I 259 -24.43 -32.81 14.63
CA GLN I 259 -25.75 -33.35 14.92
C GLN I 259 -26.62 -32.28 15.54
N LEU I 260 -26.05 -31.43 16.39
CA LEU I 260 -26.88 -30.38 16.95
C LEU I 260 -27.32 -29.40 15.91
N ASN I 261 -26.43 -29.04 14.93
CA ASN I 261 -26.73 -28.11 13.86
C ASN I 261 -27.91 -28.63 13.02
N GLU I 262 -27.97 -29.95 12.74
CA GLU I 262 -29.07 -30.55 11.98
C GLU I 262 -30.37 -30.56 12.76
N THR I 263 -30.38 -30.90 14.05
CA THR I 263 -31.68 -30.94 14.67
C THR I 263 -32.21 -29.54 14.93
N ILE I 264 -31.34 -28.61 15.28
CA ILE I 264 -31.79 -27.26 15.55
C ILE I 264 -32.23 -26.55 14.29
N TYR I 265 -31.43 -26.65 13.25
CA TYR I 265 -31.75 -25.95 12.04
C TYR I 265 -33.00 -26.56 11.42
N ALA I 266 -33.04 -27.90 11.30
CA ALA I 266 -34.15 -28.61 10.66
C ALA I 266 -35.48 -28.42 11.37
N SER I 267 -35.45 -28.32 12.69
CA SER I 267 -36.67 -28.18 13.46
C SER I 267 -37.12 -26.73 13.59
N GLY I 268 -36.32 -25.80 13.07
CA GLY I 268 -36.64 -24.39 13.16
C GLY I 268 -36.43 -23.77 14.53
N LYS I 269 -35.56 -24.33 15.38
CA LYS I 269 -35.40 -23.76 16.71
C LYS I 269 -34.28 -22.72 16.67
N ARG I 270 -34.52 -21.71 15.87
CA ARG I 270 -33.59 -20.64 15.55
C ARG I 270 -34.22 -19.30 15.78
N SER I 271 -33.40 -18.27 15.93
CA SER I 271 -33.98 -16.97 16.12
C SER I 271 -34.80 -16.52 14.88
N ASN I 272 -36.01 -15.97 15.15
CA ASN I 272 -37.01 -15.38 14.24
C ASN I 272 -37.03 -13.84 14.33
N THR I 273 -36.82 -13.30 15.55
CA THR I 273 -36.74 -11.89 15.95
C THR I 273 -35.34 -11.42 15.63
N THR I 274 -35.01 -10.18 15.95
CA THR I 274 -33.69 -9.69 15.62
C THR I 274 -32.68 -9.99 16.73
N GLY I 275 -33.12 -10.62 17.82
CA GLY I 275 -32.23 -10.91 18.92
C GLY I 275 -31.42 -12.18 18.70
N LYS I 276 -30.40 -12.39 19.51
CA LYS I 276 -29.61 -13.60 19.42
C LYS I 276 -30.18 -14.65 20.32
N LEU I 277 -30.35 -15.84 19.81
CA LEU I 277 -30.87 -16.94 20.59
C LEU I 277 -29.71 -17.79 21.03
N ILE I 278 -29.47 -17.87 22.33
CA ILE I 278 -28.33 -18.63 22.80
C ILE I 278 -28.78 -19.87 23.56
N TRP I 279 -28.38 -21.01 23.03
CA TRP I 279 -28.68 -22.33 23.54
C TRP I 279 -27.69 -22.86 24.54
N LYS I 280 -28.19 -23.60 25.51
CA LYS I 280 -27.32 -24.26 26.43
C LYS I 280 -27.70 -25.73 26.51
N VAL I 281 -26.72 -26.57 26.21
CA VAL I 281 -26.92 -28.01 26.16
C VAL I 281 -27.31 -28.53 27.52
N ASN I 282 -28.21 -29.48 27.55
CA ASN I 282 -28.54 -30.07 28.82
C ASN I 282 -27.24 -30.67 29.36
N PRO I 283 -26.85 -30.44 30.62
CA PRO I 283 -25.66 -30.99 31.25
C PRO I 283 -25.45 -32.50 31.12
N GLU I 284 -26.55 -33.31 30.97
CA GLU I 284 -26.50 -34.77 30.83
C GLU I 284 -26.45 -35.08 29.34
N GLU J 1 -38.58 -14.14 33.22
CA GLU J 1 -37.88 -14.68 34.39
C GLU J 1 -36.74 -13.75 34.93
N VAL J 2 -36.24 -12.84 34.07
CA VAL J 2 -35.14 -11.91 34.32
C VAL J 2 -35.59 -10.68 35.12
N GLN J 3 -34.81 -10.33 36.14
CA GLN J 3 -35.07 -9.17 36.98
C GLN J 3 -33.81 -8.42 37.33
N LEU J 4 -33.88 -7.09 37.30
CA LEU J 4 -32.74 -6.30 37.71
C LEU J 4 -33.17 -5.18 38.64
N VAL J 5 -32.45 -4.97 39.75
CA VAL J 5 -32.84 -3.91 40.68
C VAL J 5 -31.76 -2.87 41.00
N GLU J 6 -32.14 -1.61 40.73
CA GLU J 6 -31.38 -0.39 40.93
C GLU J 6 -31.15 0.01 42.38
N SER J 7 -29.98 0.59 42.63
CA SER J 7 -29.56 1.14 43.91
C SER J 7 -28.51 2.23 43.71
N GLY J 8 -27.99 2.76 44.81
CA GLY J 8 -26.95 3.78 44.76
C GLY J 8 -27.43 5.21 44.47
N GLY J 9 -28.71 5.49 44.67
CA GLY J 9 -29.26 6.81 44.39
C GLY J 9 -29.31 7.69 45.63
N GLY J 10 -30.28 8.59 45.68
CA GLY J 10 -30.42 9.54 46.79
C GLY J 10 -29.86 10.92 46.43
N LEU J 11 -29.63 11.74 47.46
CA LEU J 11 -29.23 13.13 47.27
C LEU J 11 -27.73 13.38 47.18
N VAL J 12 -27.37 14.04 46.09
CA VAL J 12 -26.02 14.44 45.74
C VAL J 12 -26.03 15.94 45.40
N LYS J 13 -24.97 16.65 45.70
CA LYS J 13 -24.93 18.05 45.36
C LYS J 13 -24.45 18.25 43.91
N PRO J 14 -24.91 19.30 43.19
CA PRO J 14 -24.49 19.65 41.86
C PRO J 14 -23.03 20.01 41.94
N GLY J 15 -22.31 19.67 40.90
CA GLY J 15 -20.89 19.88 40.82
C GLY J 15 -20.16 18.62 41.27
N GLY J 16 -20.89 17.68 41.88
CA GLY J 16 -20.33 16.44 42.37
C GLY J 16 -20.56 15.29 41.39
N SER J 17 -20.54 14.09 41.94
CA SER J 17 -20.71 12.88 41.17
C SER J 17 -21.21 11.74 42.03
N LEU J 18 -21.75 10.73 41.38
CA LEU J 18 -22.17 9.50 42.06
C LEU J 18 -22.16 8.32 41.12
N ARG J 19 -22.16 7.11 41.67
CA ARG J 19 -22.26 5.94 40.84
C ARG J 19 -23.45 5.09 41.24
N LEU J 20 -24.32 4.83 40.28
CA LEU J 20 -25.50 4.02 40.52
C LEU J 20 -25.16 2.62 40.17
N SER J 21 -25.91 1.69 40.71
CA SER J 21 -25.71 0.28 40.38
C SER J 21 -27.06 -0.38 40.14
N CYS J 22 -27.08 -1.52 39.43
CA CYS J 22 -28.25 -2.35 39.21
C CYS J 22 -27.83 -3.82 39.11
N THR J 23 -28.25 -4.60 40.10
CA THR J 23 -27.84 -6.00 40.20
C THR J 23 -28.99 -6.89 39.86
N GLY J 24 -28.76 -7.86 38.98
CA GLY J 24 -29.86 -8.75 38.65
C GLY J 24 -29.58 -10.23 38.76
N SER J 25 -30.58 -10.99 38.32
CA SER J 25 -30.62 -12.44 38.31
C SER J 25 -31.68 -12.94 37.33
N GLY J 26 -31.72 -14.27 37.12
CA GLY J 26 -32.74 -14.89 36.27
C GLY J 26 -32.30 -15.10 34.83
N GLY J 27 -31.13 -14.57 34.51
CA GLY J 27 -30.53 -14.67 33.19
C GLY J 27 -29.49 -15.77 33.18
N THR J 28 -28.53 -15.66 32.27
CA THR J 28 -27.48 -16.65 32.07
C THR J 28 -26.12 -16.07 32.36
N GLY J 29 -26.14 -14.92 33.02
CA GLY J 29 -24.97 -14.14 33.34
C GLY J 29 -25.11 -12.94 32.46
N PHE J 30 -24.69 -11.77 32.90
CA PHE J 30 -24.91 -10.57 32.11
C PHE J 30 -23.71 -10.07 31.31
N THR J 31 -22.65 -10.84 31.28
CA THR J 31 -21.43 -10.38 30.63
C THR J 31 -21.26 -10.97 29.24
N PHE J 32 -21.44 -12.27 29.14
CA PHE J 32 -21.23 -12.99 27.90
C PHE J 32 -22.52 -13.72 27.65
N LYS J 33 -22.85 -14.00 26.39
CA LYS J 33 -24.08 -14.71 26.09
C LYS J 33 -25.22 -13.95 26.71
N TYR J 34 -25.24 -12.64 26.56
CA TYR J 34 -26.29 -11.88 27.17
C TYR J 34 -26.47 -10.56 26.50
N ALA J 35 -27.63 -9.98 26.70
CA ALA J 35 -27.99 -8.67 26.22
C ALA J 35 -27.12 -7.63 26.88
N GLY J 36 -26.88 -6.55 26.16
CA GLY J 36 -26.17 -5.45 26.77
C GLY J 36 -27.18 -4.76 27.63
N MET J 37 -26.77 -3.76 28.39
CA MET J 37 -27.72 -3.12 29.28
C MET J 37 -27.69 -1.62 29.24
N SER J 38 -28.86 -1.03 29.33
CA SER J 38 -28.97 0.41 29.24
C SER J 38 -29.45 1.09 30.48
N TRP J 39 -29.17 2.38 30.51
CA TRP J 39 -29.77 3.24 31.49
C TRP J 39 -30.68 4.20 30.74
N VAL J 40 -31.81 4.45 31.37
CA VAL J 40 -32.86 5.35 30.93
C VAL J 40 -33.28 6.18 32.13
N ARG J 41 -33.56 7.45 31.96
CA ARG J 41 -34.04 8.20 33.11
C ARG J 41 -35.35 8.86 32.83
N GLN J 42 -36.12 9.07 33.87
CA GLN J 42 -37.36 9.78 33.69
C GLN J 42 -37.60 10.75 34.82
N ALA J 43 -37.52 12.03 34.54
CA ALA J 43 -37.76 13.00 35.58
C ALA J 43 -39.25 12.95 35.84
N PRO J 44 -39.74 13.18 37.06
CA PRO J 44 -41.15 13.22 37.30
C PRO J 44 -41.77 14.26 36.37
N GLY J 45 -42.88 13.90 35.73
CA GLY J 45 -43.59 14.79 34.81
C GLY J 45 -43.07 14.73 33.37
N LYS J 46 -41.99 14.00 33.14
CA LYS J 46 -41.35 13.88 31.84
C LYS J 46 -41.38 12.45 31.33
N GLY J 47 -41.18 12.25 30.03
CA GLY J 47 -41.08 10.90 29.48
C GLY J 47 -39.66 10.37 29.70
N PRO J 48 -39.37 9.12 29.33
CA PRO J 48 -38.08 8.47 29.45
C PRO J 48 -37.08 9.06 28.46
N GLU J 49 -35.84 9.12 28.91
CA GLU J 49 -34.71 9.58 28.13
C GLU J 49 -33.61 8.54 28.10
N TRP J 50 -33.12 8.21 26.91
CA TRP J 50 -32.04 7.24 26.82
C TRP J 50 -30.75 7.85 27.31
N ILE J 51 -29.99 7.13 28.15
CA ILE J 51 -28.68 7.58 28.60
C ILE J 51 -27.57 6.91 27.80
N GLY J 52 -27.66 5.60 27.72
CA GLY J 52 -26.64 4.85 27.00
C GLY J 52 -26.66 3.38 27.36
N ARG J 53 -25.92 2.56 26.61
CA ARG J 53 -25.89 1.14 26.92
C ARG J 53 -24.55 0.48 26.70
N ILE J 54 -24.23 -0.45 27.58
CA ILE J 54 -23.01 -1.24 27.49
C ILE J 54 -23.34 -2.53 26.79
N LYS J 55 -22.60 -2.83 25.75
CA LYS J 55 -22.81 -4.02 24.99
C LYS J 55 -22.23 -5.18 25.73
N SER J 56 -22.68 -6.36 25.40
CA SER J 56 -22.12 -7.56 25.97
C SER J 56 -20.74 -7.72 25.41
N ARG J 57 -19.92 -8.56 26.05
CA ARG J 57 -18.58 -8.80 25.56
C ARG J 57 -18.56 -9.52 24.24
N ILE J 58 -19.53 -10.39 23.99
CA ILE J 58 -19.51 -11.12 22.73
C ILE J 58 -19.79 -10.16 21.58
N ASP J 59 -20.46 -9.05 21.88
CA ASP J 59 -20.76 -8.01 20.91
C ASP J 59 -19.75 -6.84 20.94
N GLY J 60 -18.61 -7.02 21.64
CA GLY J 60 -17.53 -6.03 21.72
C GLY J 60 -17.33 -5.27 23.04
N GLY J 61 -18.32 -5.25 23.93
CA GLY J 61 -18.17 -4.60 25.24
C GLY J 61 -18.06 -3.07 25.22
N THR J 62 -18.59 -2.40 24.20
CA THR J 62 -18.46 -0.94 24.09
C THR J 62 -19.70 -0.23 24.61
N THR J 63 -19.60 1.09 24.81
CA THR J 63 -20.79 1.83 25.24
C THR J 63 -21.23 2.88 24.24
N ASP J 64 -22.52 2.79 23.88
CA ASP J 64 -23.19 3.71 22.98
C ASP J 64 -23.93 4.74 23.82
N TYR J 65 -23.62 6.02 23.65
CA TYR J 65 -24.25 7.04 24.48
C TYR J 65 -25.23 7.95 23.78
N ALA J 66 -26.21 8.38 24.56
CA ALA J 66 -27.17 9.37 24.15
C ALA J 66 -26.50 10.73 24.14
N ALA J 67 -26.85 11.59 23.20
CA ALA J 67 -26.19 12.89 23.15
C ALA J 67 -26.21 13.72 24.46
N PRO J 68 -27.31 13.82 25.23
CA PRO J 68 -27.44 14.62 26.44
C PRO J 68 -26.47 14.27 27.57
N VAL J 69 -25.86 13.08 27.53
CA VAL J 69 -24.98 12.70 28.60
C VAL J 69 -23.55 12.52 28.14
N LYS J 70 -23.28 12.85 26.88
CA LYS J 70 -21.93 12.64 26.39
C LYS J 70 -20.97 13.49 27.14
N ASP J 71 -19.83 12.89 27.48
CA ASP J 71 -18.72 13.48 28.21
C ASP J 71 -19.06 13.76 29.68
N ARG J 72 -20.19 13.25 30.17
CA ARG J 72 -20.53 13.40 31.58
C ARG J 72 -20.84 12.05 32.22
N PHE J 73 -21.63 11.22 31.54
CA PHE J 73 -22.00 9.97 32.16
C PHE J 73 -21.25 8.81 31.52
N ILE J 74 -20.88 7.82 32.32
CA ILE J 74 -20.25 6.60 31.84
C ILE J 74 -21.02 5.32 32.19
N VAL J 75 -21.29 4.50 31.20
CA VAL J 75 -22.00 3.24 31.46
C VAL J 75 -20.98 2.11 31.40
N SER J 76 -20.92 1.33 32.48
CA SER J 76 -19.96 0.25 32.62
C SER J 76 -20.55 -0.93 33.39
N ARG J 77 -19.87 -2.07 33.38
CA ARG J 77 -20.37 -3.28 34.05
C ARG J 77 -19.31 -4.00 34.87
N ASP J 78 -19.75 -4.61 35.95
CA ASP J 78 -18.90 -5.47 36.77
C ASP J 78 -19.13 -6.89 36.27
N ASP J 79 -18.19 -7.32 35.44
CA ASP J 79 -18.31 -8.58 34.73
C ASP J 79 -18.42 -9.72 35.71
N SER J 80 -19.34 -10.62 35.41
CA SER J 80 -19.63 -11.83 36.18
C SER J 80 -20.20 -11.57 37.56
N ARG J 81 -20.55 -10.32 37.88
CA ARG J 81 -21.18 -9.99 39.15
C ARG J 81 -22.60 -9.56 38.87
N ASN J 82 -22.95 -9.67 37.60
CA ASN J 82 -24.25 -9.34 37.06
C ASN J 82 -24.68 -7.96 37.49
N THR J 83 -23.72 -7.02 37.51
CA THR J 83 -24.10 -5.69 37.97
C THR J 83 -23.71 -4.58 37.02
N LEU J 84 -24.70 -3.78 36.71
CA LEU J 84 -24.59 -2.64 35.83
C LEU J 84 -24.35 -1.38 36.63
N TYR J 85 -23.44 -0.52 36.17
CA TYR J 85 -23.19 0.73 36.86
C TYR J 85 -23.29 1.97 35.97
N LEU J 86 -23.69 3.08 36.57
CA LEU J 86 -23.72 4.36 35.87
C LEU J 86 -22.96 5.41 36.66
N GLN J 87 -21.90 5.92 36.08
CA GLN J 87 -21.09 6.94 36.76
C GLN J 87 -21.50 8.29 36.22
N MET J 88 -22.10 9.11 37.06
CA MET J 88 -22.57 10.40 36.60
C MET J 88 -21.71 11.51 37.15
N ASN J 89 -20.96 12.18 36.28
CA ASN J 89 -20.10 13.24 36.73
C ASN J 89 -20.69 14.59 36.38
N SER J 90 -20.04 15.67 36.83
CA SER J 90 -20.44 17.03 36.48
C SER J 90 -21.93 17.21 36.67
N LEU J 91 -22.44 16.80 37.82
CA LEU J 91 -23.88 16.85 38.04
C LEU J 91 -24.47 18.22 38.08
N LYS J 92 -25.63 18.35 37.46
CA LYS J 92 -26.38 19.58 37.46
C LYS J 92 -27.77 19.27 38.00
N THR J 93 -28.51 20.26 38.46
CA THR J 93 -29.81 19.98 39.06
C THR J 93 -30.84 19.45 38.03
N GLU J 94 -30.52 19.64 36.76
CA GLU J 94 -31.30 19.17 35.62
C GLU J 94 -31.28 17.64 35.54
N ASP J 95 -30.35 17.02 36.27
CA ASP J 95 -30.18 15.58 36.27
C ASP J 95 -31.06 14.91 37.32
N THR J 96 -31.87 15.67 38.05
CA THR J 96 -32.75 14.97 38.98
C THR J 96 -33.72 14.15 38.14
N ALA J 97 -33.79 12.86 38.42
CA ALA J 97 -34.65 11.96 37.66
C ALA J 97 -34.70 10.61 38.31
N VAL J 98 -35.65 9.78 37.88
CA VAL J 98 -35.60 8.41 38.32
C VAL J 98 -34.75 7.65 37.30
N TYR J 99 -33.73 6.99 37.77
CA TYR J 99 -32.82 6.27 36.91
C TYR J 99 -33.06 4.80 36.89
N TYR J 100 -33.34 4.30 35.71
CA TYR J 100 -33.68 2.91 35.50
C TYR J 100 -32.60 2.20 34.73
N CYS J 101 -32.44 0.90 35.02
CA CYS J 101 -31.62 -0.04 34.27
C CYS J 101 -32.64 -0.80 33.41
N ALA J 102 -32.21 -1.18 32.23
CA ALA J 102 -33.12 -1.90 31.37
C ALA J 102 -32.41 -2.97 30.53
N THR J 103 -33.10 -4.10 30.39
CA THR J 103 -32.53 -5.24 29.69
C THR J 103 -33.36 -5.85 28.55
N GLY J 104 -32.66 -6.09 27.47
CA GLY J 104 -33.21 -6.76 26.30
C GLY J 104 -33.13 -8.28 26.44
N SER J 105 -33.79 -8.83 27.43
CA SER J 105 -33.70 -10.28 27.65
C SER J 105 -35.04 -10.96 27.86
N GLY J 106 -34.97 -12.19 28.32
CA GLY J 106 -36.11 -13.06 28.53
C GLY J 106 -35.80 -14.42 27.95
N LYS J 107 -36.51 -15.43 28.42
CA LYS J 107 -36.31 -16.81 28.00
C LYS J 107 -36.93 -17.09 26.62
N GLY J 108 -36.28 -17.97 25.86
CA GLY J 108 -36.70 -18.40 24.54
C GLY J 108 -37.24 -19.83 24.58
N PRO J 109 -37.42 -20.50 23.43
CA PRO J 109 -37.93 -21.85 23.34
C PRO J 109 -36.95 -22.88 23.83
N SER J 110 -37.46 -23.96 24.37
CA SER J 110 -36.64 -25.09 24.78
C SER J 110 -36.73 -26.21 23.77
N ALA J 111 -35.88 -27.21 23.96
CA ALA J 111 -35.84 -28.38 23.10
C ALA J 111 -35.37 -29.55 23.93
N SER J 112 -35.55 -30.80 23.47
CA SER J 112 -35.09 -31.96 24.27
C SER J 112 -33.59 -31.92 24.50
N PHE J 113 -32.94 -31.18 23.63
CA PHE J 113 -31.55 -30.82 23.60
C PHE J 113 -31.04 -30.00 24.78
N GLY J 114 -31.78 -28.93 25.12
CA GLY J 114 -31.32 -27.93 26.09
C GLY J 114 -32.28 -26.73 26.25
N GLU J 115 -31.79 -25.71 26.93
CA GLU J 115 -32.54 -24.49 27.26
C GLU J 115 -32.10 -23.30 26.42
N SER J 116 -32.94 -22.26 26.29
CA SER J 116 -32.47 -21.10 25.52
C SER J 116 -33.06 -19.77 25.94
N TYR J 117 -32.29 -18.70 25.73
CA TYR J 117 -32.66 -17.28 25.96
C TYR J 117 -32.45 -16.36 24.76
N TYR J 118 -33.23 -15.30 24.66
CA TYR J 118 -33.01 -14.32 23.59
C TYR J 118 -32.44 -13.02 24.07
N TYR J 119 -31.52 -12.47 23.31
CA TYR J 119 -30.95 -11.18 23.64
C TYR J 119 -31.25 -10.17 22.55
N TYR J 120 -31.98 -9.15 22.94
CA TYR J 120 -32.58 -8.16 22.07
C TYR J 120 -31.90 -6.80 22.04
N ASP J 121 -32.29 -6.05 21.02
CA ASP J 121 -31.94 -4.68 20.71
C ASP J 121 -33.01 -3.66 21.16
N PHE J 122 -33.87 -4.11 22.06
CA PHE J 122 -34.97 -3.36 22.68
C PHE J 122 -35.18 -3.88 24.09
N ILE J 123 -36.00 -3.20 24.89
CA ILE J 123 -36.19 -3.60 26.27
C ILE J 123 -37.45 -4.34 26.65
N ASN J 124 -37.27 -5.50 27.30
CA ASN J 124 -38.37 -6.26 27.84
C ASN J 124 -38.45 -6.14 29.34
N VAL J 125 -37.30 -5.97 29.96
CA VAL J 125 -37.21 -5.93 31.40
C VAL J 125 -36.76 -4.59 31.92
N TRP J 126 -37.57 -4.02 32.77
CA TRP J 126 -37.24 -2.76 33.39
C TRP J 126 -37.04 -2.97 34.86
N GLY J 127 -36.14 -2.22 35.47
CA GLY J 127 -36.00 -2.28 36.91
C GLY J 127 -37.03 -1.37 37.57
N LYS J 128 -36.89 -1.13 38.87
CA LYS J 128 -37.88 -0.32 39.58
C LYS J 128 -37.62 1.17 39.43
N GLY J 129 -36.34 1.52 39.30
CA GLY J 129 -35.88 2.89 39.18
C GLY J 129 -35.37 3.45 40.51
N THR J 130 -34.18 4.05 40.51
CA THR J 130 -33.67 4.62 41.75
C THR J 130 -33.71 6.12 41.58
N THR J 131 -34.25 6.83 42.55
CA THR J 131 -34.34 8.27 42.38
C THR J 131 -33.03 8.92 42.77
N VAL J 132 -32.56 9.80 41.89
CA VAL J 132 -31.37 10.57 42.11
C VAL J 132 -31.76 12.02 42.14
N THR J 133 -31.41 12.67 43.23
CA THR J 133 -31.74 14.06 43.41
C THR J 133 -30.50 14.89 43.39
N VAL J 134 -30.48 15.89 42.54
CA VAL J 134 -29.32 16.75 42.51
C VAL J 134 -29.84 18.11 42.94
N SER J 135 -29.31 18.63 44.04
CA SER J 135 -29.81 19.91 44.55
C SER J 135 -28.78 20.61 45.44
N SER J 136 -28.96 21.93 45.67
CA SER J 136 -28.11 22.78 46.52
C SER J 136 -28.50 22.71 48.02
N GLU K 1 -30.49 14.63 14.00
CA GLU K 1 -30.63 13.24 14.42
C GLU K 1 -32.03 12.76 14.04
N SER K 2 -32.33 11.46 14.34
CA SER K 2 -33.64 10.84 14.11
C SER K 2 -34.46 11.03 15.38
N VAL K 3 -35.47 11.88 15.29
CA VAL K 3 -36.28 12.30 16.41
C VAL K 3 -37.77 11.99 16.21
N LEU K 4 -38.39 11.45 17.26
CA LEU K 4 -39.81 11.08 17.26
C LEU K 4 -40.76 12.12 17.83
N THR K 5 -41.78 12.48 17.06
CA THR K 5 -42.81 13.40 17.53
C THR K 5 -44.19 12.76 17.44
N GLN K 6 -44.91 12.74 18.55
CA GLN K 6 -46.26 12.18 18.62
C GLN K 6 -47.36 13.18 18.37
N SER K 7 -48.44 12.68 17.80
CA SER K 7 -49.66 13.45 17.58
C SER K 7 -50.92 12.55 17.51
N PRO K 8 -52.03 12.96 18.16
CA PRO K 8 -52.29 14.15 18.97
C PRO K 8 -51.62 14.05 20.34
N GLY K 9 -51.41 15.20 20.99
CA GLY K 9 -50.86 15.22 22.35
C GLY K 9 -51.76 14.51 23.37
N THR K 10 -53.07 14.60 23.15
CA THR K 10 -54.04 13.92 24.00
C THR K 10 -55.09 13.27 23.10
N LEU K 11 -55.48 12.05 23.42
CA LEU K 11 -56.54 11.39 22.70
C LEU K 11 -57.75 11.39 23.61
N SER K 12 -58.94 11.56 23.05
CA SER K 12 -60.13 11.53 23.89
C SER K 12 -61.22 10.66 23.29
N LEU K 13 -61.50 9.57 23.98
CA LEU K 13 -62.46 8.59 23.52
C LEU K 13 -63.10 7.76 24.61
N SER K 14 -64.37 7.45 24.46
CA SER K 14 -65.04 6.60 25.44
C SER K 14 -64.46 5.20 25.34
N PRO K 15 -64.40 4.41 26.42
CA PRO K 15 -63.94 3.06 26.35
C PRO K 15 -64.88 2.31 25.43
N GLY K 16 -64.31 1.44 24.62
CA GLY K 16 -65.03 0.65 23.64
C GLY K 16 -64.91 1.25 22.25
N GLU K 17 -64.42 2.49 22.15
CA GLU K 17 -64.21 3.15 20.88
C GLU K 17 -62.78 2.88 20.44
N ARG K 18 -62.53 2.93 19.14
CA ARG K 18 -61.20 2.73 18.53
C ARG K 18 -60.28 3.91 18.77
N ALA K 19 -58.99 3.65 18.97
CA ALA K 19 -58.04 4.75 19.14
C ALA K 19 -56.78 4.57 18.35
N THR K 20 -56.28 5.67 17.78
CA THR K 20 -55.01 5.62 17.10
C THR K 20 -54.13 6.78 17.49
N LEU K 21 -52.85 6.49 17.58
CA LEU K 21 -51.79 7.46 17.85
C LEU K 21 -50.65 7.31 16.88
N SER K 22 -50.23 8.41 16.28
CA SER K 22 -49.15 8.33 15.32
C SER K 22 -47.88 9.05 15.80
N CYS K 23 -46.72 8.63 15.26
CA CYS K 23 -45.41 9.25 15.43
C CYS K 23 -44.78 9.53 14.08
N ARG K 24 -44.19 10.70 13.98
CA ARG K 24 -43.44 11.03 12.80
C ARG K 24 -41.99 11.18 13.14
N ALA K 25 -41.17 10.43 12.44
CA ALA K 25 -39.74 10.48 12.63
C ALA K 25 -39.14 11.53 11.71
N SER K 26 -38.09 12.19 12.18
CA SER K 26 -37.34 13.12 11.34
C SER K 26 -36.54 12.39 10.24
N GLN K 27 -36.33 11.09 10.38
CA GLN K 27 -35.60 10.30 9.41
C GLN K 27 -36.34 9.01 9.11
N SER K 28 -36.23 8.53 7.88
CA SER K 28 -36.85 7.27 7.49
C SER K 28 -36.19 6.11 8.21
N ILE K 29 -37.00 5.15 8.61
CA ILE K 29 -36.53 3.97 9.31
C ILE K 29 -37.26 2.68 8.93
N SER K 30 -36.52 1.58 8.87
CA SER K 30 -37.10 0.28 8.57
C SER K 30 -37.97 -0.19 9.73
N ARG K 31 -38.99 -0.99 9.39
CA ARG K 31 -39.96 -1.49 10.36
C ARG K 31 -39.39 -2.25 11.54
N LYS K 32 -38.34 -3.01 11.31
CA LYS K 32 -37.79 -3.83 12.36
C LYS K 32 -37.20 -3.05 13.53
N TYR K 33 -37.01 -1.75 13.36
CA TYR K 33 -36.41 -0.95 14.41
C TYR K 33 -37.38 -0.13 15.24
N LEU K 34 -38.69 -0.36 15.13
CA LEU K 34 -39.65 0.45 15.89
C LEU K 34 -40.35 -0.25 17.04
N ALA K 35 -40.72 0.52 18.07
CA ALA K 35 -41.48 0.01 19.21
C ALA K 35 -42.33 1.09 19.86
N TRP K 36 -43.34 0.67 20.60
CA TRP K 36 -44.18 1.57 21.40
C TRP K 36 -44.20 1.07 22.82
N TYR K 37 -44.30 1.95 23.79
CA TYR K 37 -44.40 1.53 25.18
C TYR K 37 -45.61 2.11 25.92
N GLN K 38 -46.15 1.34 26.87
CA GLN K 38 -47.32 1.76 27.69
C GLN K 38 -46.98 2.07 29.14
N GLN K 39 -47.18 3.31 29.57
CA GLN K 39 -46.82 3.64 30.95
C GLN K 39 -47.95 4.17 31.83
N LYS K 40 -47.97 3.65 33.04
CA LYS K 40 -48.88 4.11 34.07
C LYS K 40 -48.04 4.63 35.21
N PRO K 41 -48.51 5.57 36.03
CA PRO K 41 -47.78 6.09 37.16
C PRO K 41 -47.38 4.95 38.07
N GLY K 42 -46.14 4.99 38.55
CA GLY K 42 -45.63 3.97 39.44
C GLY K 42 -45.05 2.75 38.71
N GLN K 43 -45.13 2.74 37.38
CA GLN K 43 -44.63 1.58 36.64
C GLN K 43 -43.66 1.97 35.55
N ALA K 44 -42.69 1.10 35.27
CA ALA K 44 -41.82 1.32 34.13
C ALA K 44 -42.68 0.96 32.90
N PRO K 45 -42.47 1.56 31.72
CA PRO K 45 -43.26 1.30 30.53
C PRO K 45 -43.25 -0.16 30.07
N ARG K 46 -44.40 -0.68 29.64
CA ARG K 46 -44.47 -2.04 29.12
C ARG K 46 -44.13 -2.04 27.64
N LEU K 47 -43.50 -3.10 27.15
CA LEU K 47 -43.13 -3.11 25.73
C LEU K 47 -44.24 -3.07 24.69
N LEU K 48 -45.38 -3.73 24.88
CA LEU K 48 -46.48 -3.73 23.89
C LEU K 48 -46.21 -4.33 22.50
N ILE K 49 -45.40 -3.63 21.72
CA ILE K 49 -45.10 -3.91 20.33
C ILE K 49 -43.65 -3.57 20.00
N TYR K 50 -43.03 -4.35 19.12
CA TYR K 50 -41.69 -4.07 18.67
C TYR K 50 -41.55 -4.47 17.21
N GLY K 51 -40.59 -3.89 16.51
CA GLY K 51 -40.38 -4.28 15.13
C GLY K 51 -41.52 -3.78 14.27
N SER K 52 -42.13 -2.69 14.73
CA SER K 52 -43.30 -2.01 14.15
C SER K 52 -44.59 -2.82 14.29
N SER K 53 -44.60 -4.04 13.74
CA SER K 53 -45.78 -4.90 13.75
C SER K 53 -45.72 -6.19 14.59
N SER K 54 -44.63 -6.49 15.31
CA SER K 54 -44.58 -7.73 16.06
C SER K 54 -44.98 -7.52 17.52
N ARG K 55 -45.97 -8.25 17.98
CA ARG K 55 -46.42 -8.00 19.34
C ARG K 55 -45.45 -8.53 20.37
N ALA K 56 -45.34 -7.81 21.46
CA ALA K 56 -44.60 -8.28 22.61
C ALA K 56 -45.47 -9.35 23.23
N THR K 57 -44.91 -10.27 24.00
CA THR K 57 -45.80 -11.24 24.60
C THR K 57 -46.43 -10.64 25.83
N GLY K 58 -47.56 -11.24 26.27
CA GLY K 58 -48.27 -10.76 27.46
C GLY K 58 -49.18 -9.58 27.11
N ILE K 59 -49.29 -9.30 25.81
CA ILE K 59 -50.05 -8.20 25.25
C ILE K 59 -51.26 -8.68 24.45
N PRO K 60 -52.47 -8.16 24.71
CA PRO K 60 -53.70 -8.45 24.02
C PRO K 60 -53.64 -8.11 22.53
N ASP K 61 -54.40 -8.86 21.74
CA ASP K 61 -54.48 -8.75 20.29
C ASP K 61 -55.07 -7.44 19.80
N ARG K 62 -55.76 -6.75 20.69
CA ARG K 62 -56.35 -5.47 20.35
C ARG K 62 -55.28 -4.42 20.06
N PHE K 63 -54.04 -4.66 20.51
CA PHE K 63 -52.95 -3.74 20.25
C PHE K 63 -52.21 -4.16 19.00
N SER K 64 -52.15 -3.30 17.99
CA SER K 64 -51.47 -3.64 16.75
C SER K 64 -50.74 -2.45 16.13
N GLY K 65 -49.46 -2.62 15.85
CA GLY K 65 -48.69 -1.53 15.25
C GLY K 65 -48.59 -1.67 13.73
N SER K 66 -48.31 -0.55 13.07
CA SER K 66 -48.09 -0.52 11.63
C SER K 66 -47.29 0.71 11.22
N GLY K 67 -46.79 0.72 9.99
CA GLY K 67 -46.10 1.90 9.47
C GLY K 67 -44.83 1.60 8.70
N SER K 68 -44.29 2.65 8.09
CA SER K 68 -43.09 2.58 7.27
C SER K 68 -42.47 3.96 7.10
N GLY K 69 -41.23 4.04 6.61
CA GLY K 69 -40.67 5.34 6.32
C GLY K 69 -40.56 6.14 7.61
N THR K 70 -41.22 7.27 7.65
CA THR K 70 -41.22 8.14 8.81
C THR K 70 -42.50 8.09 9.60
N ASP K 71 -43.49 7.37 9.12
CA ASP K 71 -44.81 7.42 9.75
C ASP K 71 -45.31 6.09 10.32
N PHE K 72 -45.41 6.07 11.65
CA PHE K 72 -45.81 4.88 12.36
C PHE K 72 -47.00 5.12 13.27
N THR K 73 -47.86 4.12 13.39
CA THR K 73 -49.07 4.21 14.22
C THR K 73 -49.31 3.00 15.12
N LEU K 74 -49.89 3.26 16.29
CA LEU K 74 -50.38 2.22 17.16
C LEU K 74 -51.88 2.31 17.18
N THR K 75 -52.52 1.21 16.84
CA THR K 75 -53.97 1.15 16.84
C THR K 75 -54.46 0.22 17.91
N ILE K 76 -55.42 0.69 18.67
CA ILE K 76 -56.05 -0.15 19.65
C ILE K 76 -57.47 -0.31 19.09
N SER K 77 -57.85 -1.56 18.75
CA SER K 77 -59.12 -1.77 18.05
C SER K 77 -60.34 -1.33 18.86
N ARG K 78 -60.25 -1.47 20.17
CA ARG K 78 -61.25 -1.06 21.13
C ARG K 78 -60.44 -0.65 22.32
N LEU K 79 -60.56 0.57 22.77
CA LEU K 79 -59.74 0.95 23.89
C LEU K 79 -60.45 0.62 25.18
N GLU K 80 -59.85 -0.18 26.05
CA GLU K 80 -60.52 -0.58 27.28
C GLU K 80 -60.13 0.41 28.39
N PRO K 81 -60.90 0.57 29.48
CA PRO K 81 -60.57 1.45 30.60
C PRO K 81 -59.14 1.25 31.13
N GLU K 82 -58.67 0.01 31.10
CA GLU K 82 -57.35 -0.34 31.58
C GLU K 82 -56.22 0.10 30.65
N ASP K 83 -56.57 0.49 29.44
CA ASP K 83 -55.62 0.90 28.44
C ASP K 83 -55.43 2.41 28.39
N PHE K 84 -56.10 3.17 29.26
CA PHE K 84 -55.94 4.63 29.20
C PHE K 84 -54.68 5.09 29.93
N ALA K 85 -53.56 4.81 29.28
CA ALA K 85 -52.18 5.01 29.71
C ALA K 85 -51.48 6.06 28.85
N VAL K 86 -50.24 6.37 29.21
CA VAL K 86 -49.44 7.27 28.38
C VAL K 86 -48.64 6.42 27.42
N TYR K 87 -48.71 6.74 26.15
CA TYR K 87 -47.99 5.93 25.18
C TYR K 87 -46.80 6.68 24.60
N TYR K 88 -45.74 5.93 24.37
CA TYR K 88 -44.50 6.46 23.82
C TYR K 88 -44.05 5.66 22.61
N CYS K 89 -43.38 6.32 21.64
CA CYS K 89 -42.69 5.66 20.52
C CYS K 89 -41.24 5.47 20.88
N HIS K 90 -40.63 4.52 20.22
CA HIS K 90 -39.22 4.29 20.35
C HIS K 90 -38.62 3.75 19.08
N GLN K 91 -37.41 4.18 18.79
CA GLN K 91 -36.73 3.66 17.62
C GLN K 91 -35.29 3.32 17.93
N TYR K 92 -34.79 2.28 17.24
CA TYR K 92 -33.45 1.77 17.56
C TYR K 92 -32.34 2.38 16.70
N GLU K 93 -32.69 2.77 15.47
CA GLU K 93 -31.79 3.38 14.50
C GLU K 93 -30.53 2.62 14.16
N SER K 94 -30.52 1.34 14.46
CA SER K 94 -29.37 0.47 14.27
C SER K 94 -28.19 0.84 15.19
N SER K 95 -28.38 1.82 16.10
CA SER K 95 -27.35 2.23 17.07
C SER K 95 -27.81 3.23 18.17
N PRO K 96 -28.11 4.54 17.91
CA PRO K 96 -28.61 5.47 18.91
C PRO K 96 -30.06 5.17 19.20
N TRP K 97 -30.51 5.37 20.42
CA TRP K 97 -31.93 5.18 20.68
C TRP K 97 -32.66 6.49 20.97
N THR K 98 -33.89 6.54 20.47
CA THR K 98 -34.80 7.69 20.66
C THR K 98 -36.18 7.32 21.20
N PHE K 99 -36.67 8.10 22.17
CA PHE K 99 -38.03 7.97 22.73
C PHE K 99 -38.91 9.15 22.30
N GLY K 100 -40.23 8.92 22.17
CA GLY K 100 -41.18 10.01 21.87
C GLY K 100 -41.47 10.82 23.13
N GLN K 101 -42.26 11.89 23.03
CA GLN K 101 -42.46 12.72 24.23
C GLN K 101 -43.48 12.22 25.26
N GLY K 102 -44.41 11.35 24.86
CA GLY K 102 -45.44 10.82 25.73
C GLY K 102 -46.77 11.45 25.43
N THR K 103 -47.72 10.61 25.05
CA THR K 103 -49.08 11.01 24.71
C THR K 103 -50.08 10.43 25.65
N LYS K 104 -50.96 11.28 26.15
CA LYS K 104 -51.93 10.82 27.12
C LYS K 104 -53.24 10.39 26.47
N VAL K 105 -53.77 9.26 26.90
CA VAL K 105 -55.04 8.84 26.39
C VAL K 105 -56.07 8.96 27.53
N GLU K 106 -57.14 9.70 27.27
CA GLU K 106 -58.18 9.97 28.28
C GLU K 106 -59.60 9.63 27.78
N ILE K 107 -60.53 9.34 28.74
CA ILE K 107 -61.94 9.05 28.47
C ILE K 107 -62.67 10.38 28.13
N VAL L 43 16.45 -48.34 17.56
CA VAL L 43 16.94 -47.41 18.58
C VAL L 43 15.90 -46.32 19.00
N ILE L 44 14.63 -46.41 18.51
CA ILE L 44 13.55 -45.45 18.76
C ILE L 44 12.51 -46.02 19.69
N VAL L 45 12.33 -45.37 20.83
CA VAL L 45 11.35 -45.83 21.78
C VAL L 45 10.20 -44.85 21.84
N ASN L 46 9.04 -45.27 21.38
CA ASN L 46 7.90 -44.39 21.34
C ASN L 46 7.34 -44.26 22.74
N ALA L 47 7.37 -43.03 23.25
CA ALA L 47 6.96 -42.76 24.61
C ALA L 47 5.77 -41.84 24.65
N GLN L 48 4.96 -41.87 23.61
CA GLN L 48 3.80 -41.02 23.55
C GLN L 48 2.64 -41.70 24.26
N PRO L 49 1.69 -40.94 24.85
CA PRO L 49 0.49 -41.45 25.46
C PRO L 49 -0.31 -42.40 24.60
N LYS L 50 -0.33 -42.14 23.31
CA LYS L 50 -1.04 -43.00 22.40
C LYS L 50 -0.46 -42.80 21.01
N CYS L 51 -0.85 -43.66 20.04
CA CYS L 51 -0.37 -43.62 18.67
C CYS L 51 -1.44 -44.07 17.68
N ASN L 52 -1.64 -43.26 16.65
CA ASN L 52 -2.49 -43.70 15.56
C ASN L 52 -1.57 -44.63 14.76
N PRO L 53 -1.85 -45.94 14.67
CA PRO L 53 -1.01 -46.92 14.06
C PRO L 53 -0.97 -46.81 12.56
N ASN L 54 -1.80 -45.98 11.96
CA ASN L 54 -1.76 -45.94 10.53
C ASN L 54 -1.67 -44.53 9.95
N LEU L 55 -1.24 -44.47 8.69
CA LEU L 55 -1.12 -43.20 8.02
C LEU L 55 -2.00 -43.07 6.83
N HIS L 56 -2.67 -41.97 6.77
CA HIS L 56 -3.48 -41.62 5.64
C HIS L 56 -2.73 -40.43 5.14
N TYR L 57 -2.13 -40.58 3.98
CA TYR L 57 -1.21 -39.58 3.49
C TYR L 57 -1.55 -39.00 2.16
N TRP L 58 -0.97 -37.84 1.91
CA TRP L 58 -1.03 -37.16 0.64
C TRP L 58 0.36 -36.67 0.24
N THR L 59 0.55 -36.54 -1.05
CA THR L 59 1.80 -36.00 -1.62
C THR L 59 1.64 -35.49 -3.05
N THR L 60 2.71 -35.02 -3.65
CA THR L 60 2.68 -34.47 -5.00
C THR L 60 3.65 -35.14 -5.94
N GLN L 61 3.15 -36.12 -6.70
CA GLN L 61 3.98 -36.91 -7.59
C GLN L 61 3.38 -36.90 -8.98
N GLY L 68 -2.42 -35.96 -21.77
CA GLY L 68 -1.81 -35.48 -22.99
C GLY L 68 -1.36 -34.03 -22.81
N LEU L 69 -2.35 -33.13 -22.59
CA LEU L 69 -2.16 -31.69 -22.35
C LEU L 69 -2.15 -31.44 -20.87
N ALA L 70 -2.27 -32.49 -20.10
CA ALA L 70 -2.38 -32.40 -18.66
C ALA L 70 -1.20 -31.71 -18.02
N TRP L 71 -0.02 -31.84 -18.59
CA TRP L 71 1.18 -31.23 -18.03
C TRP L 71 1.24 -29.72 -18.21
N ILE L 72 0.43 -29.17 -19.09
CA ILE L 72 0.45 -27.75 -19.36
C ILE L 72 -0.36 -27.05 -18.28
N PRO L 73 0.20 -26.07 -17.52
CA PRO L 73 -0.48 -25.36 -16.43
C PRO L 73 -1.84 -24.80 -16.82
N TYR L 74 -1.96 -24.38 -18.06
CA TYR L 74 -3.20 -23.86 -18.61
C TYR L 74 -4.32 -24.88 -18.64
N PHE L 75 -4.01 -26.14 -18.95
CA PHE L 75 -5.03 -27.18 -19.06
C PHE L 75 -5.05 -28.13 -17.89
N GLY L 76 -4.02 -28.11 -17.08
CA GLY L 76 -3.91 -29.05 -15.98
C GLY L 76 -4.84 -28.68 -14.84
N PRO L 77 -4.82 -29.43 -13.74
CA PRO L 77 -5.66 -29.28 -12.58
C PRO L 77 -5.32 -28.07 -11.75
N ALA L 78 -6.31 -27.60 -11.00
CA ALA L 78 -6.15 -26.54 -10.03
C ALA L 78 -5.39 -27.09 -8.86
N ALA L 79 -4.79 -26.23 -8.05
CA ALA L 79 -3.94 -26.68 -6.94
C ALA L 79 -4.60 -27.66 -5.99
N GLU L 80 -5.88 -27.58 -5.74
CA GLU L 80 -6.47 -28.51 -4.80
C GLU L 80 -6.43 -29.97 -5.29
N GLY L 81 -6.29 -30.13 -6.61
CA GLY L 81 -6.29 -31.41 -7.30
C GLY L 81 -4.92 -31.96 -7.68
N ILE L 82 -3.82 -31.39 -7.19
CA ILE L 82 -2.52 -31.90 -7.66
C ILE L 82 -1.93 -32.93 -6.73
N TYR L 83 -2.71 -33.36 -5.76
CA TYR L 83 -2.20 -34.30 -4.77
C TYR L 83 -2.70 -35.71 -4.98
N THR L 84 -1.87 -36.66 -4.62
CA THR L 84 -2.23 -38.07 -4.62
C THR L 84 -2.51 -38.50 -3.20
N GLU L 85 -2.93 -39.74 -3.02
CA GLU L 85 -3.32 -40.21 -1.70
C GLU L 85 -3.24 -41.72 -1.51
N GLY L 86 -3.17 -42.16 -0.25
CA GLY L 86 -3.25 -43.59 0.07
C GLY L 86 -3.04 -43.91 1.54
N LEU L 87 -3.10 -45.19 1.91
CA LEU L 87 -2.89 -45.59 3.30
C LEU L 87 -1.69 -46.50 3.47
N MET L 88 -1.07 -46.41 4.64
CA MET L 88 -0.03 -47.32 5.08
C MET L 88 -0.33 -47.82 6.48
N HIS L 89 0.00 -49.07 6.77
CA HIS L 89 -0.21 -49.56 8.13
C HIS L 89 1.09 -49.67 8.87
N ASN L 90 1.04 -50.06 10.15
CA ASN L 90 2.21 -50.10 11.00
C ASN L 90 3.04 -51.33 10.80
N GLN L 91 3.60 -51.46 9.62
CA GLN L 91 4.33 -52.65 9.31
C GLN L 91 5.60 -52.63 10.10
N ASP L 92 5.80 -53.67 10.88
CA ASP L 92 6.95 -53.85 11.72
C ASP L 92 7.25 -52.66 12.63
N GLY L 93 6.22 -51.99 13.14
CA GLY L 93 6.44 -50.90 14.08
C GLY L 93 6.86 -49.58 13.46
N LEU L 94 6.89 -49.50 12.14
CA LEU L 94 7.34 -48.31 11.45
C LEU L 94 6.56 -47.06 11.72
N ILE L 95 5.24 -47.11 11.80
CA ILE L 95 4.55 -45.83 11.93
C ILE L 95 4.73 -45.17 13.27
N CYS L 96 4.61 -45.92 14.38
CA CYS L 96 4.78 -45.37 15.71
C CYS L 96 6.24 -44.98 15.89
N GLY L 97 7.18 -45.72 15.29
CA GLY L 97 8.57 -45.32 15.38
C GLY L 97 8.76 -43.98 14.67
N LEU L 98 8.10 -43.80 13.54
CA LEU L 98 8.18 -42.58 12.79
C LEU L 98 7.58 -41.41 13.53
N ARG L 99 6.46 -41.62 14.22
CA ARG L 99 5.89 -40.51 14.97
C ARG L 99 6.85 -40.06 16.06
N GLN L 100 7.50 -41.02 16.72
CA GLN L 100 8.46 -40.66 17.75
C GLN L 100 9.65 -39.95 17.16
N LEU L 101 10.07 -40.33 15.96
CA LEU L 101 11.19 -39.66 15.35
C LEU L 101 10.85 -38.21 15.12
N ALA L 102 9.69 -37.93 14.56
CA ALA L 102 9.32 -36.53 14.29
C ALA L 102 9.27 -35.67 15.56
N ASN L 103 8.84 -36.29 16.70
CA ASN L 103 8.79 -35.66 18.01
C ASN L 103 10.21 -35.30 18.53
N GLU L 104 11.24 -36.14 18.22
CA GLU L 104 12.65 -35.93 18.62
C GLU L 104 13.42 -34.97 17.73
N THR L 105 13.09 -34.94 16.45
CA THR L 105 13.81 -34.08 15.51
C THR L 105 13.39 -32.64 15.64
N THR L 106 12.29 -32.40 16.33
CA THR L 106 11.76 -31.06 16.50
C THR L 106 12.72 -30.14 17.21
N GLN L 107 13.37 -30.58 18.28
CA GLN L 107 14.27 -29.66 18.97
C GLN L 107 15.42 -29.21 18.10
N ALA L 108 16.02 -30.14 17.37
CA ALA L 108 17.14 -29.80 16.53
C ALA L 108 16.71 -28.85 15.43
N LEU L 109 15.52 -29.08 14.90
CA LEU L 109 15.05 -28.25 13.82
C LEU L 109 14.76 -26.85 14.30
N GLN L 110 14.18 -26.69 15.48
CA GLN L 110 13.91 -25.34 15.91
C GLN L 110 15.20 -24.57 16.20
N LEU L 111 16.24 -25.22 16.76
CA LEU L 111 17.47 -24.48 17.02
C LEU L 111 18.14 -24.09 15.72
N PHE L 112 18.06 -24.97 14.73
CA PHE L 112 18.60 -24.68 13.42
C PHE L 112 17.95 -23.45 12.85
N LEU L 113 16.62 -23.41 12.87
CA LEU L 113 15.94 -22.29 12.31
C LEU L 113 16.25 -21.01 13.05
N ARG L 114 16.43 -21.06 14.35
CA ARG L 114 16.78 -19.84 15.07
C ARG L 114 18.05 -19.21 14.52
N ALA L 115 19.05 -20.03 14.27
CA ALA L 115 20.34 -19.58 13.77
C ALA L 115 20.36 -19.02 12.34
N THR L 116 19.54 -19.56 11.45
CA THR L 116 19.61 -19.14 10.04
C THR L 116 18.85 -17.85 9.75
N THR L 117 19.08 -17.26 8.56
CA THR L 117 18.39 -16.05 8.14
C THR L 117 17.47 -16.21 6.94
N GLU L 118 17.44 -17.38 6.33
CA GLU L 118 16.56 -17.59 5.22
C GLU L 118 15.15 -17.44 5.73
N LEU L 119 14.27 -16.82 4.95
CA LEU L 119 12.91 -16.74 5.43
C LEU L 119 12.24 -18.09 5.26
N ARG L 120 12.66 -18.81 4.21
CA ARG L 120 12.10 -20.11 3.94
C ARG L 120 13.23 -21.06 3.62
N THR L 121 13.29 -22.19 4.32
CA THR L 121 14.35 -23.14 4.07
C THR L 121 13.86 -24.37 3.34
N PHE L 122 14.45 -24.57 2.17
CA PHE L 122 14.15 -25.68 1.28
C PHE L 122 15.35 -26.59 1.12
N SER L 123 16.45 -26.22 1.74
CA SER L 123 17.74 -26.88 1.57
C SER L 123 18.23 -27.86 2.62
N ILE L 124 17.41 -28.26 3.58
CA ILE L 124 17.92 -29.15 4.61
C ILE L 124 18.38 -30.48 4.03
N LEU L 125 17.59 -31.04 3.13
CA LEU L 125 17.97 -32.32 2.58
C LEU L 125 19.12 -32.22 1.59
N ASN L 126 19.33 -31.08 0.94
CA ASN L 126 20.46 -31.02 0.03
C ASN L 126 21.73 -31.02 0.86
N ARG L 127 21.69 -30.37 2.01
CA ARG L 127 22.85 -30.36 2.88
C ARG L 127 23.12 -31.77 3.36
N LYS L 128 22.07 -32.54 3.63
CA LYS L 128 22.31 -33.89 4.09
C LYS L 128 22.98 -34.72 3.02
N ALA L 129 22.58 -34.58 1.77
CA ALA L 129 23.23 -35.35 0.72
C ALA L 129 24.70 -34.97 0.62
N ILE L 130 25.01 -33.69 0.77
CA ILE L 130 26.41 -33.29 0.68
C ILE L 130 27.21 -33.85 1.83
N ASP L 131 26.71 -33.79 3.07
CA ASP L 131 27.47 -34.34 4.18
C ASP L 131 27.65 -35.82 4.02
N PHE L 132 26.63 -36.51 3.52
CA PHE L 132 26.76 -37.94 3.34
C PHE L 132 27.96 -38.22 2.47
N LEU L 133 28.06 -37.52 1.34
CA LEU L 133 29.18 -37.75 0.47
C LEU L 133 30.51 -37.35 1.10
N LEU L 134 30.58 -36.23 1.82
CA LEU L 134 31.86 -35.81 2.41
C LEU L 134 32.40 -36.78 3.44
N GLN L 135 31.51 -37.43 4.18
CA GLN L 135 31.91 -38.39 5.20
C GLN L 135 32.51 -39.65 4.63
N ARG L 136 32.23 -39.95 3.38
CA ARG L 136 32.65 -41.20 2.80
C ARG L 136 33.80 -40.95 1.84
N TRP L 137 33.72 -39.85 1.12
CA TRP L 137 34.69 -39.42 0.14
C TRP L 137 35.02 -37.94 0.33
N GLY L 138 35.78 -37.60 1.40
CA GLY L 138 36.10 -36.24 1.81
C GLY L 138 37.51 -35.87 1.35
#